data_2G4B
# 
_entry.id   2G4B 
# 
_audit_conform.dict_name       mmcif_pdbx.dic 
_audit_conform.dict_version    5.377 
_audit_conform.dict_location   http://mmcif.pdb.org/dictionaries/ascii/mmcif_pdbx.dic 
# 
loop_
_database_2.database_id 
_database_2.database_code 
_database_2.pdbx_database_accession 
_database_2.pdbx_DOI 
PDB   2G4B         pdb_00002g4b 10.2210/pdb2g4b/pdb 
NDB   PR0195       ?            ?                   
RCSB  RCSB036670   ?            ?                   
WWPDB D_1000036670 ?            ?                   
# 
_pdbx_database_related.db_name        PDB 
_pdbx_database_related.db_id          2FZR 
_pdbx_database_related.details        'unliganded U2AF65 RRM1' 
_pdbx_database_related.content_type   unspecified 
# 
_pdbx_database_status.status_code                     REL 
_pdbx_database_status.entry_id                        2G4B 
_pdbx_database_status.recvd_initial_deposition_date   2006-02-21 
_pdbx_database_status.deposit_site                    RCSB 
_pdbx_database_status.process_site                    RCSB 
_pdbx_database_status.status_code_sf                  REL 
_pdbx_database_status.status_code_mr                  ? 
_pdbx_database_status.SG_entry                        ? 
_pdbx_database_status.pdb_format_compatible           Y 
_pdbx_database_status.status_code_cs                  ? 
_pdbx_database_status.methods_development_category    ? 
_pdbx_database_status.status_code_nmr_data            ? 
# 
loop_
_audit_author.name 
_audit_author.pdbx_ordinal 
'Sickmier, E.A.' 1 
'Kielkopf, C.L.' 2 
# 
loop_
_citation.id 
_citation.title 
_citation.journal_abbrev 
_citation.journal_volume 
_citation.page_first 
_citation.page_last 
_citation.year 
_citation.journal_id_ASTM 
_citation.country 
_citation.journal_id_ISSN 
_citation.journal_id_CSD 
_citation.book_publisher 
_citation.pdbx_database_id_PubMed 
_citation.pdbx_database_id_DOI 
primary 
;Structural basis of polypyrimidine tract recognition  
by the essential splicing factor U2AF65.
;
Mol.Cell                   23 49  59  2006 MOCEFL US 1097-2765 2168 ? 16818232 10.1016/j.molcel.2006.05.025 
1       
;Crystallization and preliminary X-ray analysis of a U2AF65 variant in complex with a polypyrimidine-tract analogue by use of protein engineering.
;
'Acta Crystallogr.,Sect.F' 62 457 459 2006 ?      DK 1744-3091 ?    ? 16682775 10.1107/S1744309106012504    
# 
loop_
_citation_author.citation_id 
_citation_author.name 
_citation_author.ordinal 
_citation_author.identifier_ORCID 
primary 'Sickmier, E.A.'    1 ? 
primary 'Frato, K.E.'       2 ? 
primary 'Paranawithana, S.' 3 ? 
primary 'Shen, H.'          4 ? 
primary 'Green, M.R.'       5 ? 
primary 'Kielkopf, C.L.'    6 ? 
1       'Sickmier, E.A.'    7 ? 
1       'Frato, K.E.'       8 ? 
1       'Kielkopf, C.L.'    9 ? 
# 
_cell.entry_id           2G4B 
_cell.length_a           129.388 
_cell.length_b           129.388 
_cell.length_c           62.645 
_cell.angle_alpha        90.00 
_cell.angle_beta         90.00 
_cell.angle_gamma        120.00 
_cell.Z_PDB              12 
_cell.pdbx_unique_axis   ? 
_cell.length_a_esd       ? 
_cell.length_b_esd       ? 
_cell.length_c_esd       ? 
_cell.angle_alpha_esd    ? 
_cell.angle_beta_esd     ? 
_cell.angle_gamma_esd    ? 
# 
_symmetry.entry_id                         2G4B 
_symmetry.space_group_name_H-M             'P 65 2 2' 
_symmetry.pdbx_full_space_group_name_H-M   ? 
_symmetry.cell_setting                     ? 
_symmetry.Int_Tables_number                179 
_symmetry.space_group_name_Hall            ? 
# 
loop_
_entity.id 
_entity.type 
_entity.src_method 
_entity.pdbx_description 
_entity.formula_weight 
_entity.pdbx_number_of_molecules 
_entity.pdbx_ec 
_entity.pdbx_mutation 
_entity.pdbx_fragment 
_entity.details 
1 polymer     syn "5'-R(P*UP*UP*UP*UP*UP*UP*U)-3'"      2098.203  1  ? ?                              ?                    
'polypyrimidine tract' 
2 polymer     man 'Splicing factor U2AF 65 kDa subunit' 18921.586 1  ? 'deletion of residues 238-258' 'RNA binding domain' ? 
3 non-polymer syn '1,4-DIETHYLENE DIOXIDE'              88.105    1  ? ?                              ?                    ? 
4 water       nat water                                 18.015    30 ? ?                              ?                    ? 
# 
_entity_name_com.entity_id   2 
_entity_name_com.name        'U2 auxiliary factor 65 kDa subunit, U2 snRNP auxiliary factor large subunit, hU2AF65' 
# 
loop_
_entity_poly.entity_id 
_entity_poly.type 
_entity_poly.nstd_linkage 
_entity_poly.nstd_monomer 
_entity_poly.pdbx_seq_one_letter_code 
_entity_poly.pdbx_seq_one_letter_code_can 
_entity_poly.pdbx_strand_id 
_entity_poly.pdbx_target_identifier 
1 polyribonucleotide no no UUUUUUU UUUUUUU B ? 
2 'polypeptide(L)'   no no 
;LGSARRLYVGNIPFGITEEAMMDFFNAQMRLGGLTQAPGNPVLAVQINQDKNFAFLEFRSVDETTQAMAFDGIIFQGQSL
KIRRPHDYQPLPGAHKLFIGGLPNYLNDDQVKELLTSFGPLKAFNLVKDSATGLSKGYAFCEYVDINVTDQAIAGLNGMQ
LGDKKLLVQRAS
;
;LGSARRLYVGNIPFGITEEAMMDFFNAQMRLGGLTQAPGNPVLAVQINQDKNFAFLEFRSVDETTQAMAFDGIIFQGQSL
KIRRPHDYQPLPGAHKLFIGGLPNYLNDDQVKELLTSFGPLKAFNLVKDSATGLSKGYAFCEYVDINVTDQAIAGLNGMQ
LGDKKLLVQRAS
;
A ? 
# 
loop_
_entity_poly_seq.entity_id 
_entity_poly_seq.num 
_entity_poly_seq.mon_id 
_entity_poly_seq.hetero 
1 1   U   n 
1 2   U   n 
1 3   U   n 
1 4   U   n 
1 5   U   n 
1 6   U   n 
1 7   U   n 
2 1   LEU n 
2 2   GLY n 
2 3   SER n 
2 4   ALA n 
2 5   ARG n 
2 6   ARG n 
2 7   LEU n 
2 8   TYR n 
2 9   VAL n 
2 10  GLY n 
2 11  ASN n 
2 12  ILE n 
2 13  PRO n 
2 14  PHE n 
2 15  GLY n 
2 16  ILE n 
2 17  THR n 
2 18  GLU n 
2 19  GLU n 
2 20  ALA n 
2 21  MET n 
2 22  MET n 
2 23  ASP n 
2 24  PHE n 
2 25  PHE n 
2 26  ASN n 
2 27  ALA n 
2 28  GLN n 
2 29  MET n 
2 30  ARG n 
2 31  LEU n 
2 32  GLY n 
2 33  GLY n 
2 34  LEU n 
2 35  THR n 
2 36  GLN n 
2 37  ALA n 
2 38  PRO n 
2 39  GLY n 
2 40  ASN n 
2 41  PRO n 
2 42  VAL n 
2 43  LEU n 
2 44  ALA n 
2 45  VAL n 
2 46  GLN n 
2 47  ILE n 
2 48  ASN n 
2 49  GLN n 
2 50  ASP n 
2 51  LYS n 
2 52  ASN n 
2 53  PHE n 
2 54  ALA n 
2 55  PHE n 
2 56  LEU n 
2 57  GLU n 
2 58  PHE n 
2 59  ARG n 
2 60  SER n 
2 61  VAL n 
2 62  ASP n 
2 63  GLU n 
2 64  THR n 
2 65  THR n 
2 66  GLN n 
2 67  ALA n 
2 68  MET n 
2 69  ALA n 
2 70  PHE n 
2 71  ASP n 
2 72  GLY n 
2 73  ILE n 
2 74  ILE n 
2 75  PHE n 
2 76  GLN n 
2 77  GLY n 
2 78  GLN n 
2 79  SER n 
2 80  LEU n 
2 81  LYS n 
2 82  ILE n 
2 83  ARG n 
2 84  ARG n 
2 85  PRO n 
2 86  HIS n 
2 87  ASP n 
2 88  TYR n 
2 89  GLN n 
2 90  PRO n 
2 91  LEU n 
2 92  PRO n 
2 93  GLY n 
2 94  ALA n 
2 95  HIS n 
2 96  LYS n 
2 97  LEU n 
2 98  PHE n 
2 99  ILE n 
2 100 GLY n 
2 101 GLY n 
2 102 LEU n 
2 103 PRO n 
2 104 ASN n 
2 105 TYR n 
2 106 LEU n 
2 107 ASN n 
2 108 ASP n 
2 109 ASP n 
2 110 GLN n 
2 111 VAL n 
2 112 LYS n 
2 113 GLU n 
2 114 LEU n 
2 115 LEU n 
2 116 THR n 
2 117 SER n 
2 118 PHE n 
2 119 GLY n 
2 120 PRO n 
2 121 LEU n 
2 122 LYS n 
2 123 ALA n 
2 124 PHE n 
2 125 ASN n 
2 126 LEU n 
2 127 VAL n 
2 128 LYS n 
2 129 ASP n 
2 130 SER n 
2 131 ALA n 
2 132 THR n 
2 133 GLY n 
2 134 LEU n 
2 135 SER n 
2 136 LYS n 
2 137 GLY n 
2 138 TYR n 
2 139 ALA n 
2 140 PHE n 
2 141 CYS n 
2 142 GLU n 
2 143 TYR n 
2 144 VAL n 
2 145 ASP n 
2 146 ILE n 
2 147 ASN n 
2 148 VAL n 
2 149 THR n 
2 150 ASP n 
2 151 GLN n 
2 152 ALA n 
2 153 ILE n 
2 154 ALA n 
2 155 GLY n 
2 156 LEU n 
2 157 ASN n 
2 158 GLY n 
2 159 MET n 
2 160 GLN n 
2 161 LEU n 
2 162 GLY n 
2 163 ASP n 
2 164 LYS n 
2 165 LYS n 
2 166 LEU n 
2 167 LEU n 
2 168 VAL n 
2 169 GLN n 
2 170 ARG n 
2 171 ALA n 
2 172 SER n 
# 
loop_
_entity_src_gen.entity_id 
_entity_src_gen.pdbx_src_id 
_entity_src_gen.pdbx_alt_source_flag 
_entity_src_gen.pdbx_seq_type 
_entity_src_gen.pdbx_beg_seq_num 
_entity_src_gen.pdbx_end_seq_num 
_entity_src_gen.gene_src_common_name 
_entity_src_gen.gene_src_genus 
_entity_src_gen.pdbx_gene_src_gene 
_entity_src_gen.gene_src_species 
_entity_src_gen.gene_src_strain 
_entity_src_gen.gene_src_tissue 
_entity_src_gen.gene_src_tissue_fraction 
_entity_src_gen.gene_src_details 
_entity_src_gen.pdbx_gene_src_fragment 
_entity_src_gen.pdbx_gene_src_scientific_name 
_entity_src_gen.pdbx_gene_src_ncbi_taxonomy_id 
_entity_src_gen.pdbx_gene_src_variant 
_entity_src_gen.pdbx_gene_src_cell_line 
_entity_src_gen.pdbx_gene_src_atcc 
_entity_src_gen.pdbx_gene_src_organ 
_entity_src_gen.pdbx_gene_src_organelle 
_entity_src_gen.pdbx_gene_src_cell 
_entity_src_gen.pdbx_gene_src_cellular_location 
_entity_src_gen.host_org_common_name 
_entity_src_gen.pdbx_host_org_scientific_name 
_entity_src_gen.pdbx_host_org_ncbi_taxonomy_id 
_entity_src_gen.host_org_genus 
_entity_src_gen.pdbx_host_org_gene 
_entity_src_gen.pdbx_host_org_organ 
_entity_src_gen.host_org_species 
_entity_src_gen.pdbx_host_org_tissue 
_entity_src_gen.pdbx_host_org_tissue_fraction 
_entity_src_gen.pdbx_host_org_strain 
_entity_src_gen.pdbx_host_org_variant 
_entity_src_gen.pdbx_host_org_cell_line 
_entity_src_gen.pdbx_host_org_atcc 
_entity_src_gen.pdbx_host_org_culture_collection 
_entity_src_gen.pdbx_host_org_cell 
_entity_src_gen.pdbx_host_org_organelle 
_entity_src_gen.pdbx_host_org_cellular_location 
_entity_src_gen.pdbx_host_org_vector_type 
_entity_src_gen.pdbx_host_org_vector 
_entity_src_gen.host_org_details 
_entity_src_gen.expression_system_id 
_entity_src_gen.plasmid_name 
_entity_src_gen.plasmid_details 
_entity_src_gen.pdbx_description 
2 1 sample ? 4  93  human Homo U2AF65 ? ? ? ? ? ? 'Homo sapiens' 9606 ? ? ? ? ? ? ? ? 'Escherichia coli BL21' 511693 Escherichia ? 
? 'Escherichia coli' ? ? BL21 ? ? ? ? ? ? ? plasmid ? ? ? pGEX-6p ? ? 
2 2 sample ? 94 172 human Homo U2AF65 ? ? ? ? ? ? 'Homo sapiens' 9606 ? ? ? ? ? ? ? ? 'Escherichia coli BL21' 511693 Escherichia ? 
? 'Escherichia coli' ? ? BL21 ? ? ? ? ? ? ? plasmid ? ? ? pGEX-6p ? ? 
# 
loop_
_struct_ref.id 
_struct_ref.db_name 
_struct_ref.db_code 
_struct_ref.pdbx_db_accession 
_struct_ref.entity_id 
_struct_ref.pdbx_seq_one_letter_code 
_struct_ref.pdbx_align_begin 
_struct_ref.pdbx_db_isoform 
1 UNP U2AF2_HUMAN P26368 2 
;ARRLYVGNIPFGITEEAMMDFFNAQMRLGGLTQAPGNPVLAVQINQDKNFAFLEFRSVDETTQAMAFDGIIFQGQSLKIR
RPHDYQPLPG
;
148 ? 
2 UNP U2AF2_HUMAN P26368 2 AHKLFIGGLPNYLNDDQVKELLTSFGPLKAFNLVKDSATGLSKGYAFCEYVDINVTDQAIAGLNGMQLGDKKLLVQRAS               258 ? 
3 PDB 2G4B        2G4B   1 ?                                                                                             ?   ? 
# 
loop_
_struct_ref_seq.align_id 
_struct_ref_seq.ref_id 
_struct_ref_seq.pdbx_PDB_id_code 
_struct_ref_seq.pdbx_strand_id 
_struct_ref_seq.seq_align_beg 
_struct_ref_seq.pdbx_seq_align_beg_ins_code 
_struct_ref_seq.seq_align_end 
_struct_ref_seq.pdbx_seq_align_end_ins_code 
_struct_ref_seq.pdbx_db_accession 
_struct_ref_seq.db_align_beg 
_struct_ref_seq.pdbx_db_align_beg_ins_code 
_struct_ref_seq.db_align_end 
_struct_ref_seq.pdbx_db_align_end_ins_code 
_struct_ref_seq.pdbx_auth_seq_align_beg 
_struct_ref_seq.pdbx_auth_seq_align_end 
1 1 2G4B A 4  ? 93  ? P26368 148 ? 237 ? 148 237 
2 2 2G4B A 94 ? 172 ? P26368 258 ? 336 ? 258 336 
3 3 2G4B B 1  ? 7   ? 2G4B   1   ? 7   ? 1   7   
# 
loop_
_chem_comp.id 
_chem_comp.type 
_chem_comp.mon_nstd_flag 
_chem_comp.name 
_chem_comp.pdbx_synonyms 
_chem_comp.formula 
_chem_comp.formula_weight 
ALA 'L-peptide linking' y ALANINE                    ? 'C3 H7 N O2'     89.093  
ARG 'L-peptide linking' y ARGININE                   ? 'C6 H15 N4 O2 1' 175.209 
ASN 'L-peptide linking' y ASPARAGINE                 ? 'C4 H8 N2 O3'    132.118 
ASP 'L-peptide linking' y 'ASPARTIC ACID'            ? 'C4 H7 N O4'     133.103 
CYS 'L-peptide linking' y CYSTEINE                   ? 'C3 H7 N O2 S'   121.158 
DIO non-polymer         . '1,4-DIETHYLENE DIOXIDE'   ? 'C4 H8 O2'       88.105  
GLN 'L-peptide linking' y GLUTAMINE                  ? 'C5 H10 N2 O3'   146.144 
GLU 'L-peptide linking' y 'GLUTAMIC ACID'            ? 'C5 H9 N O4'     147.129 
GLY 'peptide linking'   y GLYCINE                    ? 'C2 H5 N O2'     75.067  
HIS 'L-peptide linking' y HISTIDINE                  ? 'C6 H10 N3 O2 1' 156.162 
HOH non-polymer         . WATER                      ? 'H2 O'           18.015  
ILE 'L-peptide linking' y ISOLEUCINE                 ? 'C6 H13 N O2'    131.173 
LEU 'L-peptide linking' y LEUCINE                    ? 'C6 H13 N O2'    131.173 
LYS 'L-peptide linking' y LYSINE                     ? 'C6 H15 N2 O2 1' 147.195 
MET 'L-peptide linking' y METHIONINE                 ? 'C5 H11 N O2 S'  149.211 
PHE 'L-peptide linking' y PHENYLALANINE              ? 'C9 H11 N O2'    165.189 
PRO 'L-peptide linking' y PROLINE                    ? 'C5 H9 N O2'     115.130 
SER 'L-peptide linking' y SERINE                     ? 'C3 H7 N O3'     105.093 
THR 'L-peptide linking' y THREONINE                  ? 'C4 H9 N O3'     119.119 
TYR 'L-peptide linking' y TYROSINE                   ? 'C9 H11 N O3'    181.189 
U   'RNA linking'       y "URIDINE-5'-MONOPHOSPHATE" ? 'C9 H13 N2 O9 P' 324.181 
VAL 'L-peptide linking' y VALINE                     ? 'C5 H11 N O2'    117.146 
# 
_exptl.entry_id          2G4B 
_exptl.method            'X-RAY DIFFRACTION' 
_exptl.crystals_number   1 
# 
_exptl_crystal.id                    1 
_exptl_crystal.density_meas          ? 
_exptl_crystal.density_Matthews      3.60 
_exptl_crystal.density_percent_sol   65.83 
_exptl_crystal.description           ? 
_exptl_crystal.F_000                 ? 
_exptl_crystal.preparation           ? 
# 
_exptl_crystal_grow.crystal_id      1 
_exptl_crystal_grow.method          'VAPOR DIFFUSION, HANGING DROP' 
_exptl_crystal_grow.temp            277 
_exptl_crystal_grow.temp_details    ? 
_exptl_crystal_grow.pH              6.5 
_exptl_crystal_grow.pdbx_details    
;.6 M ammonium sulfate, 100 mM 2-(N-morpholino) ethanesulfonic acid, sodium salt (MES) pH 6.5, 10% dioxane, 200 mM non-detergent sulfobetaine (NDSB) 195 , VAPOR DIFFUSION, HANGING DROP, temperature 277K
;
_exptl_crystal_grow.pdbx_pH_range   . 
# 
loop_
_exptl_crystal_grow_comp.crystal_id 
_exptl_crystal_grow_comp.id 
_exptl_crystal_grow_comp.sol_id 
_exptl_crystal_grow_comp.name 
_exptl_crystal_grow_comp.volume 
_exptl_crystal_grow_comp.conc 
_exptl_crystal_grow_comp.details 
1 1  1 'ammonium sulfate'                     ? ? ? 
1 2  1 '2-(N-morpholino) ethanesulfonic acid' ? ? ? 
1 3  1 MES                                    ? ? ? 
1 4  1 dioxane                                ? ? ? 
1 5  1 NDSB                                   ? ? ? 
1 6  1 H2O                                    ? ? ? 
1 7  2 'ammonium sulfate'                     ? ? ? 
1 8  2 '2-(N-morpholino) ethanesulfonic acid' ? ? ? 
1 9  2 MES                                    ? ? ? 
1 10 2 dioxane                                ? ? ? 
1 11 2 NDSB                                   ? ? ? 
# 
_diffrn.id                     1 
_diffrn.ambient_temp           100 
_diffrn.ambient_temp_details   ? 
_diffrn.crystal_id             1 
# 
_diffrn_detector.diffrn_id              1 
_diffrn_detector.detector               CCD 
_diffrn_detector.type                   'ADSC QUANTUM 4' 
_diffrn_detector.pdbx_collection_date   2005-04-06 
_diffrn_detector.details                ? 
# 
_diffrn_radiation.diffrn_id                        1 
_diffrn_radiation.wavelength_id                    1 
_diffrn_radiation.pdbx_monochromatic_or_laue_m_l   M 
_diffrn_radiation.monochromator                    'parabolic collimating mirror placed upstream of the monochromator' 
_diffrn_radiation.pdbx_diffrn_protocol             'SINGLE WAVELENGTH' 
_diffrn_radiation.pdbx_scattering_type             x-ray 
# 
_diffrn_radiation_wavelength.id           1 
_diffrn_radiation_wavelength.wavelength   1.0 
_diffrn_radiation_wavelength.wt           1.0 
# 
_diffrn_source.diffrn_id                   1 
_diffrn_source.source                      SYNCHROTRON 
_diffrn_source.type                        'NSLS BEAMLINE X8C' 
_diffrn_source.pdbx_synchrotron_site       NSLS 
_diffrn_source.pdbx_synchrotron_beamline   X8C 
_diffrn_source.pdbx_wavelength             ? 
_diffrn_source.pdbx_wavelength_list        1.0 
# 
_reflns.entry_id                     2G4B 
_reflns.observed_criterion_sigma_I   -1 
_reflns.observed_criterion_sigma_F   -1 
_reflns.d_resolution_low             20.0 
_reflns.d_resolution_high            2.5 
_reflns.number_obs                   11182 
_reflns.number_all                   11182 
_reflns.percent_possible_obs         99.7 
_reflns.pdbx_Rmerge_I_obs            ? 
_reflns.pdbx_Rsym_value              ? 
_reflns.pdbx_netI_over_sigmaI        ? 
_reflns.B_iso_Wilson_estimate        ? 
_reflns.pdbx_redundancy              ? 
_reflns.R_free_details               ? 
_reflns.pdbx_chi_squared             ? 
_reflns.pdbx_scaling_rejects         ? 
_reflns.limit_h_max                  ? 
_reflns.limit_h_min                  ? 
_reflns.limit_k_max                  ? 
_reflns.limit_k_min                  ? 
_reflns.limit_l_max                  ? 
_reflns.limit_l_min                  ? 
_reflns.observed_criterion_F_max     ? 
_reflns.observed_criterion_F_min     ? 
_reflns.pdbx_diffrn_id               1 
_reflns.pdbx_ordinal                 1 
# 
_reflns_shell.d_res_high             2.50 
_reflns_shell.d_res_low              2.59 
_reflns_shell.percent_possible_all   99.7 
_reflns_shell.Rmerge_I_obs           ? 
_reflns_shell.pdbx_Rsym_value        ? 
_reflns_shell.meanI_over_sigI_obs    ? 
_reflns_shell.pdbx_redundancy        ? 
_reflns_shell.percent_possible_obs   ? 
_reflns_shell.number_unique_all      ? 
_reflns_shell.number_measured_all    ? 
_reflns_shell.number_measured_obs    ? 
_reflns_shell.number_unique_obs      ? 
_reflns_shell.pdbx_chi_squared       ? 
_reflns_shell.pdbx_diffrn_id         ? 
_reflns_shell.pdbx_ordinal           1 
# 
_refine.entry_id                                 2G4B 
_refine.ls_number_reflns_obs                     9684 
_refine.ls_number_reflns_all                     11137 
_refine.pdbx_ls_sigma_I                          ? 
_refine.pdbx_ls_sigma_F                          0 
_refine.pdbx_data_cutoff_high_absF               ? 
_refine.pdbx_data_cutoff_low_absF                ? 
_refine.pdbx_data_cutoff_high_rms_absF           ? 
_refine.ls_d_res_low                             20 
_refine.ls_d_res_high                            2.5 
_refine.ls_percent_reflns_obs                    ? 
_refine.ls_R_factor_obs                          0.262 
_refine.ls_R_factor_all                          0.306 
_refine.ls_R_factor_R_work                       0.261 
_refine.ls_R_factor_R_free                       0.276 
_refine.ls_R_factor_R_free_error                 ? 
_refine.ls_R_factor_R_free_error_details         ? 
_refine.ls_percent_reflns_R_free                 ? 
_refine.ls_number_reflns_R_free                  996 
_refine.ls_number_parameters                     ? 
_refine.ls_number_restraints                     ? 
_refine.occupancy_min                            ? 
_refine.occupancy_max                            ? 
_refine.correlation_coeff_Fo_to_Fc               ? 
_refine.correlation_coeff_Fo_to_Fc_free          ? 
_refine.B_iso_mean                               ? 
_refine.aniso_B[1][1]                            ? 
_refine.aniso_B[2][2]                            ? 
_refine.aniso_B[3][3]                            ? 
_refine.aniso_B[1][2]                            ? 
_refine.aniso_B[1][3]                            ? 
_refine.aniso_B[2][3]                            ? 
_refine.solvent_model_details                    ? 
_refine.solvent_model_param_ksol                 ? 
_refine.solvent_model_param_bsol                 ? 
_refine.pdbx_solvent_vdw_probe_radii             ? 
_refine.pdbx_solvent_ion_probe_radii             ? 
_refine.pdbx_solvent_shrinkage_radii             ? 
_refine.pdbx_ls_cross_valid_method               ? 
_refine.details                                  ? 
_refine.pdbx_starting_model                      'PDB Entry: 2FZR' 
_refine.pdbx_method_to_determine_struct          'MOLECULAR REPLACEMENT' 
_refine.pdbx_isotropic_thermal_model             ? 
_refine.pdbx_stereochemistry_target_values       'Engh & Huber' 
_refine.pdbx_stereochem_target_val_spec_case     ? 
_refine.pdbx_R_Free_selection_details            random 
_refine.pdbx_overall_ESU_R                       ? 
_refine.pdbx_overall_ESU_R_Free                  ? 
_refine.overall_SU_ML                            ? 
_refine.overall_SU_B                             ? 
_refine.ls_redundancy_reflns_obs                 ? 
_refine.overall_SU_R_Cruickshank_DPI             ? 
_refine.overall_SU_R_free                        ? 
_refine.ls_wR_factor_R_free                      ? 
_refine.ls_wR_factor_R_work                      ? 
_refine.overall_FOM_free_R_set                   ? 
_refine.overall_FOM_work_R_set                   ? 
_refine.B_iso_min                                ? 
_refine.B_iso_max                                ? 
_refine.pdbx_refine_id                           'X-RAY DIFFRACTION' 
_refine.pdbx_diffrn_id                           1 
_refine.pdbx_TLS_residual_ADP_flag               ? 
_refine.pdbx_overall_phase_error                 ? 
_refine.pdbx_overall_SU_R_free_Cruickshank_DPI   ? 
_refine.pdbx_overall_SU_R_Blow_DPI               ? 
_refine.pdbx_overall_SU_R_free_Blow_DPI          ? 
# 
_refine_hist.pdbx_refine_id                   'X-RAY DIFFRACTION' 
_refine_hist.cycle_id                         LAST 
_refine_hist.pdbx_number_atoms_protein        1342 
_refine_hist.pdbx_number_atoms_nucleic_acid   141 
_refine_hist.pdbx_number_atoms_ligand         6 
_refine_hist.number_atoms_solvent             30 
_refine_hist.number_atoms_total               1519 
_refine_hist.d_res_high                       2.5 
_refine_hist.d_res_low                        20 
# 
loop_
_refine_ls_restr.type 
_refine_ls_restr.dev_ideal 
_refine_ls_restr.dev_ideal_target 
_refine_ls_restr.weight 
_refine_ls_restr.number 
_refine_ls_restr.pdbx_refine_id 
_refine_ls_restr.pdbx_restraint_function 
c_bond_d    0.007   ? ? ? 'X-RAY DIFFRACTION' ? 
c_angle_deg 1.51032 ? ? ? 'X-RAY DIFFRACTION' ? 
# 
_struct.entry_id                  2G4B 
_struct.title                     'Structure of U2AF65 variant with polyuridine tract' 
_struct.pdbx_model_details        ? 
_struct.pdbx_CASP_flag            ? 
_struct.pdbx_model_type_details   ? 
# 
_struct_keywords.entry_id        2G4B 
_struct_keywords.pdbx_keywords   'RNA Binding Protein/RNA' 
_struct_keywords.text            'protein-RNA complex, RNA splicing factor, RNA recognition motif, RNA Binding Protein-RNA COMPLEX' 
# 
loop_
_struct_asym.id 
_struct_asym.pdbx_blank_PDB_chainid_flag 
_struct_asym.pdbx_modified 
_struct_asym.entity_id 
_struct_asym.details 
A N N 1 ? 
B N N 2 ? 
C N N 3 ? 
D N N 4 ? 
E N N 4 ? 
# 
_struct_biol.id                    1 
_struct_biol.details               
;The second part of the biological assembly is generated by the following six-fold axis:   
MATRIX 
     0.5001393     0.8659449     0.0003453 
    -0.8659446     0.5001394    -0.0007568 
    -0.0008280     0.0000795     0.9999996 
 TRANSLATION 
   129.3170471    -0.0240173   -10.3325310
;
_struct_biol.pdbx_parent_biol_id   ? 
# 
loop_
_struct_conf.conf_type_id 
_struct_conf.id 
_struct_conf.pdbx_PDB_helix_id 
_struct_conf.beg_label_comp_id 
_struct_conf.beg_label_asym_id 
_struct_conf.beg_label_seq_id 
_struct_conf.pdbx_beg_PDB_ins_code 
_struct_conf.end_label_comp_id 
_struct_conf.end_label_asym_id 
_struct_conf.end_label_seq_id 
_struct_conf.pdbx_end_PDB_ins_code 
_struct_conf.beg_auth_comp_id 
_struct_conf.beg_auth_asym_id 
_struct_conf.beg_auth_seq_id 
_struct_conf.end_auth_comp_id 
_struct_conf.end_auth_asym_id 
_struct_conf.end_auth_seq_id 
_struct_conf.pdbx_PDB_helix_class 
_struct_conf.details 
_struct_conf.pdbx_PDB_helix_length 
HELX_P HELX_P1 1 GLY B 2   ? ALA B 4   ? GLY A 146 ALA A 148 5 ? 3  
HELX_P HELX_P2 2 THR B 17  ? GLY B 32  ? THR A 161 GLY A 176 1 ? 16 
HELX_P HELX_P3 3 SER B 60  ? MET B 68  ? SER A 204 MET A 212 1 ? 9  
HELX_P HELX_P4 4 ALA B 69  ? ASP B 71  ? ALA A 213 ASP A 215 5 ? 3  
HELX_P HELX_P5 5 ASN B 107 ? SER B 117 ? ASN A 271 SER A 281 1 ? 11 
HELX_P HELX_P6 6 ASN B 147 ? ASN B 157 ? ASN A 311 ASN A 321 1 ? 11 
# 
_struct_conf_type.id          HELX_P 
_struct_conf_type.criteria    ? 
_struct_conf_type.reference   ? 
# 
loop_
_struct_sheet.id 
_struct_sheet.type 
_struct_sheet.number_strands 
_struct_sheet.details 
A ? 4 ? 
B ? 2 ? 
C ? 4 ? 
D ? 2 ? 
# 
loop_
_struct_sheet_order.sheet_id 
_struct_sheet_order.range_id_1 
_struct_sheet_order.range_id_2 
_struct_sheet_order.offset 
_struct_sheet_order.sense 
A 1 2 ? anti-parallel 
A 2 3 ? anti-parallel 
A 3 4 ? anti-parallel 
B 1 2 ? anti-parallel 
C 1 2 ? anti-parallel 
C 2 3 ? anti-parallel 
C 3 4 ? anti-parallel 
D 1 2 ? anti-parallel 
# 
loop_
_struct_sheet_range.sheet_id 
_struct_sheet_range.id 
_struct_sheet_range.beg_label_comp_id 
_struct_sheet_range.beg_label_asym_id 
_struct_sheet_range.beg_label_seq_id 
_struct_sheet_range.pdbx_beg_PDB_ins_code 
_struct_sheet_range.end_label_comp_id 
_struct_sheet_range.end_label_asym_id 
_struct_sheet_range.end_label_seq_id 
_struct_sheet_range.pdbx_end_PDB_ins_code 
_struct_sheet_range.beg_auth_comp_id 
_struct_sheet_range.beg_auth_asym_id 
_struct_sheet_range.beg_auth_seq_id 
_struct_sheet_range.end_auth_comp_id 
_struct_sheet_range.end_auth_asym_id 
_struct_sheet_range.end_auth_seq_id 
A 1 VAL B 42  ? ASN B 48  ? VAL A 186 ASN A 192 
A 2 PHE B 53  ? PHE B 58  ? PHE A 197 PHE A 202 
A 3 ARG B 6   ? GLY B 10  ? ARG A 150 GLY A 154 
A 4 LYS B 81  ? ARG B 83  ? LYS A 225 ARG A 227 
B 1 ILE B 74  ? PHE B 75  ? ILE A 218 PHE A 219 
B 2 GLN B 78  ? SER B 79  ? GLN A 222 SER A 223 
C 1 LEU B 121 ? LYS B 128 ? LEU A 285 LYS A 292 
C 2 SER B 135 ? TYR B 143 ? SER A 299 TYR A 307 
C 3 LEU B 97  ? GLY B 100 ? LEU A 261 GLY A 264 
C 4 LEU B 167 ? ARG B 170 ? LEU A 331 ARG A 334 
D 1 GLN B 160 ? LEU B 161 ? GLN A 324 LEU A 325 
D 2 LYS B 164 ? LYS B 165 ? LYS A 328 LYS A 329 
# 
loop_
_pdbx_struct_sheet_hbond.sheet_id 
_pdbx_struct_sheet_hbond.range_id_1 
_pdbx_struct_sheet_hbond.range_id_2 
_pdbx_struct_sheet_hbond.range_1_label_atom_id 
_pdbx_struct_sheet_hbond.range_1_label_comp_id 
_pdbx_struct_sheet_hbond.range_1_label_asym_id 
_pdbx_struct_sheet_hbond.range_1_label_seq_id 
_pdbx_struct_sheet_hbond.range_1_PDB_ins_code 
_pdbx_struct_sheet_hbond.range_1_auth_atom_id 
_pdbx_struct_sheet_hbond.range_1_auth_comp_id 
_pdbx_struct_sheet_hbond.range_1_auth_asym_id 
_pdbx_struct_sheet_hbond.range_1_auth_seq_id 
_pdbx_struct_sheet_hbond.range_2_label_atom_id 
_pdbx_struct_sheet_hbond.range_2_label_comp_id 
_pdbx_struct_sheet_hbond.range_2_label_asym_id 
_pdbx_struct_sheet_hbond.range_2_label_seq_id 
_pdbx_struct_sheet_hbond.range_2_PDB_ins_code 
_pdbx_struct_sheet_hbond.range_2_auth_atom_id 
_pdbx_struct_sheet_hbond.range_2_auth_comp_id 
_pdbx_struct_sheet_hbond.range_2_auth_asym_id 
_pdbx_struct_sheet_hbond.range_2_auth_seq_id 
A 1 2 N ASN B 48  ? N ASN A 192 O PHE B 53  ? O PHE A 197 
A 2 3 O ALA B 54  ? O ALA A 198 N VAL B 9   ? N VAL A 153 
A 3 4 N TYR B 8   ? N TYR A 152 O ARG B 83  ? O ARG A 227 
B 1 2 N PHE B 75  ? N PHE A 219 O GLN B 78  ? O GLN A 222 
C 1 2 N LYS B 122 ? N LYS A 286 O GLU B 142 ? O GLU A 306 
C 2 3 O ALA B 139 ? O ALA A 303 N ILE B 99  ? N ILE A 263 
C 3 4 N PHE B 98  ? N PHE A 262 O GLN B 169 ? O GLN A 333 
D 1 2 N LEU B 161 ? N LEU A 325 O LYS B 164 ? O LYS A 328 
# 
_struct_site.id                   AC1 
_struct_site.pdbx_evidence_code   Software 
_struct_site.pdbx_auth_asym_id    A 
_struct_site.pdbx_auth_comp_id    DIO 
_struct_site.pdbx_auth_seq_id     41 
_struct_site.pdbx_auth_ins_code   ? 
_struct_site.pdbx_num_residues    3 
_struct_site.details              'BINDING SITE FOR RESIDUE DIO A 41' 
# 
loop_
_struct_site_gen.id 
_struct_site_gen.site_id 
_struct_site_gen.pdbx_num_res 
_struct_site_gen.label_comp_id 
_struct_site_gen.label_asym_id 
_struct_site_gen.label_seq_id 
_struct_site_gen.pdbx_auth_ins_code 
_struct_site_gen.auth_comp_id 
_struct_site_gen.auth_asym_id 
_struct_site_gen.auth_seq_id 
_struct_site_gen.label_atom_id 
_struct_site_gen.label_alt_id 
_struct_site_gen.symmetry 
_struct_site_gen.details 
1 AC1 3 LYS B 81 ? LYS A 225 . ? 1_555 ? 
2 AC1 3 ARG B 83 ? ARG A 227 . ? 1_555 ? 
3 AC1 3 HOH D .  ? HOH B 28  . ? 1_555 ? 
# 
_atom_sites.entry_id                    2G4B 
_atom_sites.fract_transf_matrix[1][1]   -0.00079134 
_atom_sites.fract_transf_matrix[1][2]   0.00549852 
_atom_sites.fract_transf_matrix[1][3]   0.00698476 
_atom_sites.fract_transf_matrix[2][1]   -0.00665833 
_atom_sites.fract_transf_matrix[2][2]   0.00593543 
_atom_sites.fract_transf_matrix[2][3]   0.00027400 
_atom_sites.fract_transf_matrix[3][1]   -0.00924612 
_atom_sites.fract_transf_matrix[3][2]   -0.01071320 
_atom_sites.fract_transf_matrix[3][3]   0.00738608 
_atom_sites.fract_transf_vector[1]      1.127742 
_atom_sites.fract_transf_vector[2]      1.344833 
_atom_sites.fract_transf_vector[3]      -1.046865 
# 
loop_
_atom_type.symbol 
C 
N 
O 
P 
S 
# 
loop_
_atom_site.group_PDB 
_atom_site.id 
_atom_site.type_symbol 
_atom_site.label_atom_id 
_atom_site.label_alt_id 
_atom_site.label_comp_id 
_atom_site.label_asym_id 
_atom_site.label_entity_id 
_atom_site.label_seq_id 
_atom_site.pdbx_PDB_ins_code 
_atom_site.Cartn_x 
_atom_site.Cartn_y 
_atom_site.Cartn_z 
_atom_site.occupancy 
_atom_site.B_iso_or_equiv 
_atom_site.pdbx_formal_charge 
_atom_site.auth_seq_id 
_atom_site.auth_comp_id 
_atom_site.auth_asym_id 
_atom_site.auth_atom_id 
_atom_site.pdbx_PDB_model_num 
ATOM   1    O OP3   . U   A 1 1   ? -14.264 -5.004  -29.307 1.00 98.97 ? 1   U   B OP3   1 
ATOM   2    P P     . U   A 1 1   ? -14.055 -3.535  -28.950 1.00 99.73 ? 1   U   B P     1 
ATOM   3    O OP1   . U   A 1 1   ? -13.236 -2.786  -29.998 1.00 99.73 ? 1   U   B OP1   1 
ATOM   4    O OP2   . U   A 1 1   ? -15.347 -2.806  -28.596 1.00 99.73 ? 1   U   B OP2   1 
ATOM   5    O "O5'" . U   A 1 1   ? -13.166 -3.535  -27.578 1.00 99.73 ? 1   U   B "O5'" 1 
ATOM   6    C "C5'" . U   A 1 1   ? -12.869 -2.303  -26.892 1.00 99.37 ? 1   U   B "C5'" 1 
ATOM   7    C "C4'" . U   A 1 1   ? -11.536 -2.392  -26.178 1.00 99.16 ? 1   U   B "C4'" 1 
ATOM   8    O "O4'" . U   A 1 1   ? -11.720 -3.026  -24.883 1.00 99.73 ? 1   U   B "O4'" 1 
ATOM   9    C "C3'" . U   A 1 1   ? -10.516 -3.255  -26.901 1.00 98.28 ? 1   U   B "C3'" 1 
ATOM   10   O "O3'" . U   A 1 1   ? -9.386  -2.609  -27.498 1.00 98.74 ? 1   U   B "O3'" 1 
ATOM   11   C "C2'" . U   A 1 1   ? -10.540 -4.635  -26.240 1.00 98.36 ? 1   U   B "C2'" 1 
ATOM   12   O "O2'" . U   A 1 1   ? -9.277  -5.241  -26.060 1.00 97.38 ? 1   U   B "O2'" 1 
ATOM   13   C "C1'" . U   A 1 1   ? -11.117 -4.309  -24.859 1.00 99.07 ? 1   U   B "C1'" 1 
ATOM   14   N N1    . U   A 1 1   ? -12.069 -5.277  -24.296 1.00 99.44 ? 1   U   B N1    1 
ATOM   15   C C2    . U   A 1 1   ? -11.775 -5.793  -23.042 1.00 99.73 ? 1   U   B C2    1 
ATOM   16   O O2    . U   A 1 1   ? -10.780 -5.473  -22.411 1.00 99.73 ? 1   U   B O2    1 
ATOM   17   N N3    . U   A 1 1   ? -12.687 -6.693  -22.552 1.00 99.65 ? 1   U   B N3    1 
ATOM   18   C C4    . U   A 1 1   ? -13.841 -7.123  -23.170 1.00 99.73 ? 1   U   B C4    1 
ATOM   19   O O4    . U   A 1 1   ? -14.563 -7.941  -22.593 1.00 99.73 ? 1   U   B O4    1 
ATOM   20   C C5    . U   A 1 1   ? -14.078 -6.547  -24.464 1.00 99.73 ? 1   U   B C5    1 
ATOM   21   C C6    . U   A 1 1   ? -13.205 -5.664  -24.970 1.00 99.52 ? 1   U   B C6    1 
ATOM   22   P P     . U   A 1 2   ? -7.953  -2.582  -26.747 1.00 98.43 ? 2   U   B P     1 
ATOM   23   O OP1   . U   A 1 2   ? -8.005  -3.277  -25.432 1.00 97.35 ? 2   U   B OP1   1 
ATOM   24   O OP2   . U   A 1 2   ? -7.447  -1.182  -26.812 1.00 98.96 ? 2   U   B OP2   1 
ATOM   25   O "O5'" . U   A 1 2   ? -7.015  -3.420  -27.715 1.00 95.41 ? 2   U   B "O5'" 1 
ATOM   26   C "C5'" . U   A 1 2   ? -5.661  -3.050  -27.896 1.00 90.91 ? 2   U   B "C5'" 1 
ATOM   27   C "C4'" . U   A 1 2   ? -4.889  -4.212  -28.442 1.00 86.07 ? 2   U   B "C4'" 1 
ATOM   28   O "O4'" . U   A 1 2   ? -5.491  -4.611  -29.693 1.00 86.65 ? 2   U   B "O4'" 1 
ATOM   29   C "C3'" . U   A 1 2   ? -3.455  -3.829  -28.758 1.00 83.86 ? 2   U   B "C3'" 1 
ATOM   30   O "O3'" . U   A 1 2   ? -2.535  -4.784  -28.255 1.00 78.69 ? 2   U   B "O3'" 1 
ATOM   31   C "C2'" . U   A 1 2   ? -3.412  -3.538  -30.255 1.00 85.42 ? 2   U   B "C2'" 1 
ATOM   32   O "O2'" . U   A 1 2   ? -2.278  -4.119  -30.869 1.00 88.58 ? 2   U   B "O2'" 1 
ATOM   33   C "C1'" . U   A 1 2   ? -4.632  -4.308  -30.768 1.00 85.90 ? 2   U   B "C1'" 1 
ATOM   34   N N1    . U   A 1 2   ? -5.406  -3.668  -31.837 1.00 86.02 ? 2   U   B N1    1 
ATOM   35   C C2    . U   A 1 2   ? -5.137  -4.073  -33.132 1.00 86.90 ? 2   U   B C2    1 
ATOM   36   O O2    . U   A 1 2   ? -4.298  -4.916  -33.400 1.00 87.74 ? 2   U   B O2    1 
ATOM   37   N N3    . U   A 1 2   ? -5.885  -3.457  -34.101 1.00 87.73 ? 2   U   B N3    1 
ATOM   38   C C4    . U   A 1 2   ? -6.853  -2.495  -33.912 1.00 87.80 ? 2   U   B C4    1 
ATOM   39   O O4    . U   A 1 2   ? -7.434  -2.024  -34.892 1.00 88.76 ? 2   U   B O4    1 
ATOM   40   C C5    . U   A 1 2   ? -7.073  -2.128  -32.542 1.00 86.96 ? 2   U   B C5    1 
ATOM   41   C C6    . U   A 1 2   ? -6.359  -2.713  -31.576 1.00 86.17 ? 2   U   B C6    1 
ATOM   42   P P     . U   A 1 3   ? -1.274  -4.323  -27.390 1.00 71.90 ? 3   U   B P     1 
ATOM   43   O OP1   . U   A 1 3   ? -1.752  -3.526  -26.230 1.00 72.74 ? 3   U   B OP1   1 
ATOM   44   O OP2   . U   A 1 3   ? -0.280  -3.744  -28.327 1.00 72.36 ? 3   U   B OP2   1 
ATOM   45   O "O5'" . U   A 1 3   ? -0.740  -5.715  -26.845 1.00 69.85 ? 3   U   B "O5'" 1 
ATOM   46   C "C5'" . U   A 1 3   ? -1.660  -6.739  -26.507 1.00 65.01 ? 3   U   B "C5'" 1 
ATOM   47   C "C4'" . U   A 1 3   ? -0.952  -7.877  -25.824 1.00 65.54 ? 3   U   B "C4'" 1 
ATOM   48   O "O4'" . U   A 1 3   ? -0.247  -8.673  -26.812 1.00 66.04 ? 3   U   B "O4'" 1 
ATOM   49   C "C3'" . U   A 1 3   ? 0.122   -7.410  -24.862 1.00 64.92 ? 3   U   B "C3'" 1 
ATOM   50   O "O3'" . U   A 1 3   ? -0.154  -7.081  -23.504 1.00 64.55 ? 3   U   B "O3'" 1 
ATOM   51   C "C2'" . U   A 1 3   ? 1.461   -7.481  -25.588 1.00 64.16 ? 3   U   B "C2'" 1 
ATOM   52   O "O2'" . U   A 1 3   ? 2.504   -7.964  -24.772 1.00 66.25 ? 3   U   B "O2'" 1 
ATOM   53   C "C1'" . U   A 1 3   ? 1.160   -8.510  -26.682 1.00 63.83 ? 3   U   B "C1'" 1 
ATOM   54   N N1    . U   A 1 3   ? 1.732   -8.283  -28.018 1.00 58.92 ? 3   U   B N1    1 
ATOM   55   C C2    . U   A 1 3   ? 2.787   -9.093  -28.415 1.00 55.22 ? 3   U   B C2    1 
ATOM   56   O O2    . U   A 1 3   ? 3.296   -9.925  -27.692 1.00 54.29 ? 3   U   B O2    1 
ATOM   57   N N3    . U   A 1 3   ? 3.223   -8.893  -29.697 1.00 52.82 ? 3   U   B N3    1 
ATOM   58   C C4    . U   A 1 3   ? 2.744   -7.982  -30.603 1.00 53.38 ? 3   U   B C4    1 
ATOM   59   O O4    . U   A 1 3   ? 3.216   -7.956  -31.745 1.00 54.71 ? 3   U   B O4    1 
ATOM   60   C C5    . U   A 1 3   ? 1.681   -7.158  -30.112 1.00 54.24 ? 3   U   B C5    1 
ATOM   61   C C6    . U   A 1 3   ? 1.226   -7.332  -28.863 1.00 57.06 ? 3   U   B C6    1 
ATOM   62   P P     . U   A 1 4   ? 0.039   -8.174  -22.350 1.00 64.07 ? 4   U   B P     1 
ATOM   63   O OP1   . U   A 1 4   ? -0.751  -7.664  -21.207 1.00 65.59 ? 4   U   B OP1   1 
ATOM   64   O OP2   . U   A 1 4   ? 1.482   -8.448  -22.173 1.00 68.30 ? 4   U   B OP2   1 
ATOM   65   O "O5'" . U   A 1 4   ? -0.680  -9.485  -22.895 1.00 64.11 ? 4   U   B "O5'" 1 
ATOM   66   C "C5'" . U   A 1 4   ? -2.062  -9.736  -22.621 1.00 64.29 ? 4   U   B "C5'" 1 
ATOM   67   C "C4'" . U   A 1 4   ? -2.318  -11.218 -22.600 1.00 61.65 ? 4   U   B "C4'" 1 
ATOM   68   O "O4'" . U   A 1 4   ? -1.949  -11.756 -23.884 1.00 61.93 ? 4   U   B "O4'" 1 
ATOM   69   C "C3'" . U   A 1 4   ? -1.450  -11.942 -21.591 1.00 62.59 ? 4   U   B "C3'" 1 
ATOM   70   O "O3'" . U   A 1 4   ? -2.097  -12.005 -20.306 1.00 66.79 ? 4   U   B "O3'" 1 
ATOM   71   C "C2'" . U   A 1 4   ? -1.072  -13.275 -22.237 1.00 61.29 ? 4   U   B "C2'" 1 
ATOM   72   O "O2'" . U   A 1 4   ? -1.725  -14.419 -21.737 1.00 64.76 ? 4   U   B "O2'" 1 
ATOM   73   C "C1'" . U   A 1 4   ? -1.370  -13.034 -23.722 1.00 61.42 ? 4   U   B "C1'" 1 
ATOM   74   N N1    . U   A 1 4   ? -0.234  -13.163 -24.644 1.00 59.86 ? 4   U   B N1    1 
ATOM   75   C C2    . U   A 1 4   ? -0.078  -14.375 -25.289 1.00 58.58 ? 4   U   B C2    1 
ATOM   76   O O2    . U   A 1 4   ? -0.843  -15.312 -25.131 1.00 56.29 ? 4   U   B O2    1 
ATOM   77   N N3    . U   A 1 4   ? 1.000   -14.450 -26.131 1.00 58.84 ? 4   U   B N3    1 
ATOM   78   C C4    . U   A 1 4   ? 1.917   -13.453 -26.395 1.00 60.40 ? 4   U   B C4    1 
ATOM   79   O O4    . U   A 1 4   ? 2.835   -13.672 -27.188 1.00 61.31 ? 4   U   B O4    1 
ATOM   80   C C5    . U   A 1 4   ? 1.686   -12.224 -25.696 1.00 58.30 ? 4   U   B C5    1 
ATOM   81   C C6    . U   A 1 4   ? 0.646   -12.125 -24.866 1.00 59.91 ? 4   U   B C6    1 
ATOM   82   P P     . U   A 1 5   ? -3.595  -12.624 -20.145 1.00 63.08 ? 5   U   B P     1 
ATOM   83   O OP1   . U   A 1 5   ? -3.895  -13.713 -21.101 1.00 64.39 ? 5   U   B OP1   1 
ATOM   84   O OP2   . U   A 1 5   ? -4.504  -11.458 -20.061 1.00 64.69 ? 5   U   B OP2   1 
ATOM   85   O "O5'" . U   A 1 5   ? -3.573  -13.304 -18.709 1.00 63.31 ? 5   U   B "O5'" 1 
ATOM   86   C "C5'" . U   A 1 5   ? -2.442  -14.051 -18.257 1.00 62.90 ? 5   U   B "C5'" 1 
ATOM   87   C "C4'" . U   A 1 5   ? -2.072  -13.612 -16.865 1.00 61.84 ? 5   U   B "C4'" 1 
ATOM   88   O "O4'" . U   A 1 5   ? -1.645  -12.240 -16.907 1.00 63.75 ? 5   U   B "O4'" 1 
ATOM   89   C "C3'" . U   A 1 5   ? -3.218  -13.638 -15.861 1.00 61.65 ? 5   U   B "C3'" 1 
ATOM   90   O "O3'" . U   A 1 5   ? -3.048  -14.791 -15.050 1.00 62.34 ? 5   U   B "O3'" 1 
ATOM   91   C "C2'" . U   A 1 5   ? -2.961  -12.435 -14.938 1.00 64.05 ? 5   U   B "C2'" 1 
ATOM   92   O "O2'" . U   A 1 5   ? -2.491  -12.773 -13.656 1.00 70.00 ? 5   U   B "O2'" 1 
ATOM   93   C "C1'" . U   A 1 5   ? -1.814  -11.705 -15.628 1.00 62.07 ? 5   U   B "C1'" 1 
ATOM   94   N N1    . U   A 1 5   ? -1.835  -10.242 -15.664 1.00 58.93 ? 5   U   B N1    1 
ATOM   95   C C2    . U   A 1 5   ? -1.774  -9.582  -14.450 1.00 58.83 ? 5   U   B C2    1 
ATOM   96   O O2    . U   A 1 5   ? -1.769  -10.164 -13.372 1.00 56.07 ? 5   U   B O2    1 
ATOM   97   N N3    . U   A 1 5   ? -1.718  -8.216  -14.542 1.00 57.69 ? 5   U   B N3    1 
ATOM   98   C C4    . U   A 1 5   ? -1.728  -7.466  -15.695 1.00 57.74 ? 5   U   B C4    1 
ATOM   99   O O4    . U   A 1 5   ? -1.654  -6.245  -15.618 1.00 59.34 ? 5   U   B O4    1 
ATOM   100  C C5    . U   A 1 5   ? -1.820  -8.222  -16.900 1.00 59.00 ? 5   U   B C5    1 
ATOM   101  C C6    . U   A 1 5   ? -1.874  -9.551  -16.844 1.00 59.47 ? 5   U   B C6    1 
ATOM   102  P P     . U   A 1 6   ? -3.872  -16.130 -15.339 1.00 64.05 ? 6   U   B P     1 
ATOM   103  O OP1   . U   A 1 6   ? -3.648  -16.496 -16.762 1.00 65.24 ? 6   U   B OP1   1 
ATOM   104  O OP2   . U   A 1 6   ? -5.254  -15.996 -14.821 1.00 64.73 ? 6   U   B OP2   1 
ATOM   105  O "O5'" . U   A 1 6   ? -3.116  -17.198 -14.435 1.00 63.77 ? 6   U   B "O5'" 1 
ATOM   106  C "C5'" . U   A 1 6   ? -1.963  -17.858 -14.928 1.00 68.33 ? 6   U   B "C5'" 1 
ATOM   107  C "C4'" . U   A 1 6   ? -0.881  -17.890 -13.880 1.00 71.18 ? 6   U   B "C4'" 1 
ATOM   108  O "O4'" . U   A 1 6   ? -0.449  -16.542 -13.573 1.00 70.15 ? 6   U   B "O4'" 1 
ATOM   109  C "C3'" . U   A 1 6   ? -1.273  -18.461 -12.532 1.00 73.74 ? 6   U   B "C3'" 1 
ATOM   110  O "O3'" . U   A 1 6   ? -1.204  -19.874 -12.555 1.00 79.65 ? 6   U   B "O3'" 1 
ATOM   111  C "C2'" . U   A 1 6   ? -0.211  -17.870 -11.615 1.00 72.80 ? 6   U   B "C2'" 1 
ATOM   112  O "O2'" . U   A 1 6   ? 1.027   -18.550 -11.689 1.00 73.11 ? 6   U   B "O2'" 1 
ATOM   113  C "C1'" . U   A 1 6   ? -0.041  -16.476 -12.216 1.00 70.03 ? 6   U   B "C1'" 1 
ATOM   114  N N1    . U   A 1 6   ? -0.825  -15.431 -11.542 1.00 67.79 ? 6   U   B N1    1 
ATOM   115  C C2    . U   A 1 6   ? -0.346  -14.951 -10.342 1.00 67.39 ? 6   U   B C2    1 
ATOM   116  O O2    . U   A 1 6   ? 0.642   -15.412 -9.797  1.00 71.44 ? 6   U   B O2    1 
ATOM   117  N N3    . U   A 1 6   ? -1.067  -13.916 -9.803  1.00 65.11 ? 6   U   B N3    1 
ATOM   118  C C4    . U   A 1 6   ? -2.203  -13.339 -10.325 1.00 64.21 ? 6   U   B C4    1 
ATOM   119  O O4    . U   A 1 6   ? -2.719  -12.383 -9.751  1.00 62.53 ? 6   U   B O4    1 
ATOM   120  C C5    . U   A 1 6   ? -2.656  -13.922 -11.544 1.00 64.73 ? 6   U   B C5    1 
ATOM   121  C C6    . U   A 1 6   ? -1.969  -14.925 -12.097 1.00 65.84 ? 6   U   B C6    1 
ATOM   122  P P     . U   A 1 7   ? -1.818  -20.711 -11.338 1.00 86.35 ? 7   U   B P     1 
ATOM   123  O OP1   . U   A 1 7   ? -2.132  -22.064 -11.870 1.00 86.50 ? 7   U   B OP1   1 
ATOM   124  O OP2   . U   A 1 7   ? -2.891  -19.895 -10.709 1.00 85.79 ? 7   U   B OP2   1 
ATOM   125  O "O5'" . U   A 1 7   ? -0.617  -20.841 -10.294 1.00 89.80 ? 7   U   B "O5'" 1 
ATOM   126  C "C5'" . U   A 1 7   ? -0.852  -21.235 -8.940  1.00 94.24 ? 7   U   B "C5'" 1 
ATOM   127  C "C4'" . U   A 1 7   ? 0.443   -21.231 -8.153  1.00 97.65 ? 7   U   B "C4'" 1 
ATOM   128  O "O4'" . U   A 1 7   ? 1.092   -19.934 -8.295  1.00 99.66 ? 7   U   B "O4'" 1 
ATOM   129  C "C3'" . U   A 1 7   ? 0.288   -21.412 -6.648  1.00 99.38 ? 7   U   B "C3'" 1 
ATOM   130  O "O3'" . U   A 1 7   ? 0.017   -22.763 -6.212  1.00 98.73 ? 7   U   B "O3'" 1 
ATOM   131  C "C2'" . U   A 1 7   ? 1.552   -20.750 -6.103  1.00 99.73 ? 7   U   B "C2'" 1 
ATOM   132  O "O2'" . U   A 1 7   ? 2.701   -21.575 -6.175  1.00 99.22 ? 7   U   B "O2'" 1 
ATOM   133  C "C1'" . U   A 1 7   ? 1.713   -19.567 -7.068  1.00 99.73 ? 7   U   B "C1'" 1 
ATOM   134  N N1    . U   A 1 7   ? 1.118   -18.301 -6.598  1.00 99.73 ? 7   U   B N1    1 
ATOM   135  C C2    . U   A 1 7   ? 1.710   -17.664 -5.507  1.00 99.73 ? 7   U   B C2    1 
ATOM   136  O O2    . U   A 1 7   ? 2.687   -18.112 -4.924  1.00 99.73 ? 7   U   B O2    1 
ATOM   137  N N3    . U   A 1 7   ? 1.114   -16.482 -5.128  1.00 99.73 ? 7   U   B N3    1 
ATOM   138  C C4    . U   A 1 7   ? 0.014   -15.877 -5.710  1.00 99.73 ? 7   U   B C4    1 
ATOM   139  O O4    . U   A 1 7   ? -0.398  -14.801 -5.259  1.00 99.73 ? 7   U   B O4    1 
ATOM   140  C C5    . U   A 1 7   ? -0.545  -16.593 -6.825  1.00 99.73 ? 7   U   B C5    1 
ATOM   141  C C6    . U   A 1 7   ? 0.011   -17.750 -7.220  1.00 99.73 ? 7   U   B C6    1 
ATOM   142  N N     . LEU B 2 1   ? -2.468  -10.599 1.236   1.00 87.11 ? 145 LEU A N     1 
ATOM   143  C CA    . LEU B 2 1   ? -1.639  -11.840 1.264   1.00 86.27 ? 145 LEU A CA    1 
ATOM   144  C C     . LEU B 2 1   ? -0.218  -11.565 0.764   1.00 85.86 ? 145 LEU A C     1 
ATOM   145  O O     . LEU B 2 1   ? 0.454   -10.652 1.253   1.00 85.67 ? 145 LEU A O     1 
ATOM   146  C CB    . LEU B 2 1   ? -2.302  -12.942 0.418   1.00 86.64 ? 145 LEU A CB    1 
ATOM   147  C CG    . LEU B 2 1   ? -2.815  -12.595 -0.990  1.00 85.55 ? 145 LEU A CG    1 
ATOM   148  C CD1   . LEU B 2 1   ? -2.844  -13.833 -1.868  1.00 84.97 ? 145 LEU A CD1   1 
ATOM   149  C CD2   . LEU B 2 1   ? -4.193  -11.959 -0.905  1.00 85.40 ? 145 LEU A CD2   1 
ATOM   150  N N     . GLY B 2 2   ? 0.230   -12.378 -0.191  1.00 84.51 ? 146 GLY A N     1 
ATOM   151  C CA    . GLY B 2 2   ? 1.550   -12.224 -0.771  1.00 81.33 ? 146 GLY A CA    1 
ATOM   152  C C     . GLY B 2 2   ? 1.492   -11.672 -2.184  1.00 79.62 ? 146 GLY A C     1 
ATOM   153  O O     . GLY B 2 2   ? 2.448   -11.811 -2.940  1.00 80.65 ? 146 GLY A O     1 
ATOM   154  N N     . SER B 2 3   ? 0.356   -11.088 -2.558  1.00 77.54 ? 147 SER A N     1 
ATOM   155  C CA    . SER B 2 3   ? 0.182   -10.504 -3.885  1.00 74.76 ? 147 SER A CA    1 
ATOM   156  C C     . SER B 2 3   ? 0.782   -9.110  -3.947  1.00 73.19 ? 147 SER A C     1 
ATOM   157  O O     . SER B 2 3   ? 1.001   -8.554  -5.028  1.00 73.26 ? 147 SER A O     1 
ATOM   158  C CB    . SER B 2 3   ? -1.291  -10.464 -4.253  1.00 76.05 ? 147 SER A CB    1 
ATOM   159  O OG    . SER B 2 3   ? -1.746  -11.782 -4.488  1.00 80.95 ? 147 SER A OG    1 
ATOM   160  N N     . ALA B 2 4   ? 1.026   -8.543  -2.772  1.00 70.57 ? 148 ALA A N     1 
ATOM   161  C CA    . ALA B 2 4   ? 1.637   -7.232  -2.661  1.00 67.06 ? 148 ALA A CA    1 
ATOM   162  C C     . ALA B 2 4   ? 3.145   -7.417  -2.759  1.00 65.37 ? 148 ALA A C     1 
ATOM   163  O O     . ALA B 2 4   ? 3.910   -6.472  -2.564  1.00 65.17 ? 148 ALA A O     1 
ATOM   164  C CB    . ALA B 2 4   ? 1.281   -6.613  -1.341  1.00 68.18 ? 148 ALA A CB    1 
ATOM   165  N N     . ARG B 2 5   ? 3.561   -8.651  -3.034  1.00 62.95 ? 149 ARG A N     1 
ATOM   166  C CA    . ARG B 2 5   ? 4.969   -8.987  -3.161  1.00 61.95 ? 149 ARG A CA    1 
ATOM   167  C C     . ARG B 2 5   ? 5.349   -9.603  -4.504  1.00 61.00 ? 149 ARG A C     1 
ATOM   168  O O     . ARG B 2 5   ? 6.494   -10.027 -4.695  1.00 59.86 ? 149 ARG A O     1 
ATOM   169  C CB    . ARG B 2 5   ? 5.416   -9.884  -2.007  1.00 61.75 ? 149 ARG A CB    1 
ATOM   170  C CG    . ARG B 2 5   ? 5.627   -9.120  -0.708  1.00 63.56 ? 149 ARG A CG    1 
ATOM   171  C CD    . ARG B 2 5   ? 6.351   -9.950  0.339   1.00 65.53 ? 149 ARG A CD    1 
ATOM   172  N NE    . ARG B 2 5   ? 5.507   -11.003 0.890   1.00 69.22 ? 149 ARG A NE    1 
ATOM   173  C CZ    . ARG B 2 5   ? 5.780   -11.687 1.999   1.00 71.85 ? 149 ARG A CZ    1 
ATOM   174  N NH1   . ARG B 2 5   ? 6.886   -11.443 2.694   1.00 72.27 ? 149 ARG A NH1   1 
ATOM   175  N NH2   . ARG B 2 5   ? 4.935   -12.618 2.421   1.00 74.14 ? 149 ARG A NH2   1 
ATOM   176  N N     . ARG B 2 6   ? 4.397   -9.625  -5.438  1.00 59.20 ? 150 ARG A N     1 
ATOM   177  C CA    . ARG B 2 6   ? 4.636   -10.169 -6.777  1.00 57.68 ? 150 ARG A CA    1 
ATOM   178  C C     . ARG B 2 6   ? 4.335   -9.102  -7.828  1.00 56.35 ? 150 ARG A C     1 
ATOM   179  O O     . ARG B 2 6   ? 3.646   -8.126  -7.549  1.00 56.69 ? 150 ARG A O     1 
ATOM   180  C CB    . ARG B 2 6   ? 3.750   -11.394 -7.050  1.00 58.50 ? 150 ARG A CB    1 
ATOM   181  C CG    . ARG B 2 6   ? 3.547   -12.326 -5.861  1.00 60.66 ? 150 ARG A CG    1 
ATOM   182  C CD    . ARG B 2 6   ? 3.044   -13.696 -6.291  1.00 62.03 ? 150 ARG A CD    1 
ATOM   183  N NE    . ARG B 2 6   ? 4.111   -14.697 -6.229  1.00 64.83 ? 150 ARG A NE    1 
ATOM   184  C CZ    . ARG B 2 6   ? 4.309   -15.655 -7.137  1.00 65.86 ? 150 ARG A CZ    1 
ATOM   185  N NH1   . ARG B 2 6   ? 3.507   -15.763 -8.194  1.00 65.60 ? 150 ARG A NH1   1 
ATOM   186  N NH2   . ARG B 2 6   ? 5.349   -16.474 -7.014  1.00 64.58 ? 150 ARG A NH2   1 
ATOM   187  N N     . LEU B 2 7   ? 4.917   -9.247  -9.011  1.00 55.33 ? 151 LEU A N     1 
ATOM   188  C CA    . LEU B 2 7   ? 4.654   -8.312  -10.102 1.00 54.76 ? 151 LEU A CA    1 
ATOM   189  C C     . LEU B 2 7   ? 4.547   -9.060  -11.426 1.00 53.80 ? 151 LEU A C     1 
ATOM   190  O O     . LEU B 2 7   ? 5.228   -10.054 -11.658 1.00 53.34 ? 151 LEU A O     1 
ATOM   191  C CB    . LEU B 2 7   ? 5.743   -7.239  -10.217 1.00 54.64 ? 151 LEU A CB    1 
ATOM   192  C CG    . LEU B 2 7   ? 5.826   -6.072  -9.233  1.00 56.08 ? 151 LEU A CG    1 
ATOM   193  C CD1   . LEU B 2 7   ? 6.847   -5.062  -9.727  1.00 52.72 ? 151 LEU A CD1   1 
ATOM   194  C CD2   . LEU B 2 7   ? 4.472   -5.401  -9.090  1.00 58.53 ? 151 LEU A CD2   1 
ATOM   195  N N     . TYR B 2 8   ? 3.630   -8.616  -12.264 1.00 54.18 ? 152 TYR A N     1 
ATOM   196  C CA    . TYR B 2 8   ? 3.459   -9.211  -13.576 1.00 54.04 ? 152 TYR A CA    1 
ATOM   197  C C     . TYR B 2 8   ? 4.339   -8.423  -14.536 1.00 54.54 ? 152 TYR A C     1 
ATOM   198  O O     . TYR B 2 8   ? 4.333   -7.185  -14.549 1.00 54.16 ? 152 TYR A O     1 
ATOM   199  C CB    . TYR B 2 8   ? 1.992   -9.118  -14.025 1.00 55.57 ? 152 TYR A CB    1 
ATOM   200  C CG    . TYR B 2 8   ? 1.776   -9.300  -15.522 1.00 56.88 ? 152 TYR A CG    1 
ATOM   201  C CD1   . TYR B 2 8   ? 1.842   -8.213  -16.390 1.00 55.82 ? 152 TYR A CD1   1 
ATOM   202  C CD2   . TYR B 2 8   ? 1.540   -10.558 -16.071 1.00 58.14 ? 152 TYR A CD2   1 
ATOM   203  C CE1   . TYR B 2 8   ? 1.691   -8.368  -17.748 1.00 55.99 ? 152 TYR A CE1   1 
ATOM   204  C CE2   . TYR B 2 8   ? 1.382   -10.722 -17.443 1.00 58.60 ? 152 TYR A CE2   1 
ATOM   205  C CZ    . TYR B 2 8   ? 1.464   -9.620  -18.274 1.00 58.56 ? 152 TYR A CZ    1 
ATOM   206  O OH    . TYR B 2 8   ? 1.350   -9.762  -19.642 1.00 61.35 ? 152 TYR A OH    1 
ATOM   207  N N     . VAL B 2 9   ? 5.132   -9.139  -15.315 1.00 54.30 ? 153 VAL A N     1 
ATOM   208  C CA    . VAL B 2 9   ? 5.969   -8.489  -16.302 1.00 53.42 ? 153 VAL A CA    1 
ATOM   209  C C     . VAL B 2 9   ? 5.716   -9.195  -17.625 1.00 53.68 ? 153 VAL A C     1 
ATOM   210  O O     . VAL B 2 9   ? 6.040   -10.371 -17.798 1.00 54.40 ? 153 VAL A O     1 
ATOM   211  C CB    . VAL B 2 9   ? 7.472   -8.479  -15.896 1.00 54.22 ? 153 VAL A CB    1 
ATOM   212  C CG1   . VAL B 2 9   ? 7.872   -9.799  -15.266 1.00 55.80 ? 153 VAL A CG1   1 
ATOM   213  C CG2   . VAL B 2 9   ? 8.354   -8.153  -17.100 1.00 51.30 ? 153 VAL A CG2   1 
ATOM   214  N N     . GLY B 2 10  ? 5.012   -8.500  -18.507 1.00 52.86 ? 154 GLY A N     1 
ATOM   215  C CA    . GLY B 2 10  ? 4.707   -9.059  -19.805 1.00 53.26 ? 154 GLY A CA    1 
ATOM   216  C C     . GLY B 2 10  ? 5.594   -8.493  -20.895 1.00 53.65 ? 154 GLY A C     1 
ATOM   217  O O     . GLY B 2 10  ? 6.300   -7.495  -20.677 1.00 52.77 ? 154 GLY A O     1 
ATOM   218  N N     . ASN B 2 11  ? 5.515   -9.120  -22.073 1.00 52.22 ? 155 ASN A N     1 
ATOM   219  C CA    . ASN B 2 11  ? 6.288   -8.741  -23.249 1.00 52.32 ? 155 ASN A CA    1 
ATOM   220  C C     . ASN B 2 11  ? 7.768   -9.054  -23.035 1.00 52.66 ? 155 ASN A C     1 
ATOM   221  O O     . ASN B 2 11  ? 8.649   -8.287  -23.430 1.00 53.06 ? 155 ASN A O     1 
ATOM   222  C CB    . ASN B 2 11  ? 6.087   -7.260  -23.570 1.00 52.64 ? 155 ASN A CB    1 
ATOM   223  C CG    . ASN B 2 11  ? 6.713   -6.863  -24.884 1.00 53.26 ? 155 ASN A CG    1 
ATOM   224  O OD1   . ASN B 2 11  ? 7.519   -5.938  -24.944 1.00 56.96 ? 155 ASN A OD1   1 
ATOM   225  N ND2   . ASN B 2 11  ? 6.366   -7.577  -25.944 1.00 55.82 ? 155 ASN A ND2   1 
ATOM   226  N N     . ILE B 2 12  ? 8.032   -10.199 -22.417 1.00 52.31 ? 156 ILE A N     1 
ATOM   227  C CA    . ILE B 2 12  ? 9.396   -10.610 -22.136 1.00 52.38 ? 156 ILE A CA    1 
ATOM   228  C C     . ILE B 2 12  ? 10.076  -11.144 -23.381 1.00 53.62 ? 156 ILE A C     1 
ATOM   229  O O     . ILE B 2 12  ? 9.404   -11.632 -24.290 1.00 55.22 ? 156 ILE A O     1 
ATOM   230  C CB    . ILE B 2 12  ? 9.446   -11.689 -21.033 1.00 50.56 ? 156 ILE A CB    1 
ATOM   231  C CG1   . ILE B 2 12  ? 8.692   -12.933 -21.471 1.00 48.03 ? 156 ILE A CG1   1 
ATOM   232  C CG2   . ILE B 2 12  ? 8.817   -11.159 -19.758 1.00 54.16 ? 156 ILE A CG2   1 
ATOM   233  C CD1   . ILE B 2 12  ? 8.757   -14.046 -20.474 1.00 47.47 ? 156 ILE A CD1   1 
ATOM   234  N N     . PRO B 2 13  ? 11.412  -10.997 -23.469 1.00 53.82 ? 157 PRO A N     1 
ATOM   235  C CA    . PRO B 2 13  ? 12.188  -11.476 -24.609 1.00 52.98 ? 157 PRO A CA    1 
ATOM   236  C C     . PRO B 2 13  ? 11.988  -12.977 -24.757 1.00 53.62 ? 157 PRO A C     1 
ATOM   237  O O     . PRO B 2 13  ? 11.859  -13.704 -23.757 1.00 50.88 ? 157 PRO A O     1 
ATOM   238  C CB    . PRO B 2 13  ? 13.621  -11.164 -24.191 1.00 53.94 ? 157 PRO A CB    1 
ATOM   239  C CG    . PRO B 2 13  ? 13.468  -9.932  -23.428 1.00 54.96 ? 157 PRO A CG    1 
ATOM   240  C CD    . PRO B 2 13  ? 12.281  -10.249 -22.550 1.00 55.19 ? 157 PRO A CD    1 
ATOM   241  N N     . PHE B 2 14  ? 11.962  -13.437 -26.005 1.00 53.46 ? 158 PHE A N     1 
ATOM   242  C CA    . PHE B 2 14  ? 11.774  -14.852 -26.275 1.00 54.19 ? 158 PHE A CA    1 
ATOM   243  C C     . PHE B 2 14  ? 12.931  -15.706 -25.772 1.00 54.45 ? 158 PHE A C     1 
ATOM   244  O O     . PHE B 2 14  ? 14.100  -15.332 -25.909 1.00 54.98 ? 158 PHE A O     1 
ATOM   245  C CB    . PHE B 2 14  ? 11.578  -15.092 -27.769 1.00 56.44 ? 158 PHE A CB    1 
ATOM   246  C CG    . PHE B 2 14  ? 11.208  -16.506 -28.102 1.00 56.35 ? 158 PHE A CG    1 
ATOM   247  C CD1   . PHE B 2 14  ? 9.979   -17.018 -27.714 1.00 57.36 ? 158 PHE A CD1   1 
ATOM   248  C CD2   . PHE B 2 14  ? 12.099  -17.332 -28.771 1.00 58.05 ? 158 PHE A CD2   1 
ATOM   249  C CE1   . PHE B 2 14  ? 9.637   -18.330 -27.980 1.00 58.61 ? 158 PHE A CE1   1 
ATOM   250  C CE2   . PHE B 2 14  ? 11.765  -18.656 -29.048 1.00 60.34 ? 158 PHE A CE2   1 
ATOM   251  C CZ    . PHE B 2 14  ? 10.526  -19.156 -28.646 1.00 58.83 ? 158 PHE A CZ    1 
ATOM   252  N N     . GLY B 2 15  ? 12.591  -16.842 -25.166 1.00 53.54 ? 159 GLY A N     1 
ATOM   253  C CA    . GLY B 2 15  ? 13.613  -17.748 -24.672 1.00 53.18 ? 159 GLY A CA    1 
ATOM   254  C C     . GLY B 2 15  ? 14.485  -17.232 -23.544 1.00 52.79 ? 159 GLY A C     1 
ATOM   255  O O     . GLY B 2 15  ? 15.541  -17.801 -23.265 1.00 54.05 ? 159 GLY A O     1 
ATOM   256  N N     . ILE B 2 16  ? 14.086  -16.128 -22.924 1.00 52.31 ? 160 ILE A N     1 
ATOM   257  C CA    . ILE B 2 16  ? 14.841  -15.587 -21.802 1.00 52.53 ? 160 ILE A CA    1 
ATOM   258  C C     . ILE B 2 16  ? 14.722  -16.609 -20.661 1.00 53.86 ? 160 ILE A C     1 
ATOM   259  O O     . ILE B 2 16  ? 13.674  -17.259 -20.515 1.00 53.03 ? 160 ILE A O     1 
ATOM   260  C CB    . ILE B 2 16  ? 14.253  -14.245 -21.344 1.00 51.88 ? 160 ILE A CB    1 
ATOM   261  C CG1   . ILE B 2 16  ? 15.191  -13.572 -20.360 1.00 49.43 ? 160 ILE A CG1   1 
ATOM   262  C CG2   . ILE B 2 16  ? 12.893  -14.448 -20.699 1.00 52.04 ? 160 ILE A CG2   1 
ATOM   263  C CD1   . ILE B 2 16  ? 16.470  -13.172 -20.981 1.00 54.00 ? 160 ILE A CD1   1 
ATOM   264  N N     . THR B 2 17  ? 15.804  -16.807 -19.909 1.00 53.43 ? 161 THR A N     1 
ATOM   265  C CA    . THR B 2 17  ? 15.770  -17.753 -18.798 1.00 54.61 ? 161 THR A CA    1 
ATOM   266  C C     . THR B 2 17  ? 15.260  -17.046 -17.560 1.00 53.92 ? 161 THR A C     1 
ATOM   267  O O     . THR B 2 17  ? 15.386  -15.827 -17.439 1.00 53.29 ? 161 THR A O     1 
ATOM   268  C CB    . THR B 2 17  ? 17.163  -18.353 -18.468 1.00 56.07 ? 161 THR A CB    1 
ATOM   269  O OG1   . THR B 2 17  ? 18.033  -17.338 -17.947 1.00 57.63 ? 161 THR A OG1   1 
ATOM   270  C CG2   . THR B 2 17  ? 17.784  -18.953 -19.702 1.00 57.17 ? 161 THR A CG2   1 
ATOM   271  N N     . GLU B 2 18  ? 14.681  -17.810 -16.642 1.00 53.73 ? 162 GLU A N     1 
ATOM   272  C CA    . GLU B 2 18  ? 14.175  -17.240 -15.405 1.00 54.48 ? 162 GLU A CA    1 
ATOM   273  C C     . GLU B 2 18  ? 15.304  -16.573 -14.629 1.00 54.64 ? 162 GLU A C     1 
ATOM   274  O O     . GLU B 2 18  ? 15.126  -15.481 -14.080 1.00 53.90 ? 162 GLU A O     1 
ATOM   275  C CB    . GLU B 2 18  ? 13.502  -18.313 -14.565 1.00 54.43 ? 162 GLU A CB    1 
ATOM   276  C CG    . GLU B 2 18  ? 12.276  -18.898 -15.240 1.00 57.03 ? 162 GLU A CG    1 
ATOM   277  C CD    . GLU B 2 18  ? 11.575  -19.942 -14.391 1.00 58.20 ? 162 GLU A CD    1 
ATOM   278  O OE1   . GLU B 2 18  ? 10.324  -19.982 -14.416 1.00 55.57 ? 162 GLU A OE1   1 
ATOM   279  O OE2   . GLU B 2 18  ? 12.278  -20.723 -13.709 1.00 59.48 ? 162 GLU A OE2   1 
ATOM   280  N N     . GLU B 2 19  ? 16.483  -17.195 -14.657 1.00 53.90 ? 163 GLU A N     1 
ATOM   281  C CA    . GLU B 2 19  ? 17.637  -16.652 -13.961 1.00 54.83 ? 163 GLU A CA    1 
ATOM   282  C C     . GLU B 2 19  ? 18.106  -15.326 -14.553 1.00 53.91 ? 163 GLU A C     1 
ATOM   283  O O     . GLU B 2 19  ? 18.481  -14.423 -13.817 1.00 54.22 ? 163 GLU A O     1 
ATOM   284  C CB    . GLU B 2 19  ? 18.798  -17.647 -13.940 1.00 56.81 ? 163 GLU A CB    1 
ATOM   285  C CG    . GLU B 2 19  ? 19.880  -17.247 -12.941 1.00 60.38 ? 163 GLU A CG    1 
ATOM   286  C CD    . GLU B 2 19  ? 21.188  -18.012 -13.083 1.00 62.31 ? 163 GLU A CD    1 
ATOM   287  O OE1   . GLU B 2 19  ? 21.365  -18.764 -14.068 1.00 64.51 ? 163 GLU A OE1   1 
ATOM   288  O OE2   . GLU B 2 19  ? 22.059  -17.840 -12.203 1.00 62.95 ? 163 GLU A OE2   1 
ATOM   289  N N     . ALA B 2 20  ? 18.076  -15.203 -15.876 1.00 54.52 ? 164 ALA A N     1 
ATOM   290  C CA    . ALA B 2 20  ? 18.505  -13.968 -16.534 1.00 53.78 ? 164 ALA A CA    1 
ATOM   291  C C     . ALA B 2 20  ? 17.583  -12.831 -16.143 1.00 54.73 ? 164 ALA A C     1 
ATOM   292  O O     . ALA B 2 20  ? 17.998  -11.684 -16.018 1.00 54.94 ? 164 ALA A O     1 
ATOM   293  C CB    . ALA B 2 20  ? 18.491  -14.143 -18.023 1.00 53.07 ? 164 ALA A CB    1 
ATOM   294  N N     . MET B 2 21  ? 16.319  -13.176 -15.941 1.00 56.31 ? 165 MET A N     1 
ATOM   295  C CA    . MET B 2 21  ? 15.296  -12.219 -15.557 1.00 55.71 ? 165 MET A CA    1 
ATOM   296  C C     . MET B 2 21  ? 15.613  -11.717 -14.154 1.00 54.78 ? 165 MET A C     1 
ATOM   297  O O     . MET B 2 21  ? 15.649  -10.514 -13.910 1.00 55.83 ? 165 MET A O     1 
ATOM   298  C CB    . MET B 2 21  ? 13.948  -12.930 -15.546 1.00 58.31 ? 165 MET A CB    1 
ATOM   299  C CG    . MET B 2 21  ? 12.753  -12.064 -15.869 1.00 60.60 ? 165 MET A CG    1 
ATOM   300  S SD    . MET B 2 21  ? 12.612  -11.789 -17.628 1.00 60.12 ? 165 MET A SD    1 
ATOM   301  C CE    . MET B 2 21  ? 12.867  -10.022 -17.700 1.00 62.38 ? 165 MET A CE    1 
ATOM   302  N N     . MET B 2 22  ? 15.885  -12.654 -13.250 1.00 53.51 ? 166 MET A N     1 
ATOM   303  C CA    . MET B 2 22  ? 16.191  -12.338 -11.864 1.00 52.26 ? 166 MET A CA    1 
ATOM   304  C C     . MET B 2 22  ? 17.423  -11.460 -11.756 1.00 52.73 ? 166 MET A C     1 
ATOM   305  O O     . MET B 2 22  ? 17.401  -10.420 -11.099 1.00 54.42 ? 166 MET A O     1 
ATOM   306  C CB    . MET B 2 22  ? 16.405  -13.619 -11.075 1.00 51.21 ? 166 MET A CB    1 
ATOM   307  C CG    . MET B 2 22  ? 16.144  -13.475 -9.599  1.00 52.43 ? 166 MET A CG    1 
ATOM   308  S SD    . MET B 2 22  ? 16.203  -15.057 -8.721  1.00 51.54 ? 166 MET A SD    1 
ATOM   309  C CE    . MET B 2 22  ? 17.347  -14.665 -7.460  1.00 54.81 ? 166 MET A CE    1 
ATOM   310  N N     . ASP B 2 23  ? 18.494  -11.868 -12.420 1.00 51.21 ? 167 ASP A N     1 
ATOM   311  C CA    . ASP B 2 23  ? 19.733  -11.108 -12.395 1.00 50.62 ? 167 ASP A CA    1 
ATOM   312  C C     . ASP B 2 23  ? 19.537  -9.681  -12.912 1.00 49.75 ? 167 ASP A C     1 
ATOM   313  O O     . ASP B 2 23  ? 20.112  -8.741  -12.372 1.00 50.01 ? 167 ASP A O     1 
ATOM   314  C CB    . ASP B 2 23  ? 20.819  -11.830 -13.207 1.00 51.49 ? 167 ASP A CB    1 
ATOM   315  C CG    . ASP B 2 23  ? 21.120  -13.236 -12.682 1.00 52.99 ? 167 ASP A CG    1 
ATOM   316  O OD1   . ASP B 2 23  ? 20.752  -13.553 -11.523 1.00 53.60 ? 167 ASP A OD1   1 
ATOM   317  O OD2   . ASP B 2 23  ? 21.723  -14.031 -13.440 1.00 54.83 ? 167 ASP A OD2   1 
ATOM   318  N N     . PHE B 2 24  ? 18.708  -9.522  -13.941 1.00 49.39 ? 168 PHE A N     1 
ATOM   319  C CA    . PHE B 2 24  ? 18.441  -8.210  -14.520 1.00 47.83 ? 168 PHE A CA    1 
ATOM   320  C C     . PHE B 2 24  ? 17.735  -7.309  -13.534 1.00 48.54 ? 168 PHE A C     1 
ATOM   321  O O     . PHE B 2 24  ? 18.109  -6.151  -13.357 1.00 49.17 ? 168 PHE A O     1 
ATOM   322  C CB    . PHE B 2 24  ? 17.572  -8.337  -15.758 1.00 47.50 ? 168 PHE A CB    1 
ATOM   323  C CG    . PHE B 2 24  ? 17.311  -7.032  -16.451 1.00 47.99 ? 168 PHE A CG    1 
ATOM   324  C CD1   . PHE B 2 24  ? 18.333  -6.359  -17.112 1.00 48.90 ? 168 PHE A CD1   1 
ATOM   325  C CD2   . PHE B 2 24  ? 16.042  -6.482  -16.463 1.00 49.13 ? 168 PHE A CD2   1 
ATOM   326  C CE1   . PHE B 2 24  ? 18.086  -5.169  -17.771 1.00 46.55 ? 168 PHE A CE1   1 
ATOM   327  C CE2   . PHE B 2 24  ? 15.792  -5.286  -17.125 1.00 48.64 ? 168 PHE A CE2   1 
ATOM   328  C CZ    . PHE B 2 24  ? 16.815  -4.635  -17.775 1.00 46.37 ? 168 PHE A CZ    1 
ATOM   329  N N     . PHE B 2 25  ? 16.704  -7.835  -12.888 1.00 48.95 ? 169 PHE A N     1 
ATOM   330  C CA    . PHE B 2 25  ? 15.973  -7.029  -11.927 1.00 48.41 ? 169 PHE A CA    1 
ATOM   331  C C     . PHE B 2 25  ? 16.690  -6.723  -10.623 1.00 47.41 ? 169 PHE A C     1 
ATOM   332  O O     . PHE B 2 25  ? 16.587  -5.608  -10.129 1.00 48.03 ? 169 PHE A O     1 
ATOM   333  C CB    . PHE B 2 25  ? 14.583  -7.585  -11.702 1.00 46.51 ? 169 PHE A CB    1 
ATOM   334  C CG    . PHE B 2 25  ? 13.631  -7.221  -12.791 1.00 47.75 ? 169 PHE A CG    1 
ATOM   335  C CD1   . PHE B 2 25  ? 13.407  -8.082  -13.853 1.00 47.99 ? 169 PHE A CD1   1 
ATOM   336  C CD2   . PHE B 2 25  ? 12.961  -6.010  -12.760 1.00 46.25 ? 169 PHE A CD2   1 
ATOM   337  C CE1   . PHE B 2 25  ? 12.532  -7.744  -14.853 1.00 47.57 ? 169 PHE A CE1   1 
ATOM   338  C CE2   . PHE B 2 25  ? 12.083  -5.669  -13.759 1.00 45.86 ? 169 PHE A CE2   1 
ATOM   339  C CZ    . PHE B 2 25  ? 11.868  -6.534  -14.808 1.00 47.04 ? 169 PHE A CZ    1 
ATOM   340  N N     . ASN B 2 26  ? 17.417  -7.686  -10.065 1.00 46.83 ? 170 ASN A N     1 
ATOM   341  C CA    . ASN B 2 26  ? 18.168  -7.417  -8.843  1.00 47.22 ? 170 ASN A CA    1 
ATOM   342  C C     . ASN B 2 26  ? 19.228  -6.362  -9.152  1.00 47.44 ? 170 ASN A C     1 
ATOM   343  O O     . ASN B 2 26  ? 19.475  -5.452  -8.363  1.00 48.16 ? 170 ASN A O     1 
ATOM   344  C CB    . ASN B 2 26  ? 18.821  -8.688  -8.310  1.00 47.89 ? 170 ASN A CB    1 
ATOM   345  C CG    . ASN B 2 26  ? 17.882  -9.495  -7.435  1.00 48.68 ? 170 ASN A CG    1 
ATOM   346  O OD1   . ASN B 2 26  ? 17.027  -8.930  -6.759  1.00 49.20 ? 170 ASN A OD1   1 
ATOM   347  N ND2   . ASN B 2 26  ? 18.028  -10.819 -7.448  1.00 49.82 ? 170 ASN A ND2   1 
ATOM   348  N N     . ALA B 2 27  ? 19.795  -6.436  -10.348 1.00 48.52 ? 171 ALA A N     1 
ATOM   349  C CA    . ALA B 2 27  ? 20.797  -5.466  -10.746 1.00 48.15 ? 171 ALA A CA    1 
ATOM   350  C C     . ALA B 2 27  ? 20.200  -4.077  -10.923 1.00 47.57 ? 171 ALA A C     1 
ATOM   351  O O     . ALA B 2 27  ? 20.814  -3.096  -10.522 1.00 49.18 ? 171 ALA A O     1 
ATOM   352  C CB    . ALA B 2 27  ? 21.480  -5.907  -12.001 1.00 49.74 ? 171 ALA A CB    1 
ATOM   353  N N     . GLN B 2 28  ? 19.014  -3.979  -11.518 1.00 46.16 ? 172 GLN A N     1 
ATOM   354  C CA    . GLN B 2 28  ? 18.391  -2.663  -11.707 1.00 47.39 ? 172 GLN A CA    1 
ATOM   355  C C     . GLN B 2 28  ? 18.075  -2.013  -10.378 1.00 46.08 ? 172 GLN A C     1 
ATOM   356  O O     . GLN B 2 28  ? 18.309  -0.822  -10.186 1.00 46.73 ? 172 GLN A O     1 
ATOM   357  C CB    . GLN B 2 28  ? 17.115  -2.758  -12.539 1.00 47.96 ? 172 GLN A CB    1 
ATOM   358  C CG    . GLN B 2 28  ? 17.348  -3.041  -14.013 1.00 49.01 ? 172 GLN A CG    1 
ATOM   359  C CD    . GLN B 2 28  ? 18.065  -1.927  -14.718 1.00 48.53 ? 172 GLN A CD    1 
ATOM   360  O OE1   . GLN B 2 28  ? 18.680  -2.140  -15.758 1.00 50.98 ? 172 GLN A OE1   1 
ATOM   361  N NE2   . GLN B 2 28  ? 17.982  -0.726  -14.169 1.00 48.98 ? 172 GLN A NE2   1 
ATOM   362  N N     . MET B 2 29  ? 17.552  -2.828  -9.473  1.00 46.70 ? 173 MET A N     1 
ATOM   363  C CA    . MET B 2 29  ? 17.190  -2.438  -8.118  1.00 47.68 ? 173 MET A CA    1 
ATOM   364  C C     . MET B 2 29  ? 18.384  -1.898  -7.335  1.00 49.31 ? 173 MET A C     1 
ATOM   365  O O     . MET B 2 29  ? 18.225  -1.039  -6.476  1.00 49.17 ? 173 MET A O     1 
ATOM   366  C CB    . MET B 2 29  ? 16.632  -3.658  -7.387  1.00 48.75 ? 173 MET A CB    1 
ATOM   367  C CG    . MET B 2 29  ? 15.235  -4.051  -7.793  1.00 50.05 ? 173 MET A CG    1 
ATOM   368  S SD    . MET B 2 29  ? 14.029  -3.036  -6.973  1.00 53.09 ? 173 MET A SD    1 
ATOM   369  C CE    . MET B 2 29  ? 13.738  -1.870  -8.149  1.00 52.57 ? 173 MET A CE    1 
ATOM   370  N N     . ARG B 2 30  ? 19.562  -2.463  -7.595  1.00 52.51 ? 174 ARG A N     1 
ATOM   371  C CA    . ARG B 2 30  ? 20.794  -2.044  -6.944  1.00 54.41 ? 174 ARG A CA    1 
ATOM   372  C C     . ARG B 2 30  ? 21.400  -0.812  -7.608  1.00 53.32 ? 174 ARG A C     1 
ATOM   373  O O     . ARG B 2 30  ? 21.890  0.083   -6.926  1.00 54.04 ? 174 ARG A O     1 
ATOM   374  C CB    . ARG B 2 30  ? 21.821  -3.182  -6.954  1.00 58.59 ? 174 ARG A CB    1 
ATOM   375  C CG    . ARG B 2 30  ? 21.409  -4.387  -6.131  1.00 63.09 ? 174 ARG A CG    1 
ATOM   376  C CD    . ARG B 2 30  ? 22.592  -5.310  -5.832  1.00 68.32 ? 174 ARG A CD    1 
ATOM   377  N NE    . ARG B 2 30  ? 22.279  -6.206  -4.713  1.00 72.85 ? 174 ARG A NE    1 
ATOM   378  C CZ    . ARG B 2 30  ? 22.908  -6.210  -3.538  1.00 73.91 ? 174 ARG A CZ    1 
ATOM   379  N NH1   . ARG B 2 30  ? 23.913  -5.372  -3.301  1.00 74.18 ? 174 ARG A NH1   1 
ATOM   380  N NH2   . ARG B 2 30  ? 22.497  -7.023  -2.575  1.00 76.54 ? 174 ARG A NH2   1 
ATOM   381  N N     . LEU B 2 31  ? 21.365  -0.769  -8.936  1.00 52.65 ? 175 LEU A N     1 
ATOM   382  C CA    . LEU B 2 31  ? 21.920  0.356   -9.671  1.00 54.10 ? 175 LEU A CA    1 
ATOM   383  C C     . LEU B 2 31  ? 21.148  1.625   -9.408  1.00 55.00 ? 175 LEU A C     1 
ATOM   384  O O     . LEU B 2 31  ? 21.695  2.716   -9.565  1.00 57.93 ? 175 LEU A O     1 
ATOM   385  C CB    . LEU B 2 31  ? 21.915  0.106   -11.175 1.00 55.82 ? 175 LEU A CB    1 
ATOM   386  C CG    . LEU B 2 31  ? 23.060  -0.658  -11.822 1.00 57.14 ? 175 LEU A CG    1 
ATOM   387  C CD1   . LEU B 2 31  ? 22.862  -0.668  -13.318 1.00 59.90 ? 175 LEU A CD1   1 
ATOM   388  C CD2   . LEU B 2 31  ? 24.364  0.015   -11.497 1.00 60.31 ? 175 LEU A CD2   1 
ATOM   389  N N     . GLY B 2 32  ? 19.874  1.488   -9.052  1.00 53.35 ? 176 GLY A N     1 
ATOM   390  C CA    . GLY B 2 32  ? 19.060  2.660   -8.792  1.00 52.98 ? 176 GLY A CA    1 
ATOM   391  C C     . GLY B 2 32  ? 18.996  3.063   -7.335  1.00 52.47 ? 176 GLY A C     1 
ATOM   392  O O     . GLY B 2 32  ? 18.542  4.160   -7.008  1.00 52.16 ? 176 GLY A O     1 
ATOM   393  N N     . GLY B 2 33  ? 19.490  2.190   -6.463  1.00 51.76 ? 177 GLY A N     1 
ATOM   394  C CA    . GLY B 2 33  ? 19.457  2.452   -5.035  1.00 51.21 ? 177 GLY A CA    1 
ATOM   395  C C     . GLY B 2 33  ? 18.049  2.289   -4.502  1.00 50.69 ? 177 GLY A C     1 
ATOM   396  O O     . GLY B 2 33  ? 17.660  2.934   -3.532  1.00 51.27 ? 177 GLY A O     1 
ATOM   397  N N     . LEU B 2 34  ? 17.298  1.387   -5.126  1.00 50.41 ? 178 LEU A N     1 
ATOM   398  C CA    . LEU B 2 34  ? 15.917  1.142   -4.757  1.00 50.84 ? 178 LEU A CA    1 
ATOM   399  C C     . LEU B 2 34  ? 15.669  0.098   -3.690  1.00 51.13 ? 178 LEU A C     1 
ATOM   400  O O     . LEU B 2 34  ? 14.525  -0.128  -3.319  1.00 52.45 ? 178 LEU A O     1 
ATOM   401  C CB    . LEU B 2 34  ? 15.091  0.831   -6.005  1.00 51.88 ? 178 LEU A CB    1 
ATOM   402  C CG    . LEU B 2 34  ? 14.564  2.023   -6.825  1.00 51.91 ? 178 LEU A CG    1 
ATOM   403  C CD1   . LEU B 2 34  ? 15.624  3.098   -7.026  1.00 51.42 ? 178 LEU A CD1   1 
ATOM   404  C CD2   . LEU B 2 34  ? 14.028  1.536   -8.164  1.00 51.18 ? 178 LEU A CD2   1 
ATOM   405  N N     . THR B 2 35  ? 16.725  -0.525  -3.175  1.00 52.40 ? 179 THR A N     1 
ATOM   406  C CA    . THR B 2 35  ? 16.567  -1.538  -2.125  1.00 52.10 ? 179 THR A CA    1 
ATOM   407  C C     . THR B 2 35  ? 16.453  -0.926  -0.720  1.00 53.16 ? 179 THR A C     1 
ATOM   408  O O     . THR B 2 35  ? 17.050  0.117   -0.439  1.00 53.25 ? 179 THR A O     1 
ATOM   409  C CB    . THR B 2 35  ? 17.723  -2.510  -2.136  1.00 50.28 ? 179 THR A CB    1 
ATOM   410  O OG1   . THR B 2 35  ? 18.936  -1.792  -1.926  1.00 52.29 ? 179 THR A OG1   1 
ATOM   411  C CG2   . THR B 2 35  ? 17.800  -3.205  -3.458  1.00 50.85 ? 179 THR A CG2   1 
ATOM   412  N N     . GLN B 2 36  ? 15.688  -1.578  0.157   1.00 53.97 ? 180 GLN A N     1 
ATOM   413  C CA    . GLN B 2 36  ? 15.497  -1.080  1.517   1.00 54.40 ? 180 GLN A CA    1 
ATOM   414  C C     . GLN B 2 36  ? 16.459  -1.635  2.554   1.00 55.60 ? 180 GLN A C     1 
ATOM   415  O O     . GLN B 2 36  ? 16.696  -1.008  3.588   1.00 58.68 ? 180 GLN A O     1 
ATOM   416  C CB    . GLN B 2 36  ? 14.054  -1.274  1.983   1.00 54.10 ? 180 GLN A CB    1 
ATOM   417  C CG    . GLN B 2 36  ? 13.542  -2.695  2.017   1.00 56.04 ? 180 GLN A CG    1 
ATOM   418  C CD    . GLN B 2 36  ? 12.040  -2.758  2.321   1.00 57.85 ? 180 GLN A CD    1 
ATOM   419  O OE1   . GLN B 2 36  ? 11.562  -3.687  2.976   1.00 60.47 ? 180 GLN A OE1   1 
ATOM   420  N NE2   . GLN B 2 36  ? 11.294  -1.764  1.845   1.00 59.04 ? 180 GLN A NE2   1 
ATOM   421  N N     . ALA B 2 37  ? 17.036  -2.792  2.268   1.00 55.13 ? 181 ALA A N     1 
ATOM   422  C CA    . ALA B 2 37  ? 17.971  -3.427  3.175   1.00 52.66 ? 181 ALA A CA    1 
ATOM   423  C C     . ALA B 2 37  ? 19.026  -4.147  2.355   1.00 52.99 ? 181 ALA A C     1 
ATOM   424  O O     . ALA B 2 37  ? 18.930  -4.223  1.135   1.00 53.31 ? 181 ALA A O     1 
ATOM   425  C CB    . ALA B 2 37  ? 17.235  -4.395  4.063   1.00 52.60 ? 181 ALA A CB    1 
ATOM   426  N N     . PRO B 2 38  ? 20.096  -4.617  3.002   1.00 53.90 ? 182 PRO A N     1 
ATOM   427  C CA    . PRO B 2 38  ? 21.109  -5.315  2.210   1.00 54.92 ? 182 PRO A CA    1 
ATOM   428  C C     . PRO B 2 38  ? 20.520  -6.594  1.608   1.00 55.67 ? 182 PRO A C     1 
ATOM   429  O O     . PRO B 2 38  ? 19.511  -7.111  2.104   1.00 53.54 ? 182 PRO A O     1 
ATOM   430  C CB    . PRO B 2 38  ? 22.189  -5.627  3.244   1.00 54.32 ? 182 PRO A CB    1 
ATOM   431  C CG    . PRO B 2 38  ? 22.056  -4.492  4.216   1.00 54.55 ? 182 PRO A CG    1 
ATOM   432  C CD    . PRO B 2 38  ? 20.566  -4.384  4.378   1.00 53.03 ? 182 PRO A CD    1 
ATOM   433  N N     . GLY B 2 39  ? 21.123  -7.061  0.514   1.00 55.52 ? 183 GLY A N     1 
ATOM   434  C CA    . GLY B 2 39  ? 20.653  -8.270  -0.134  1.00 55.32 ? 183 GLY A CA    1 
ATOM   435  C C     . GLY B 2 39  ? 19.670  -8.009  -1.250  1.00 54.62 ? 183 GLY A C     1 
ATOM   436  O O     . GLY B 2 39  ? 19.034  -6.962  -1.281  1.00 55.25 ? 183 GLY A O     1 
ATOM   437  N N     . ASN B 2 40  ? 19.516  -8.995  -2.131  1.00 55.53 ? 184 ASN A N     1 
ATOM   438  C CA    . ASN B 2 40  ? 18.626  -8.917  -3.294  1.00 53.67 ? 184 ASN A CA    1 
ATOM   439  C C     . ASN B 2 40  ? 17.142  -8.888  -2.985  1.00 53.45 ? 184 ASN A C     1 
ATOM   440  O O     . ASN B 2 40  ? 16.655  -9.658  -2.162  1.00 54.97 ? 184 ASN A O     1 
ATOM   441  C CB    . ASN B 2 40  ? 18.869  -10.101 -4.224  1.00 52.54 ? 184 ASN A CB    1 
ATOM   442  C CG    . ASN B 2 40  ? 20.239  -10.095 -4.846  1.00 52.84 ? 184 ASN A CG    1 
ATOM   443  O OD1   . ASN B 2 40  ? 20.911  -9.061  -4.928  1.00 54.83 ? 184 ASN A OD1   1 
ATOM   444  N ND2   . ASN B 2 40  ? 20.660  -11.260 -5.315  1.00 56.15 ? 184 ASN A ND2   1 
ATOM   445  N N     . PRO B 2 41  ? 16.393  -8.019  -3.676  1.00 53.50 ? 185 PRO A N     1 
ATOM   446  C CA    . PRO B 2 41  ? 14.947  -7.908  -3.474  1.00 52.73 ? 185 PRO A CA    1 
ATOM   447  C C     . PRO B 2 41  ? 14.243  -9.100  -4.109  1.00 52.89 ? 185 PRO A C     1 
ATOM   448  O O     . PRO B 2 41  ? 13.492  -9.813  -3.452  1.00 53.60 ? 185 PRO A O     1 
ATOM   449  C CB    . PRO B 2 41  ? 14.604  -6.633  -4.236  1.00 51.82 ? 185 PRO A CB    1 
ATOM   450  C CG    . PRO B 2 41  ? 15.849  -5.860  -4.191  1.00 51.39 ? 185 PRO A CG    1 
ATOM   451  C CD    . PRO B 2 41  ? 16.876  -6.894  -4.486  1.00 52.56 ? 185 PRO A CD    1 
ATOM   452  N N     . VAL B 2 42  ? 14.503  -9.300  -5.398  1.00 53.74 ? 186 VAL A N     1 
ATOM   453  C CA    . VAL B 2 42  ? 13.898  -10.376 -6.173  1.00 53.45 ? 186 VAL A CA    1 
ATOM   454  C C     . VAL B 2 42  ? 14.404  -11.757 -5.772  1.00 54.20 ? 186 VAL A C     1 
ATOM   455  O O     . VAL B 2 42  ? 15.551  -12.120 -6.044  1.00 54.81 ? 186 VAL A O     1 
ATOM   456  C CB    . VAL B 2 42  ? 14.133  -10.170 -7.672  1.00 51.80 ? 186 VAL A CB    1 
ATOM   457  C CG1   . VAL B 2 42  ? 13.269  -11.122 -8.469  1.00 54.39 ? 186 VAL A CG1   1 
ATOM   458  C CG2   . VAL B 2 42  ? 13.836  -8.746  -8.049  1.00 51.93 ? 186 VAL A CG2   1 
ATOM   459  N N     . LEU B 2 43  ? 13.508  -12.531 -5.166  1.00 54.54 ? 187 LEU A N     1 
ATOM   460  C CA    . LEU B 2 43  ? 13.792  -13.877 -4.685  1.00 55.47 ? 187 LEU A CA    1 
ATOM   461  C C     . LEU B 2 43  ? 13.642  -14.924 -5.764  1.00 56.03 ? 187 LEU A C     1 
ATOM   462  O O     . LEU B 2 43  ? 14.397  -15.886 -5.802  1.00 58.79 ? 187 LEU A O     1 
ATOM   463  C CB    . LEU B 2 43  ? 12.845  -14.227 -3.540  1.00 56.80 ? 187 LEU A CB    1 
ATOM   464  C CG    . LEU B 2 43  ? 12.718  -13.191 -2.420  1.00 57.76 ? 187 LEU A CG    1 
ATOM   465  C CD1   . LEU B 2 43  ? 11.543  -13.545 -1.547  1.00 61.47 ? 187 LEU A CD1   1 
ATOM   466  C CD2   . LEU B 2 43  ? 13.990  -13.099 -1.599  1.00 57.38 ? 187 LEU A CD2   1 
ATOM   467  N N     . ALA B 2 44  ? 12.630  -14.764 -6.610  1.00 56.76 ? 188 ALA A N     1 
ATOM   468  C CA    . ALA B 2 44  ? 12.377  -15.713 -7.686  1.00 55.40 ? 188 ALA A CA    1 
ATOM   469  C C     . ALA B 2 44  ? 11.605  -15.064 -8.816  1.00 56.07 ? 188 ALA A C     1 
ATOM   470  O O     . ALA B 2 44  ? 11.069  -13.967 -8.663  1.00 55.89 ? 188 ALA A O     1 
ATOM   471  C CB    . ALA B 2 44  ? 11.608  -16.902 -7.159  1.00 56.89 ? 188 ALA A CB    1 
ATOM   472  N N     . VAL B 2 45  ? 11.576  -15.741 -9.959  1.00 56.10 ? 189 VAL A N     1 
ATOM   473  C CA    . VAL B 2 45  ? 10.859  -15.256 -11.128 1.00 58.07 ? 189 VAL A CA    1 
ATOM   474  C C     . VAL B 2 45  ? 10.463  -16.426 -12.015 1.00 59.84 ? 189 VAL A C     1 
ATOM   475  O O     . VAL B 2 45  ? 11.314  -17.128 -12.543 1.00 62.86 ? 189 VAL A O     1 
ATOM   476  C CB    . VAL B 2 45  ? 11.674  -14.177 -11.923 1.00 57.72 ? 189 VAL A CB    1 
ATOM   477  C CG1   . VAL B 2 45  ? 13.141  -14.391 -11.757 1.00 59.13 ? 189 VAL A CG1   1 
ATOM   478  C CG2   . VAL B 2 45  ? 11.311  -14.189 -13.413 1.00 57.81 ? 189 VAL A CG2   1 
ATOM   479  N N     . GLN B 2 46  ? 9.159   -16.651 -12.138 1.00 61.72 ? 190 GLN A N     1 
ATOM   480  C CA    . GLN B 2 46  ? 8.626   -17.738 -12.954 1.00 62.77 ? 190 GLN A CA    1 
ATOM   481  C C     . GLN B 2 46  ? 8.158   -17.242 -14.320 1.00 61.74 ? 190 GLN A C     1 
ATOM   482  O O     . GLN B 2 46  ? 7.401   -16.275 -14.413 1.00 59.73 ? 190 GLN A O     1 
ATOM   483  C CB    . GLN B 2 46  ? 7.462   -18.393 -12.238 1.00 66.22 ? 190 GLN A CB    1 
ATOM   484  C CG    . GLN B 2 46  ? 7.758   -18.751 -10.813 1.00 72.22 ? 190 GLN A CG    1 
ATOM   485  C CD    . GLN B 2 46  ? 6.495   -18.789 -9.988  1.00 77.84 ? 190 GLN A CD    1 
ATOM   486  O OE1   . GLN B 2 46  ? 5.957   -17.737 -9.601  1.00 79.98 ? 190 GLN A OE1   1 
ATOM   487  N NE2   . GLN B 2 46  ? 5.983   -19.999 -9.741  1.00 79.65 ? 190 GLN A NE2   1 
ATOM   488  N N     . ILE B 2 47  ? 8.587   -17.937 -15.372 1.00 61.61 ? 191 ILE A N     1 
ATOM   489  C CA    . ILE B 2 47  ? 8.235   -17.575 -16.744 1.00 60.68 ? 191 ILE A CA    1 
ATOM   490  C C     . ILE B 2 47  ? 7.284   -18.556 -17.416 1.00 60.89 ? 191 ILE A C     1 
ATOM   491  O O     . ILE B 2 47  ? 7.448   -19.759 -17.301 1.00 62.58 ? 191 ILE A O     1 
ATOM   492  C CB    . ILE B 2 47  ? 9.501   -17.452 -17.628 1.00 59.33 ? 191 ILE A CB    1 
ATOM   493  C CG1   . ILE B 2 47  ? 10.353  -16.271 -17.167 1.00 56.72 ? 191 ILE A CG1   1 
ATOM   494  C CG2   . ILE B 2 47  ? 9.121   -17.285 -19.091 1.00 57.20 ? 191 ILE A CG2   1 
ATOM   495  C CD1   . ILE B 2 47  ? 11.646  -16.163 -17.891 1.00 54.58 ? 191 ILE A CD1   1 
ATOM   496  N N     . ASN B 2 48  ? 6.267   -18.020 -18.079 1.00 61.46 ? 192 ASN A N     1 
ATOM   497  C CA    . ASN B 2 48  ? 5.299   -18.809 -18.832 1.00 61.82 ? 192 ASN A CA    1 
ATOM   498  C C     . ASN B 2 48  ? 5.687   -18.413 -20.245 1.00 62.61 ? 192 ASN A C     1 
ATOM   499  O O     . ASN B 2 48  ? 5.156   -17.442 -20.793 1.00 63.17 ? 192 ASN A O     1 
ATOM   500  C CB    . ASN B 2 48  ? 3.877   -18.333 -18.525 1.00 62.15 ? 192 ASN A CB    1 
ATOM   501  C CG    . ASN B 2 48  ? 2.814   -19.220 -19.135 1.00 61.14 ? 192 ASN A CG    1 
ATOM   502  O OD1   . ASN B 2 48  ? 2.903   -19.624 -20.290 1.00 62.25 ? 192 ASN A OD1   1 
ATOM   503  N ND2   . ASN B 2 48  ? 1.790   -19.518 -18.358 1.00 62.39 ? 192 ASN A ND2   1 
ATOM   504  N N     . GLN B 2 49  ? 6.633   -19.150 -20.822 1.00 64.27 ? 193 GLN A N     1 
ATOM   505  C CA    . GLN B 2 49  ? 7.147   -18.823 -22.147 1.00 67.05 ? 193 GLN A CA    1 
ATOM   506  C C     . GLN B 2 49  ? 6.122   -18.619 -23.260 1.00 67.32 ? 193 GLN A C     1 
ATOM   507  O O     . GLN B 2 49  ? 6.181   -17.611 -23.969 1.00 67.97 ? 193 GLN A O     1 
ATOM   508  C CB    . GLN B 2 49  ? 8.255   -19.791 -22.582 1.00 68.72 ? 193 GLN A CB    1 
ATOM   509  C CG    . GLN B 2 49  ? 9.363   -19.084 -23.389 1.00 75.04 ? 193 GLN A CG    1 
ATOM   510  C CD    . GLN B 2 49  ? 10.238  -20.037 -24.212 1.00 79.31 ? 193 GLN A CD    1 
ATOM   511  O OE1   . GLN B 2 49  ? 10.182  -20.041 -25.448 1.00 80.36 ? 193 GLN A OE1   1 
ATOM   512  N NE2   . GLN B 2 49  ? 11.059  -20.833 -23.528 1.00 80.86 ? 193 GLN A NE2   1 
ATOM   513  N N     . ASP B 2 50  ? 5.165   -19.528 -23.403 1.00 67.68 ? 194 ASP A N     1 
ATOM   514  C CA    . ASP B 2 50  ? 4.181   -19.354 -24.462 1.00 69.60 ? 194 ASP A CA    1 
ATOM   515  C C     . ASP B 2 50  ? 3.305   -18.133 -24.280 1.00 69.40 ? 194 ASP A C     1 
ATOM   516  O O     . ASP B 2 50  ? 2.994   -17.437 -25.244 1.00 71.62 ? 194 ASP A O     1 
ATOM   517  C CB    . ASP B 2 50  ? 3.274   -20.565 -24.620 1.00 71.39 ? 194 ASP A CB    1 
ATOM   518  C CG    . ASP B 2 50  ? 2.240   -20.359 -25.727 1.00 74.09 ? 194 ASP A CG    1 
ATOM   519  O OD1   . ASP B 2 50  ? 2.648   -20.232 -26.914 1.00 73.40 ? 194 ASP A OD1   1 
ATOM   520  O OD2   . ASP B 2 50  ? 1.028   -20.280 -25.400 1.00 74.67 ? 194 ASP A OD2   1 
ATOM   521  N N     . LYS B 2 51  ? 2.878   -17.894 -23.050 1.00 67.45 ? 195 LYS A N     1 
ATOM   522  C CA    . LYS B 2 51  ? 2.016   -16.763 -22.768 1.00 62.85 ? 195 LYS A CA    1 
ATOM   523  C C     . LYS B 2 51  ? 2.784   -15.453 -22.777 1.00 61.88 ? 195 LYS A C     1 
ATOM   524  O O     . LYS B 2 51  ? 2.194   -14.375 -22.648 1.00 59.64 ? 195 LYS A O     1 
ATOM   525  C CB    . LYS B 2 51  ? 1.292   -16.991 -21.447 1.00 63.64 ? 195 LYS A CB    1 
ATOM   526  C CG    . LYS B 2 51  ? 0.192   -18.032 -21.532 1.00 64.79 ? 195 LYS A CG    1 
ATOM   527  C CD    . LYS B 2 51  ? -1.127  -17.344 -21.824 1.00 67.21 ? 195 LYS A CD    1 
ATOM   528  C CE    . LYS B 2 51  ? -1.990  -18.150 -22.762 1.00 68.89 ? 195 LYS A CE    1 
ATOM   529  N NZ    . LYS B 2 51  ? -1.314  -18.295 -24.083 1.00 69.41 ? 195 LYS A NZ    1 
ATOM   530  N N     . ASN B 2 52  ? 4.101   -15.566 -22.955 1.00 60.10 ? 196 ASN A N     1 
ATOM   531  C CA    . ASN B 2 52  ? 5.012   -14.421 -23.021 1.00 57.89 ? 196 ASN A CA    1 
ATOM   532  C C     . ASN B 2 52  ? 4.995   -13.516 -21.787 1.00 57.61 ? 196 ASN A C     1 
ATOM   533  O O     . ASN B 2 52  ? 4.967   -12.290 -21.900 1.00 57.90 ? 196 ASN A O     1 
ATOM   534  C CB    . ASN B 2 52  ? 4.730   -13.595 -24.274 1.00 55.82 ? 196 ASN A CB    1 
ATOM   535  C CG    . ASN B 2 52  ? 5.791   -12.551 -24.533 1.00 55.31 ? 196 ASN A CG    1 
ATOM   536  O OD1   . ASN B 2 52  ? 5.488   -11.388 -24.818 1.00 53.44 ? 196 ASN A OD1   1 
ATOM   537  N ND2   . ASN B 2 52  ? 7.045   -12.958 -24.429 1.00 53.41 ? 196 ASN A ND2   1 
ATOM   538  N N     . PHE B 2 53  ? 5.041   -14.117 -20.607 1.00 56.93 ? 197 PHE A N     1 
ATOM   539  C CA    . PHE B 2 53  ? 5.040   -13.323 -19.393 1.00 57.83 ? 197 PHE A CA    1 
ATOM   540  C C     . PHE B 2 53  ? 5.708   -14.033 -18.230 1.00 56.66 ? 197 PHE A C     1 
ATOM   541  O O     . PHE B 2 53  ? 5.846   -15.259 -18.219 1.00 55.58 ? 197 PHE A O     1 
ATOM   542  C CB    . PHE B 2 53  ? 3.606   -12.888 -19.015 1.00 60.82 ? 197 PHE A CB    1 
ATOM   543  C CG    . PHE B 2 53  ? 2.793   -13.957 -18.326 1.00 62.51 ? 197 PHE A CG    1 
ATOM   544  C CD1   . PHE B 2 53  ? 2.863   -14.126 -16.949 1.00 62.99 ? 197 PHE A CD1   1 
ATOM   545  C CD2   . PHE B 2 53  ? 1.962   -14.797 -19.053 1.00 64.25 ? 197 PHE A CD2   1 
ATOM   546  C CE1   . PHE B 2 53  ? 2.122   -15.114 -16.316 1.00 63.49 ? 197 PHE A CE1   1 
ATOM   547  C CE2   . PHE B 2 53  ? 1.216   -15.791 -18.416 1.00 63.76 ? 197 PHE A CE2   1 
ATOM   548  C CZ    . PHE B 2 53  ? 1.299   -15.946 -17.051 1.00 62.88 ? 197 PHE A CZ    1 
ATOM   549  N N     . ALA B 2 54  ? 6.116   -13.242 -17.248 1.00 55.52 ? 198 ALA A N     1 
ATOM   550  C CA    . ALA B 2 54  ? 6.752   -13.770 -16.060 1.00 55.22 ? 198 ALA A CA    1 
ATOM   551  C C     . ALA B 2 54  ? 6.247   -12.993 -14.872 1.00 55.38 ? 198 ALA A C     1 
ATOM   552  O O     . ALA B 2 54  ? 5.692   -11.901 -15.015 1.00 57.32 ? 198 ALA A O     1 
ATOM   553  C CB    . ALA B 2 54  ? 8.247   -13.637 -16.158 1.00 54.38 ? 198 ALA A CB    1 
ATOM   554  N N     . PHE B 2 55  ? 6.367   -13.599 -13.702 1.00 56.42 ? 199 PHE A N     1 
ATOM   555  C CA    . PHE B 2 55  ? 5.981   -12.944 -12.465 1.00 55.79 ? 199 PHE A CA    1 
ATOM   556  C C     . PHE B 2 55  ? 7.248   -12.829 -11.618 1.00 54.17 ? 199 PHE A C     1 
ATOM   557  O O     . PHE B 2 55  ? 8.087   -13.720 -11.635 1.00 53.02 ? 199 PHE A O     1 
ATOM   558  C CB    . PHE B 2 55  ? 4.909   -13.748 -11.737 1.00 56.65 ? 199 PHE A CB    1 
ATOM   559  C CG    . PHE B 2 55  ? 3.507   -13.316 -12.051 1.00 59.29 ? 199 PHE A CG    1 
ATOM   560  C CD1   . PHE B 2 55  ? 2.788   -12.542 -11.148 1.00 61.88 ? 199 PHE A CD1   1 
ATOM   561  C CD2   . PHE B 2 55  ? 2.888   -13.700 -13.235 1.00 60.94 ? 199 PHE A CD2   1 
ATOM   562  C CE1   . PHE B 2 55  ? 1.469   -12.160 -11.418 1.00 61.86 ? 199 PHE A CE1   1 
ATOM   563  C CE2   . PHE B 2 55  ? 1.569   -13.324 -13.513 1.00 59.81 ? 199 PHE A CE2   1 
ATOM   564  C CZ    . PHE B 2 55  ? 0.863   -12.553 -12.602 1.00 60.54 ? 199 PHE A CZ    1 
ATOM   565  N N     . LEU B 2 56  ? 7.436   -11.688 -10.969 1.00 52.80 ? 200 LEU A N     1 
ATOM   566  C CA    . LEU B 2 56  ? 8.597   -11.485 -10.120 1.00 53.47 ? 200 LEU A CA    1 
ATOM   567  C C     . LEU B 2 56  ? 8.137   -11.618 -8.685  1.00 55.44 ? 200 LEU A C     1 
ATOM   568  O O     . LEU B 2 56  ? 7.094   -11.076 -8.312  1.00 57.03 ? 200 LEU A O     1 
ATOM   569  C CB    . LEU B 2 56  ? 9.174   -10.083 -10.313 1.00 52.12 ? 200 LEU A CB    1 
ATOM   570  C CG    . LEU B 2 56  ? 9.654   -9.700  -11.700 1.00 51.83 ? 200 LEU A CG    1 
ATOM   571  C CD1   . LEU B 2 56  ? 10.196  -8.288  -11.666 1.00 51.26 ? 200 LEU A CD1   1 
ATOM   572  C CD2   . LEU B 2 56  ? 10.718  -10.679 -12.146 1.00 53.49 ? 200 LEU A CD2   1 
ATOM   573  N N     . GLU B 2 57  ? 8.911   -12.340 -7.883  1.00 57.15 ? 201 GLU A N     1 
ATOM   574  C CA    . GLU B 2 57  ? 8.585   -12.522 -6.480  1.00 58.20 ? 201 GLU A CA    1 
ATOM   575  C C     . GLU B 2 57  ? 9.604   -11.734 -5.658  1.00 58.48 ? 201 GLU A C     1 
ATOM   576  O O     . GLU B 2 57  ? 10.809  -11.924 -5.809  1.00 57.92 ? 201 GLU A O     1 
ATOM   577  C CB    . GLU B 2 57  ? 8.619   -14.002 -6.116  1.00 60.29 ? 201 GLU A CB    1 
ATOM   578  C CG    . GLU B 2 57  ? 8.055   -14.323 -4.738  1.00 66.57 ? 201 GLU A CG    1 
ATOM   579  C CD    . GLU B 2 57  ? 8.248   -15.792 -4.337  1.00 71.44 ? 201 GLU A CD    1 
ATOM   580  O OE1   . GLU B 2 57  ? 8.401   -16.658 -5.237  1.00 72.95 ? 201 GLU A OE1   1 
ATOM   581  O OE2   . GLU B 2 57  ? 8.250   -16.081 -3.116  1.00 74.40 ? 201 GLU A OE2   1 
ATOM   582  N N     . PHE B 2 58  ? 9.105   -10.813 -4.830  1.00 58.55 ? 202 PHE A N     1 
ATOM   583  C CA    . PHE B 2 58  ? 9.946   -9.970  -3.982  1.00 57.78 ? 202 PHE A CA    1 
ATOM   584  C C     . PHE B 2 58  ? 9.911   -10.384 -2.519  1.00 58.20 ? 202 PHE A C     1 
ATOM   585  O O     . PHE B 2 58  ? 8.993   -11.073 -2.079  1.00 58.58 ? 202 PHE A O     1 
ATOM   586  C CB    . PHE B 2 58  ? 9.512   -8.520  -4.091  1.00 55.65 ? 202 PHE A CB    1 
ATOM   587  C CG    . PHE B 2 58  ? 9.771   -7.917  -5.424  1.00 56.02 ? 202 PHE A CG    1 
ATOM   588  C CD1   . PHE B 2 58  ? 10.911  -7.144  -5.639  1.00 55.95 ? 202 PHE A CD1   1 
ATOM   589  C CD2   . PHE B 2 58  ? 8.861   -8.081  -6.462  1.00 55.86 ? 202 PHE A CD2   1 
ATOM   590  C CE1   . PHE B 2 58  ? 11.136  -6.538  -6.864  1.00 54.89 ? 202 PHE A CE1   1 
ATOM   591  C CE2   . PHE B 2 58  ? 9.078   -7.479  -7.691  1.00 55.53 ? 202 PHE A CE2   1 
ATOM   592  C CZ    . PHE B 2 58  ? 10.214  -6.704  -7.893  1.00 54.66 ? 202 PHE A CZ    1 
ATOM   593  N N     . ARG B 2 59  ? 10.899  -9.920  -1.762  1.00 57.56 ? 203 ARG A N     1 
ATOM   594  C CA    . ARG B 2 59  ? 10.996  -10.247 -0.345  1.00 57.26 ? 203 ARG A CA    1 
ATOM   595  C C     . ARG B 2 59  ? 10.213  -9.275  0.502   1.00 57.75 ? 203 ARG A C     1 
ATOM   596  O O     . ARG B 2 59  ? 9.860   -9.584  1.644   1.00 58.68 ? 203 ARG A O     1 
ATOM   597  C CB    . ARG B 2 59  ? 12.451  -10.213 0.105   1.00 56.45 ? 203 ARG A CB    1 
ATOM   598  C CG    . ARG B 2 59  ? 13.064  -8.839  -0.009  1.00 55.21 ? 203 ARG A CG    1 
ATOM   599  C CD    . ARG B 2 59  ? 14.490  -8.837  0.450   1.00 56.43 ? 203 ARG A CD    1 
ATOM   600  N NE    . ARG B 2 59  ? 15.103  -7.538  0.223   1.00 57.49 ? 203 ARG A NE    1 
ATOM   601  C CZ    . ARG B 2 59  ? 16.343  -7.226  0.577   1.00 57.58 ? 203 ARG A CZ    1 
ATOM   602  N NH1   . ARG B 2 59  ? 17.109  -8.125  1.179   1.00 58.70 ? 203 ARG A NH1   1 
ATOM   603  N NH2   . ARG B 2 59  ? 16.817  -6.019  0.320   1.00 57.62 ? 203 ARG A NH2   1 
ATOM   604  N N     . SER B 2 60  ? 9.946   -8.099  -0.055  1.00 57.28 ? 204 SER A N     1 
ATOM   605  C CA    . SER B 2 60  ? 9.219   -7.072  0.674   1.00 57.07 ? 204 SER A CA    1 
ATOM   606  C C     . SER B 2 60  ? 8.175   -6.371  -0.173  1.00 56.73 ? 204 SER A C     1 
ATOM   607  O O     . SER B 2 60  ? 8.325   -6.231  -1.379  1.00 57.08 ? 204 SER A O     1 
ATOM   608  C CB    . SER B 2 60  ? 10.193  -6.030  1.194   1.00 58.05 ? 204 SER A CB    1 
ATOM   609  O OG    . SER B 2 60  ? 10.672  -5.244  0.124   1.00 56.65 ? 204 SER A OG    1 
ATOM   610  N N     . VAL B 2 61  ? 7.154   -5.864  0.503   1.00 56.81 ? 205 VAL A N     1 
ATOM   611  C CA    . VAL B 2 61  ? 6.046   -5.167  -0.122  1.00 55.52 ? 205 VAL A CA    1 
ATOM   612  C C     . VAL B 2 61  ? 6.482   -3.866  -0.759  1.00 56.00 ? 205 VAL A C     1 
ATOM   613  O O     . VAL B 2 61  ? 6.069   -3.530  -1.868  1.00 56.86 ? 205 VAL A O     1 
ATOM   614  C CB    . VAL B 2 61  ? 4.980   -4.840  0.919   1.00 53.89 ? 205 VAL A CB    1 
ATOM   615  C CG1   . VAL B 2 61  ? 3.798   -4.176  0.272   1.00 55.49 ? 205 VAL A CG1   1 
ATOM   616  C CG2   . VAL B 2 61  ? 4.553   -6.095  1.622   1.00 56.31 ? 205 VAL A CG2   1 
ATOM   617  N N     . ASP B 2 62  ? 7.323   -3.127  -0.057  1.00 56.10 ? 206 ASP A N     1 
ATOM   618  C CA    . ASP B 2 62  ? 7.754   -1.844  -0.573  1.00 56.13 ? 206 ASP A CA    1 
ATOM   619  C C     . ASP B 2 62  ? 8.637   -1.952  -1.789  1.00 53.45 ? 206 ASP A C     1 
ATOM   620  O O     . ASP B 2 62  ? 8.548   -1.129  -2.687  1.00 53.95 ? 206 ASP A O     1 
ATOM   621  C CB    . ASP B 2 62  ? 8.444   -1.039  0.514   1.00 59.99 ? 206 ASP A CB    1 
ATOM   622  C CG    . ASP B 2 62  ? 9.009   0.255   -0.007  1.00 63.34 ? 206 ASP A CG    1 
ATOM   623  O OD1   . ASP B 2 62  ? 10.257  0.390   -0.006  1.00 65.81 ? 206 ASP A OD1   1 
ATOM   624  O OD2   . ASP B 2 62  ? 8.208   1.122   -0.425  1.00 64.90 ? 206 ASP A OD2   1 
ATOM   625  N N     . GLU B 2 63  ? 9.506   -2.956  -1.805  1.00 52.74 ? 207 GLU A N     1 
ATOM   626  C CA    . GLU B 2 63  ? 10.406  -3.165  -2.929  1.00 50.12 ? 207 GLU A CA    1 
ATOM   627  C C     . GLU B 2 63  ? 9.616   -3.616  -4.155  1.00 50.38 ? 207 GLU A C     1 
ATOM   628  O O     . GLU B 2 63  ? 9.963   -3.280  -5.289  1.00 50.40 ? 207 GLU A O     1 
ATOM   629  C CB    . GLU B 2 63  ? 11.522  -4.140  -2.543  1.00 48.64 ? 207 GLU A CB    1 
ATOM   630  C CG    . GLU B 2 63  ? 12.461  -3.534  -1.499  1.00 46.96 ? 207 GLU A CG    1 
ATOM   631  C CD    . GLU B 2 63  ? 13.590  -4.457  -1.058  1.00 48.79 ? 207 GLU A CD    1 
ATOM   632  O OE1   . GLU B 2 63  ? 13.321  -5.635  -0.737  1.00 47.96 ? 207 GLU A OE1   1 
ATOM   633  O OE2   . GLU B 2 63  ? 14.747  -3.986  -0.987  1.00 47.21 ? 207 GLU A OE2   1 
ATOM   634  N N     . THR B 2 64  ? 8.519   -4.328  -3.910  1.00 51.10 ? 208 THR A N     1 
ATOM   635  C CA    . THR B 2 64  ? 7.622   -4.784  -4.965  1.00 51.62 ? 208 THR A CA    1 
ATOM   636  C C     . THR B 2 64  ? 7.094   -3.525  -5.650  1.00 53.17 ? 208 THR A C     1 
ATOM   637  O O     . THR B 2 64  ? 7.057   -3.424  -6.876  1.00 54.54 ? 208 THR A O     1 
ATOM   638  C CB    . THR B 2 64  ? 6.422   -5.519  -4.368  1.00 51.66 ? 208 THR A CB    1 
ATOM   639  O OG1   . THR B 2 64  ? 6.871   -6.642  -3.595  1.00 48.39 ? 208 THR A OG1   1 
ATOM   640  C CG2   . THR B 2 64  ? 5.483   -5.987  -5.469  1.00 54.55 ? 208 THR A CG2   1 
ATOM   641  N N     . THR B 2 65  ? 6.741   -2.540  -4.832  1.00 54.42 ? 209 THR A N     1 
ATOM   642  C CA    . THR B 2 65  ? 6.219   -1.271  -5.321  1.00 54.66 ? 209 THR A CA    1 
ATOM   643  C C     . THR B 2 65  ? 7.283   -0.470  -6.053  1.00 56.50 ? 209 THR A C     1 
ATOM   644  O O     . THR B 2 65  ? 7.044   0.050   -7.144  1.00 58.67 ? 209 THR A O     1 
ATOM   645  C CB    . THR B 2 65  ? 5.690   -0.421  -4.168  1.00 51.36 ? 209 THR A CB    1 
ATOM   646  O OG1   . THR B 2 65  ? 4.681   -1.153  -3.475  1.00 54.92 ? 209 THR A OG1   1 
ATOM   647  C CG2   . THR B 2 65  ? 5.100   0.858   -4.677  1.00 47.69 ? 209 THR A CG2   1 
ATOM   648  N N     . GLN B 2 66  ? 8.466   -0.399  -5.461  1.00 56.15 ? 210 GLN A N     1 
ATOM   649  C CA    . GLN B 2 66  ? 9.554   0.362   -6.037  1.00 55.84 ? 210 GLN A CA    1 
ATOM   650  C C     . GLN B 2 66  ? 9.921   -0.067  -7.442  1.00 55.67 ? 210 GLN A C     1 
ATOM   651  O O     . GLN B 2 66  ? 10.172  0.775   -8.300  1.00 56.10 ? 210 GLN A O     1 
ATOM   652  C CB    . GLN B 2 66  ? 10.776  0.266   -5.143  1.00 58.53 ? 210 GLN A CB    1 
ATOM   653  C CG    . GLN B 2 66  ? 11.437  1.594   -4.882  1.00 59.17 ? 210 GLN A CG    1 
ATOM   654  C CD    . GLN B 2 66  ? 10.555  2.513   -4.103  1.00 60.13 ? 210 GLN A CD    1 
ATOM   655  O OE1   . GLN B 2 66  ? 10.594  3.725   -4.289  1.00 62.74 ? 210 GLN A OE1   1 
ATOM   656  N NE2   . GLN B 2 66  ? 9.742   1.946   -3.213  1.00 61.19 ? 210 GLN A NE2   1 
ATOM   657  N N     . ALA B 2 67  ? 9.925   -1.375  -7.679  1.00 55.27 ? 211 ALA A N     1 
ATOM   658  C CA    . ALA B 2 67  ? 10.287  -1.920  -8.984  1.00 54.47 ? 211 ALA A CA    1 
ATOM   659  C C     . ALA B 2 67  ? 9.364   -1.499  -10.119 1.00 55.78 ? 211 ALA A C     1 
ATOM   660  O O     . ALA B 2 67  ? 9.761   -1.510  -11.286 1.00 57.91 ? 211 ALA A O     1 
ATOM   661  C CB    . ALA B 2 67  ? 10.386  -3.434  -8.913  1.00 53.83 ? 211 ALA A CB    1 
ATOM   662  N N     . MET B 2 68  ? 8.149   -1.085  -9.783  1.00 55.12 ? 212 MET A N     1 
ATOM   663  C CA    . MET B 2 68  ? 7.198   -0.669  -10.800 1.00 54.03 ? 212 MET A CA    1 
ATOM   664  C C     . MET B 2 68  ? 7.650   0.533   -11.625 1.00 54.51 ? 212 MET A C     1 
ATOM   665  O O     . MET B 2 68  ? 7.111   0.792   -12.694 1.00 54.57 ? 212 MET A O     1 
ATOM   666  C CB    . MET B 2 68  ? 5.840   -0.416  -10.166 1.00 54.64 ? 212 MET A CB    1 
ATOM   667  C CG    . MET B 2 68  ? 5.194   -1.683  -9.676  1.00 57.16 ? 212 MET A CG    1 
ATOM   668  S SD    . MET B 2 68  ? 3.536   -1.400  -9.139  1.00 63.66 ? 212 MET A SD    1 
ATOM   669  C CE    . MET B 2 68  ? 2.697   -1.175  -10.693 1.00 60.27 ? 212 MET A CE    1 
ATOM   670  N N     . ALA B 2 69  ? 8.648   1.262   -11.137 1.00 54.88 ? 213 ALA A N     1 
ATOM   671  C CA    . ALA B 2 69  ? 9.166   2.415   -11.864 1.00 53.53 ? 213 ALA A CA    1 
ATOM   672  C C     . ALA B 2 69  ? 9.928   1.927   -13.099 1.00 54.46 ? 213 ALA A C     1 
ATOM   673  O O     . ALA B 2 69  ? 10.356  2.725   -13.944 1.00 55.72 ? 213 ALA A O     1 
ATOM   674  C CB    . ALA B 2 69  ? 10.079  3.221   -10.970 1.00 52.86 ? 213 ALA A CB    1 
ATOM   675  N N     . PHE B 2 70  ? 10.118  0.612   -13.179 1.00 52.82 ? 214 PHE A N     1 
ATOM   676  C CA    . PHE B 2 70  ? 10.817  0.004   -14.297 1.00 52.88 ? 214 PHE A CA    1 
ATOM   677  C C     . PHE B 2 70  ? 9.877   -0.379  -15.432 1.00 53.79 ? 214 PHE A C     1 
ATOM   678  O O     . PHE B 2 70  ? 10.249  -1.137  -16.324 1.00 55.52 ? 214 PHE A O     1 
ATOM   679  C CB    . PHE B 2 70  ? 11.613  -1.215  -13.817 1.00 50.62 ? 214 PHE A CB    1 
ATOM   680  C CG    . PHE B 2 70  ? 12.846  -0.851  -13.036 1.00 51.25 ? 214 PHE A CG    1 
ATOM   681  C CD1   . PHE B 2 70  ? 13.618  0.258   -13.402 1.00 51.66 ? 214 PHE A CD1   1 
ATOM   682  C CD2   . PHE B 2 70  ? 13.225  -1.584  -11.921 1.00 48.10 ? 214 PHE A CD2   1 
ATOM   683  C CE1   . PHE B 2 70  ? 14.738  0.631   -12.654 1.00 49.17 ? 214 PHE A CE1   1 
ATOM   684  C CE2   . PHE B 2 70  ? 14.338  -1.214  -11.178 1.00 45.95 ? 214 PHE A CE2   1 
ATOM   685  C CZ    . PHE B 2 70  ? 15.096  -0.109  -11.545 1.00 48.47 ? 214 PHE A CZ    1 
ATOM   686  N N     . ASP B 2 71  ? 8.656   0.139   -15.399 1.00 54.33 ? 215 ASP A N     1 
ATOM   687  C CA    . ASP B 2 71  ? 7.677   -0.170  -16.432 1.00 54.76 ? 215 ASP A CA    1 
ATOM   688  C C     . ASP B 2 71  ? 8.129   0.418   -17.753 1.00 54.12 ? 215 ASP A C     1 
ATOM   689  O O     . ASP B 2 71  ? 8.465   1.589   -17.825 1.00 55.63 ? 215 ASP A O     1 
ATOM   690  C CB    . ASP B 2 71  ? 6.309   0.401   -16.057 1.00 56.16 ? 215 ASP A CB    1 
ATOM   691  C CG    . ASP B 2 71  ? 5.187   -0.146  -16.920 1.00 56.90 ? 215 ASP A CG    1 
ATOM   692  O OD1   . ASP B 2 71  ? 5.255   -1.330  -17.305 1.00 57.98 ? 215 ASP A OD1   1 
ATOM   693  O OD2   . ASP B 2 71  ? 4.230   0.605   -17.204 1.00 56.98 ? 215 ASP A OD2   1 
ATOM   694  N N     . GLY B 2 72  ? 8.184   -0.422  -18.780 1.00 53.39 ? 216 GLY A N     1 
ATOM   695  C CA    . GLY B 2 72  ? 8.586   0.029   -20.099 1.00 53.12 ? 216 GLY A CA    1 
ATOM   696  C C     . GLY B 2 72  ? 10.067  -0.065  -20.402 1.00 52.99 ? 216 GLY A C     1 
ATOM   697  O O     . GLY B 2 72  ? 10.475  0.167   -21.533 1.00 54.34 ? 216 GLY A O     1 
ATOM   698  N N     . ILE B 2 73  ? 10.867  -0.392  -19.395 1.00 53.00 ? 217 ILE A N     1 
ATOM   699  C CA    . ILE B 2 73  ? 12.311  -0.522  -19.540 1.00 52.05 ? 217 ILE A CA    1 
ATOM   700  C C     . ILE B 2 73  ? 12.691  -1.436  -20.693 1.00 52.73 ? 217 ILE A C     1 
ATOM   701  O O     . ILE B 2 73  ? 12.041  -2.448  -20.944 1.00 53.34 ? 217 ILE A O     1 
ATOM   702  C CB    . ILE B 2 73  ? 12.945  -1.051  -18.235 1.00 51.41 ? 217 ILE A CB    1 
ATOM   703  C CG1   . ILE B 2 73  ? 14.460  -0.951  -18.301 1.00 51.73 ? 217 ILE A CG1   1 
ATOM   704  C CG2   . ILE B 2 73  ? 12.551  -2.483  -17.999 1.00 53.00 ? 217 ILE A CG2   1 
ATOM   705  C CD1   . ILE B 2 73  ? 15.117  -1.060  -16.962 1.00 52.37 ? 217 ILE A CD1   1 
ATOM   706  N N     . ILE B 2 74  ? 13.736  -1.060  -21.415 1.00 54.58 ? 218 ILE A N     1 
ATOM   707  C CA    . ILE B 2 74  ? 14.171  -1.874  -22.532 1.00 56.10 ? 218 ILE A CA    1 
ATOM   708  C C     . ILE B 2 74  ? 15.077  -2.977  -22.061 1.00 56.16 ? 218 ILE A C     1 
ATOM   709  O O     . ILE B 2 74  ? 16.070  -2.733  -21.391 1.00 57.72 ? 218 ILE A O     1 
ATOM   710  C CB    . ILE B 2 74  ? 14.893  -1.053  -23.618 1.00 58.18 ? 218 ILE A CB    1 
ATOM   711  C CG1   . ILE B 2 74  ? 15.086  -1.924  -24.857 1.00 57.59 ? 218 ILE A CG1   1 
ATOM   712  C CG2   . ILE B 2 74  ? 16.229  -0.519  -23.109 1.00 58.84 ? 218 ILE A CG2   1 
ATOM   713  C CD1   . ILE B 2 74  ? 13.792  -2.448  -25.399 1.00 57.87 ? 218 ILE A CD1   1 
ATOM   714  N N     . PHE B 2 75  ? 14.717  -4.201  -22.410 1.00 56.86 ? 219 PHE A N     1 
ATOM   715  C CA    . PHE B 2 75  ? 15.502  -5.360  -22.032 1.00 56.99 ? 219 PHE A CA    1 
ATOM   716  C C     . PHE B 2 75  ? 15.515  -6.301  -23.219 1.00 56.39 ? 219 PHE A C     1 
ATOM   717  O O     . PHE B 2 75  ? 14.476  -6.828  -23.603 1.00 57.26 ? 219 PHE A O     1 
ATOM   718  C CB    . PHE B 2 75  ? 14.869  -6.047  -20.826 1.00 58.58 ? 219 PHE A CB    1 
ATOM   719  C CG    . PHE B 2 75  ? 15.564  -7.310  -20.411 1.00 59.27 ? 219 PHE A CG    1 
ATOM   720  C CD1   . PHE B 2 75  ? 16.931  -7.312  -20.149 1.00 59.69 ? 219 PHE A CD1   1 
ATOM   721  C CD2   . PHE B 2 75  ? 14.849  -8.484  -20.253 1.00 58.82 ? 219 PHE A CD2   1 
ATOM   722  C CE1   . PHE B 2 75  ? 17.575  -8.464  -19.726 1.00 59.62 ? 219 PHE A CE1   1 
ATOM   723  C CE2   . PHE B 2 75  ? 15.481  -9.643  -19.830 1.00 61.46 ? 219 PHE A CE2   1 
ATOM   724  C CZ    . PHE B 2 75  ? 16.852  -9.634  -19.564 1.00 61.18 ? 219 PHE A CZ    1 
ATOM   725  N N     . GLN B 2 76  ? 16.690  -6.495  -23.803 1.00 55.49 ? 220 GLN A N     1 
ATOM   726  C CA    . GLN B 2 76  ? 16.843  -7.365  -24.963 1.00 56.67 ? 220 GLN A CA    1 
ATOM   727  C C     . GLN B 2 76  ? 15.840  -7.011  -26.064 1.00 56.40 ? 220 GLN A C     1 
ATOM   728  O O     . GLN B 2 76  ? 15.070  -7.860  -26.508 1.00 56.88 ? 220 GLN A O     1 
ATOM   729  C CB    . GLN B 2 76  ? 16.694  -8.840  -24.574 1.00 56.06 ? 220 GLN A CB    1 
ATOM   730  C CG    . GLN B 2 76  ? 17.646  -9.336  -23.490 1.00 59.09 ? 220 GLN A CG    1 
ATOM   731  C CD    . GLN B 2 76  ? 19.113  -9.028  -23.764 1.00 60.70 ? 220 GLN A CD    1 
ATOM   732  O OE1   . GLN B 2 76  ? 19.590  -9.103  -24.898 1.00 61.70 ? 220 GLN A OE1   1 
ATOM   733  N NE2   . GLN B 2 76  ? 19.838  -8.678  -22.709 1.00 63.35 ? 220 GLN A NE2   1 
ATOM   734  N N     . GLY B 2 77  ? 15.829  -5.740  -26.462 1.00 56.75 ? 221 GLY A N     1 
ATOM   735  C CA    . GLY B 2 77  ? 14.929  -5.285  -27.510 1.00 56.59 ? 221 GLY A CA    1 
ATOM   736  C C     . GLY B 2 77  ? 13.441  -5.179  -27.195 1.00 55.95 ? 221 GLY A C     1 
ATOM   737  O O     . GLY B 2 77  ? 12.708  -4.560  -27.960 1.00 55.57 ? 221 GLY A O     1 
ATOM   738  N N     . GLN B 2 78  ? 12.987  -5.783  -26.098 1.00 55.62 ? 222 GLN A N     1 
ATOM   739  C CA    . GLN B 2 78  ? 11.578  -5.727  -25.726 1.00 55.81 ? 222 GLN A CA    1 
ATOM   740  C C     . GLN B 2 78  ? 11.325  -4.747  -24.587 1.00 55.01 ? 222 GLN A C     1 
ATOM   741  O O     . GLN B 2 78  ? 12.081  -4.694  -23.624 1.00 55.60 ? 222 GLN A O     1 
ATOM   742  C CB    . GLN B 2 78  ? 11.069  -7.110  -25.325 1.00 57.14 ? 222 GLN A CB    1 
ATOM   743  C CG    . GLN B 2 78  ? 11.249  -8.175  -26.384 1.00 61.25 ? 222 GLN A CG    1 
ATOM   744  C CD    . GLN B 2 78  ? 10.585  -7.814  -27.696 1.00 65.51 ? 222 GLN A CD    1 
ATOM   745  O OE1   . GLN B 2 78  ? 9.394   -8.068  -27.894 1.00 67.35 ? 222 GLN A OE1   1 
ATOM   746  N NE2   . GLN B 2 78  ? 11.357  -7.218  -28.609 1.00 67.28 ? 222 GLN A NE2   1 
ATOM   747  N N     . SER B 2 79  ? 10.263  -3.958  -24.727 1.00 55.04 ? 223 SER A N     1 
ATOM   748  C CA    . SER B 2 79  ? 9.858   -2.968  -23.736 1.00 53.24 ? 223 SER A CA    1 
ATOM   749  C C     . SER B 2 79  ? 8.929   -3.680  -22.761 1.00 52.36 ? 223 SER A C     1 
ATOM   750  O O     . SER B 2 79  ? 7.817   -4.048  -23.117 1.00 52.19 ? 223 SER A O     1 
ATOM   751  C CB    . SER B 2 79  ? 9.135   -1.822  -24.439 1.00 53.37 ? 223 SER A CB    1 
ATOM   752  O OG    . SER B 2 79  ? 8.706   -0.844  -23.518 1.00 54.66 ? 223 SER A OG    1 
ATOM   753  N N     . LEU B 2 80  ? 9.392   -3.871  -21.532 1.00 52.86 ? 224 LEU A N     1 
ATOM   754  C CA    . LEU B 2 80  ? 8.637   -4.594  -20.511 1.00 51.59 ? 224 LEU A CA    1 
ATOM   755  C C     . LEU B 2 80  ? 7.385   -3.932  -19.929 1.00 52.70 ? 224 LEU A C     1 
ATOM   756  O O     . LEU B 2 80  ? 7.377   -2.758  -19.572 1.00 52.74 ? 224 LEU A O     1 
ATOM   757  C CB    . LEU B 2 80  ? 9.577   -4.993  -19.385 1.00 50.37 ? 224 LEU A CB    1 
ATOM   758  C CG    . LEU B 2 80  ? 10.807  -5.782  -19.818 1.00 52.11 ? 224 LEU A CG    1 
ATOM   759  C CD1   . LEU B 2 80  ? 11.660  -6.068  -18.591 1.00 54.13 ? 224 LEU A CD1   1 
ATOM   760  C CD2   . LEU B 2 80  ? 10.405  -7.079  -20.512 1.00 51.14 ? 224 LEU A CD2   1 
ATOM   761  N N     . LYS B 2 81  ? 6.322   -4.714  -19.817 1.00 54.01 ? 225 LYS A N     1 
ATOM   762  C CA    . LYS B 2 81  ? 5.079   -4.209  -19.271 1.00 53.68 ? 225 LYS A CA    1 
ATOM   763  C C     . LYS B 2 81  ? 4.941   -4.743  -17.872 1.00 53.72 ? 225 LYS A C     1 
ATOM   764  O O     . LYS B 2 81  ? 4.556   -5.897  -17.686 1.00 55.94 ? 225 LYS A O     1 
ATOM   765  C CB    . LYS B 2 81  ? 3.898   -4.666  -20.121 1.00 54.30 ? 225 LYS A CB    1 
ATOM   766  C CG    . LYS B 2 81  ? 2.569   -4.018  -19.757 1.00 55.66 ? 225 LYS A CG    1 
ATOM   767  C CD    . LYS B 2 81  ? 1.703   -3.944  -20.993 1.00 57.97 ? 225 LYS A CD    1 
ATOM   768  C CE    . LYS B 2 81  ? 0.240   -4.021  -20.678 1.00 60.10 ? 225 LYS A CE    1 
ATOM   769  N NZ    . LYS B 2 81  ? -0.505  -4.215  -21.957 1.00 64.72 ? 225 LYS A NZ    1 
ATOM   770  N N     . ILE B 2 82  ? 5.270   -3.900  -16.896 1.00 52.20 ? 226 ILE A N     1 
ATOM   771  C CA    . ILE B 2 82  ? 5.205   -4.257  -15.488 1.00 51.12 ? 226 ILE A CA    1 
ATOM   772  C C     . ILE B 2 82  ? 3.866   -3.824  -14.926 1.00 51.64 ? 226 ILE A C     1 
ATOM   773  O O     . ILE B 2 82  ? 3.468   -2.695  -15.112 1.00 54.68 ? 226 ILE A O     1 
ATOM   774  C CB    . ILE B 2 82  ? 6.363   -3.602  -14.703 1.00 49.40 ? 226 ILE A CB    1 
ATOM   775  C CG1   . ILE B 2 82  ? 7.699   -4.042  -15.302 1.00 43.74 ? 226 ILE A CG1   1 
ATOM   776  C CG2   . ILE B 2 82  ? 6.294   -3.986  -13.234 1.00 50.06 ? 226 ILE A CG2   1 
ATOM   777  C CD1   . ILE B 2 82  ? 8.876   -3.493  -14.609 1.00 42.28 ? 226 ILE A CD1   1 
ATOM   778  N N     . ARG B 2 83  ? 3.166   -4.748  -14.276 1.00 52.95 ? 227 ARG A N     1 
ATOM   779  C CA    . ARG B 2 83  ? 1.846   -4.498  -13.693 1.00 52.23 ? 227 ARG A CA    1 
ATOM   780  C C     . ARG B 2 83  ? 1.697   -5.291  -12.400 1.00 52.48 ? 227 ARG A C     1 
ATOM   781  O O     . ARG B 2 83  ? 2.394   -6.270  -12.176 1.00 53.27 ? 227 ARG A O     1 
ATOM   782  C CB    . ARG B 2 83  ? 0.750   -4.985  -14.641 1.00 52.89 ? 227 ARG A CB    1 
ATOM   783  C CG    . ARG B 2 83  ? 0.625   -4.256  -15.951 1.00 54.03 ? 227 ARG A CG    1 
ATOM   784  C CD    . ARG B 2 83  ? 0.215   -2.822  -15.751 1.00 54.59 ? 227 ARG A CD    1 
ATOM   785  N NE    . ARG B 2 83  ? 1.138   -1.943  -16.453 1.00 57.20 ? 227 ARG A NE    1 
ATOM   786  C CZ    . ARG B 2 83  ? 0.925   -1.458  -17.665 1.00 57.01 ? 227 ARG A CZ    1 
ATOM   787  N NH1   . ARG B 2 83  ? -0.195  -1.756  -18.302 1.00 60.00 ? 227 ARG A NH1   1 
ATOM   788  N NH2   . ARG B 2 83  ? 1.861   -0.738  -18.263 1.00 57.22 ? 227 ARG A NH2   1 
ATOM   789  N N     . ARG B 2 84  ? 0.751   -4.899  -11.563 1.00 52.92 ? 228 ARG A N     1 
ATOM   790  C CA    . ARG B 2 84  ? 0.535   -5.621  -10.319 1.00 54.28 ? 228 ARG A CA    1 
ATOM   791  C C     . ARG B 2 84  ? -0.244  -6.855  -10.698 1.00 54.89 ? 228 ARG A C     1 
ATOM   792  O O     . ARG B 2 84  ? -0.749  -6.939  -11.813 1.00 56.69 ? 228 ARG A O     1 
ATOM   793  C CB    . ARG B 2 84  ? -0.275  -4.772  -9.337  1.00 52.68 ? 228 ARG A CB    1 
ATOM   794  C CG    . ARG B 2 84  ? 0.190   -3.341  -9.281  1.00 51.55 ? 228 ARG A CG    1 
ATOM   795  C CD    . ARG B 2 84  ? 0.093   -2.767  -7.896  1.00 50.85 ? 228 ARG A CD    1 
ATOM   796  N NE    . ARG B 2 84  ? 1.043   -3.401  -6.996  1.00 50.57 ? 228 ARG A NE    1 
ATOM   797  C CZ    . ARG B 2 84  ? 1.844   -2.740  -6.169  1.00 49.75 ? 228 ARG A CZ    1 
ATOM   798  N NH1   . ARG B 2 84  ? 1.818   -1.419  -6.122  1.00 49.94 ? 228 ARG A NH1   1 
ATOM   799  N NH2   . ARG B 2 84  ? 2.664   -3.408  -5.375  1.00 51.43 ? 228 ARG A NH2   1 
ATOM   800  N N     . PRO B 2 85  ? -0.315  -7.858  -9.808  1.00 56.50 ? 229 PRO A N     1 
ATOM   801  C CA    . PRO B 2 85  ? -1.083  -9.044  -10.195 1.00 57.84 ? 229 PRO A CA    1 
ATOM   802  C C     . PRO B 2 85  ? -2.558  -8.665  -10.288 1.00 60.90 ? 229 PRO A C     1 
ATOM   803  O O     . PRO B 2 85  ? -2.953  -7.575  -9.853  1.00 60.85 ? 229 PRO A O     1 
ATOM   804  C CB    . PRO B 2 85  ? -0.826  -10.002 -9.031  1.00 55.61 ? 229 PRO A CB    1 
ATOM   805  C CG    . PRO B 2 85  ? 0.521   -9.589  -8.526  1.00 53.63 ? 229 PRO A CG    1 
ATOM   806  C CD    . PRO B 2 85  ? 0.410   -8.091  -8.546  1.00 55.01 ? 229 PRO A CD    1 
ATOM   807  N N     A HIS B 2 86  ? -3.379  -9.526  -10.881 0.65 63.05 ? 230 HIS A N     1 
ATOM   808  N N     B HIS B 2 86  ? -3.357  -9.560  -10.864 0.35 61.98 ? 230 HIS A N     1 
ATOM   809  C CA    A HIS B 2 86  ? -4.801  -9.208  -10.966 0.65 65.06 ? 230 HIS A CA    1 
ATOM   810  C CA    B HIS B 2 86  ? -4.794  -9.347  -11.028 0.35 62.57 ? 230 HIS A CA    1 
ATOM   811  C C     A HIS B 2 86  ? -5.516  -9.446  -9.641  0.65 65.84 ? 230 HIS A C     1 
ATOM   812  C C     B HIS B 2 86  ? -5.512  -9.484  -9.686  0.35 64.16 ? 230 HIS A C     1 
ATOM   813  O O     A HIS B 2 86  ? -6.433  -8.699  -9.290  0.65 66.86 ? 230 HIS A O     1 
ATOM   814  O O     B HIS B 2 86  ? -6.417  -8.707  -9.373  0.35 64.58 ? 230 HIS A O     1 
ATOM   815  C CB    A HIS B 2 86  ? -5.481  -9.930  -12.131 0.65 66.61 ? 230 HIS A CB    1 
ATOM   816  C CB    B HIS B 2 86  ? -5.364  -10.369 -12.018 0.35 60.60 ? 230 HIS A CB    1 
ATOM   817  C CG    A HIS B 2 86  ? -5.372  -9.186  -13.430 0.65 67.17 ? 230 HIS A CG    1 
ATOM   818  C CG    B HIS B 2 86  ? -6.742  -10.043 -12.510 0.35 57.99 ? 230 HIS A CG    1 
ATOM   819  N ND1   A HIS B 2 86  ? -5.563  -9.791  -14.655 0.65 67.43 ? 230 HIS A ND1   1 
ATOM   820  N ND1   B HIS B 2 86  ? -7.781  -10.945 -12.463 0.35 57.64 ? 230 HIS A ND1   1 
ATOM   821  C CD2   A HIS B 2 86  ? -5.087  -7.891  -13.688 0.65 65.91 ? 230 HIS A CD2   1 
ATOM   822  C CD2   B HIS B 2 86  ? -7.242  -8.922  -13.081 0.35 57.91 ? 230 HIS A CD2   1 
ATOM   823  C CE1   A HIS B 2 86  ? -5.400  -8.894  -15.611 0.65 67.58 ? 230 HIS A CE1   1 
ATOM   824  C CE1   B HIS B 2 86  ? -8.863  -10.394 -12.985 0.35 56.78 ? 230 HIS A CE1   1 
ATOM   825  N NE2   A HIS B 2 86  ? -5.110  -7.734  -15.054 0.65 65.36 ? 230 HIS A NE2   1 
ATOM   826  N NE2   B HIS B 2 86  ? -8.562  -9.168  -13.368 0.35 56.83 ? 230 HIS A NE2   1 
ATOM   827  N N     . ASP B 2 87  ? -5.067  -10.450 -8.886  1.00 65.89 ? 231 ASP A N     1 
ATOM   828  C CA    . ASP B 2 87  ? -5.656  -10.729 -7.581  1.00 66.19 ? 231 ASP A CA    1 
ATOM   829  C C     . ASP B 2 87  ? -5.297  -9.645  -6.567  1.00 66.36 ? 231 ASP A C     1 
ATOM   830  O O     . ASP B 2 87  ? -5.889  -9.572  -5.488  1.00 68.77 ? 231 ASP A O     1 
ATOM   831  C CB    . ASP B 2 87  ? -5.233  -12.118 -7.061  1.00 69.00 ? 231 ASP A CB    1 
ATOM   832  C CG    . ASP B 2 87  ? -3.715  -12.281 -6.925  1.00 72.23 ? 231 ASP A CG    1 
ATOM   833  O OD1   . ASP B 2 87  ? -3.245  -13.437 -6.825  1.00 73.98 ? 231 ASP A OD1   1 
ATOM   834  O OD2   . ASP B 2 87  ? -2.978  -11.272 -6.916  1.00 75.03 ? 231 ASP A OD2   1 
ATOM   835  N N     . TYR B 2 88  ? -4.359  -8.779  -6.940  1.00 65.06 ? 232 TYR A N     1 
ATOM   836  C CA    . TYR B 2 88  ? -3.909  -7.710  -6.059  1.00 65.30 ? 232 TYR A CA    1 
ATOM   837  C C     . TYR B 2 88  ? -4.923  -6.635  -5.697  1.00 66.12 ? 232 TYR A C     1 
ATOM   838  O O     . TYR B 2 88  ? -5.800  -6.277  -6.475  1.00 66.97 ? 232 TYR A O     1 
ATOM   839  C CB    . TYR B 2 88  ? -2.653  -7.028  -6.622  1.00 63.39 ? 232 TYR A CB    1 
ATOM   840  C CG    . TYR B 2 88  ? -2.193  -5.826  -5.816  1.00 58.79 ? 232 TYR A CG    1 
ATOM   841  C CD1   . TYR B 2 88  ? -1.453  -5.989  -4.655  1.00 58.74 ? 232 TYR A CD1   1 
ATOM   842  C CD2   . TYR B 2 88  ? -2.526  -4.536  -6.200  1.00 57.75 ? 232 TYR A CD2   1 
ATOM   843  C CE1   . TYR B 2 88  ? -1.056  -4.899  -3.888  1.00 59.15 ? 232 TYR A CE1   1 
ATOM   844  C CE2   . TYR B 2 88  ? -2.134  -3.436  -5.443  1.00 59.67 ? 232 TYR A CE2   1 
ATOM   845  C CZ    . TYR B 2 88  ? -1.399  -3.626  -4.283  1.00 59.07 ? 232 TYR A CZ    1 
ATOM   846  O OH    . TYR B 2 88  ? -1.014  -2.552  -3.512  1.00 56.66 ? 232 TYR A OH    1 
ATOM   847  N N     . GLN B 2 89  ? -4.744  -6.120  -4.487  1.00 68.08 ? 233 GLN A N     1 
ATOM   848  C CA    . GLN B 2 89  ? -5.535  -5.041  -3.907  1.00 68.92 ? 233 GLN A CA    1 
ATOM   849  C C     . GLN B 2 89  ? -4.705  -4.638  -2.689  1.00 67.48 ? 233 GLN A C     1 
ATOM   850  O O     . GLN B 2 89  ? -4.060  -5.493  -2.067  1.00 66.81 ? 233 GLN A O     1 
ATOM   851  C CB    . GLN B 2 89  ? -6.928  -5.515  -3.476  1.00 71.04 ? 233 GLN A CB    1 
ATOM   852  C CG    . GLN B 2 89  ? -6.931  -6.552  -2.374  1.00 75.25 ? 233 GLN A CG    1 
ATOM   853  C CD    . GLN B 2 89  ? -8.198  -6.506  -1.545  1.00 79.37 ? 233 GLN A CD    1 
ATOM   854  O OE1   . GLN B 2 89  ? -9.079  -5.668  -1.777  1.00 81.31 ? 233 GLN A OE1   1 
ATOM   855  N NE2   . GLN B 2 89  ? -8.290  -7.394  -0.553  1.00 81.12 ? 233 GLN A NE2   1 
ATOM   856  N N     . PRO B 2 90  ? -4.653  -3.330  -2.380  1.00 65.76 ? 234 PRO A N     1 
ATOM   857  C CA    . PRO B 2 90  ? -3.893  -2.812  -1.241  1.00 65.11 ? 234 PRO A CA    1 
ATOM   858  C C     . PRO B 2 90  ? -4.162  -3.537  0.069   1.00 63.58 ? 234 PRO A C     1 
ATOM   859  O O     . PRO B 2 90  ? -5.269  -4.018  0.320   1.00 63.92 ? 234 PRO A O     1 
ATOM   860  C CB    . PRO B 2 90  ? -4.331  -1.353  -1.184  1.00 65.72 ? 234 PRO A CB    1 
ATOM   861  C CG    . PRO B 2 90  ? -4.491  -1.017  -2.617  1.00 64.86 ? 234 PRO A CG    1 
ATOM   862  C CD    . PRO B 2 90  ? -5.260  -2.220  -3.134  1.00 66.40 ? 234 PRO A CD    1 
ATOM   863  N N     . LEU B 2 91  ? -3.113  -3.641  0.879   1.00 63.34 ? 235 LEU A N     1 
ATOM   864  C CA    . LEU B 2 91  ? -3.172  -4.306  2.174   1.00 61.49 ? 235 LEU A CA    1 
ATOM   865  C C     . LEU B 2 91  ? -3.979  -3.522  3.196   1.00 61.62 ? 235 LEU A C     1 
ATOM   866  O O     . LEU B 2 91  ? -3.998  -2.292  3.184   1.00 60.18 ? 235 LEU A O     1 
ATOM   867  C CB    . LEU B 2 91  ? -1.764  -4.525  2.705   1.00 61.80 ? 235 LEU A CB    1 
ATOM   868  C CG    . LEU B 2 91  ? -0.870  -5.421  1.862   1.00 62.17 ? 235 LEU A CG    1 
ATOM   869  C CD1   . LEU B 2 91  ? 0.546   -5.385  2.430   1.00 63.35 ? 235 LEU A CD1   1 
ATOM   870  C CD2   . LEU B 2 91  ? -1.429  -6.838  1.835   1.00 60.72 ? 235 LEU A CD2   1 
ATOM   871  N N     . PRO B 2 92  ? -4.634  -4.236  4.118   1.00 62.65 ? 236 PRO A N     1 
ATOM   872  C CA    . PRO B 2 92  ? -5.469  -3.693  5.187   1.00 64.16 ? 236 PRO A CA    1 
ATOM   873  C C     . PRO B 2 92  ? -5.165  -2.317  5.798   1.00 65.75 ? 236 PRO A C     1 
ATOM   874  O O     . PRO B 2 92  ? -6.090  -1.557  6.054   1.00 69.23 ? 236 PRO A O     1 
ATOM   875  C CB    . PRO B 2 92  ? -5.455  -4.818  6.198   1.00 62.90 ? 236 PRO A CB    1 
ATOM   876  C CG    . PRO B 2 92  ? -5.630  -6.002  5.285   1.00 62.08 ? 236 PRO A CG    1 
ATOM   877  C CD    . PRO B 2 92  ? -4.656  -5.711  4.160   1.00 61.53 ? 236 PRO A CD    1 
ATOM   878  N N     . GLY B 2 93  ? -3.910  -1.971  6.037   1.00 65.49 ? 237 GLY A N     1 
ATOM   879  C CA    . GLY B 2 93  ? -3.663  -0.658  6.617   1.00 64.06 ? 237 GLY A CA    1 
ATOM   880  C C     . GLY B 2 93  ? -3.149  0.343   5.603   1.00 64.24 ? 237 GLY A C     1 
ATOM   881  O O     . GLY B 2 93  ? -2.714  1.439   5.964   1.00 65.23 ? 237 GLY A O     1 
ATOM   882  N N     . ALA B 2 94  ? -3.220  -0.033  4.330   1.00 62.93 ? 258 ALA A N     1 
ATOM   883  C CA    . ALA B 2 94  ? -2.725  0.791   3.235   1.00 60.73 ? 258 ALA A CA    1 
ATOM   884  C C     . ALA B 2 94  ? -3.051  2.273   3.299   1.00 60.78 ? 258 ALA A C     1 
ATOM   885  O O     . ALA B 2 94  ? -2.149  3.102   3.212   1.00 61.33 ? 258 ALA A O     1 
ATOM   886  C CB    . ALA B 2 94  ? -3.168  0.217   1.922   1.00 59.48 ? 258 ALA A CB    1 
ATOM   887  N N     . HIS B 2 95  ? -4.325  2.617   3.464   1.00 61.39 ? 259 HIS A N     1 
ATOM   888  C CA    . HIS B 2 95  ? -4.718  4.025   3.510   1.00 61.92 ? 259 HIS A CA    1 
ATOM   889  C C     . HIS B 2 95  ? -5.343  4.455   4.837   1.00 61.63 ? 259 HIS A C     1 
ATOM   890  O O     . HIS B 2 95  ? -6.048  5.462   4.904   1.00 62.29 ? 259 HIS A O     1 
ATOM   891  C CB    . HIS B 2 95  ? -5.651  4.346   2.341   1.00 63.51 ? 259 HIS A CB    1 
ATOM   892  C CG    . HIS B 2 95  ? -5.080  3.985   1.006   1.00 65.02 ? 259 HIS A CG    1 
ATOM   893  N ND1   . HIS B 2 95  ? -5.028  2.685   0.546   1.00 65.57 ? 259 HIS A ND1   1 
ATOM   894  C CD2   . HIS B 2 95  ? -4.499  4.746   0.047   1.00 65.79 ? 259 HIS A CD2   1 
ATOM   895  C CE1   . HIS B 2 95  ? -4.435  2.660   -0.635  1.00 65.03 ? 259 HIS A CE1   1 
ATOM   896  N NE2   . HIS B 2 95  ? -4.105  3.898   -0.959  1.00 66.48 ? 259 HIS A NE2   1 
ATOM   897  N N     . LYS B 2 96  ? -5.051  3.697   5.890   1.00 61.02 ? 260 LYS A N     1 
ATOM   898  C CA    . LYS B 2 96  ? -5.548  3.975   7.229   1.00 58.73 ? 260 LYS A CA    1 
ATOM   899  C C     . LYS B 2 96  ? -5.252  5.401   7.643   1.00 57.37 ? 260 LYS A C     1 
ATOM   900  O O     . LYS B 2 96  ? -4.161  5.903   7.410   1.00 57.01 ? 260 LYS A O     1 
ATOM   901  C CB    . LYS B 2 96  ? -4.909  3.013   8.229   1.00 60.14 ? 260 LYS A CB    1 
ATOM   902  C CG    . LYS B 2 96  ? -5.155  3.365   9.686   1.00 63.73 ? 260 LYS A CG    1 
ATOM   903  C CD    . LYS B 2 96  ? -4.985  2.155   10.570  1.00 65.72 ? 260 LYS A CD    1 
ATOM   904  C CE    . LYS B 2 96  ? -3.929  1.238   10.029  1.00 66.21 ? 260 LYS A CE    1 
ATOM   905  N NZ    . LYS B 2 96  ? -3.106  0.693   11.134  1.00 69.61 ? 260 LYS A NZ    1 
ATOM   906  N N     . LEU B 2 97  ? -6.246  6.062   8.224   1.00 57.76 ? 261 LEU A N     1 
ATOM   907  C CA    . LEU B 2 97  ? -6.078  7.435   8.688   1.00 57.94 ? 261 LEU A CA    1 
ATOM   908  C C     . LEU B 2 97  ? -5.968  7.505   10.201  1.00 57.75 ? 261 LEU A C     1 
ATOM   909  O O     . LEU B 2 97  ? -6.501  6.651   10.920  1.00 58.00 ? 261 LEU A O     1 
ATOM   910  C CB    . LEU B 2 97  ? -7.249  8.310   8.241   1.00 58.02 ? 261 LEU A CB    1 
ATOM   911  C CG    . LEU B 2 97  ? -7.330  8.613   6.749   1.00 60.04 ? 261 LEU A CG    1 
ATOM   912  C CD1   . LEU B 2 97  ? -8.588  9.399   6.424   1.00 60.60 ? 261 LEU A CD1   1 
ATOM   913  C CD2   . LEU B 2 97  ? -6.098  9.387   6.344   1.00 61.23 ? 261 LEU A CD2   1 
ATOM   914  N N     . PHE B 2 98  ? -5.238  8.509   10.671  1.00 56.94 ? 262 PHE A N     1 
ATOM   915  C CA    . PHE B 2 98  ? -5.083  8.755   12.094  1.00 56.22 ? 262 PHE A CA    1 
ATOM   916  C C     . PHE B 2 98  ? -5.957  9.962   12.356  1.00 57.39 ? 262 PHE A C     1 
ATOM   917  O O     . PHE B 2 98  ? -5.929  10.924  11.590  1.00 58.87 ? 262 PHE A O     1 
ATOM   918  C CB    . PHE B 2 98  ? -3.636  9.098   12.436  1.00 56.55 ? 262 PHE A CB    1 
ATOM   919  C CG    . PHE B 2 98  ? -3.460  9.683   13.814  1.00 56.13 ? 262 PHE A CG    1 
ATOM   920  C CD1   . PHE B 2 98  ? -3.327  8.862   14.918  1.00 57.96 ? 262 PHE A CD1   1 
ATOM   921  C CD2   . PHE B 2 98  ? -3.421  11.055  14.004  1.00 57.54 ? 262 PHE A CD2   1 
ATOM   922  C CE1   . PHE B 2 98  ? -3.159  9.395   16.189  1.00 58.52 ? 262 PHE A CE1   1 
ATOM   923  C CE2   . PHE B 2 98  ? -3.253  11.599  15.267  1.00 58.12 ? 262 PHE A CE2   1 
ATOM   924  C CZ    . PHE B 2 98  ? -3.121  10.767  16.362  1.00 59.14 ? 262 PHE A CZ    1 
ATOM   925  N N     . ILE B 2 99  ? -6.781  9.887   13.393  1.00 58.72 ? 263 ILE A N     1 
ATOM   926  C CA    . ILE B 2 99  ? -7.650  10.996  13.752  1.00 58.43 ? 263 ILE A CA    1 
ATOM   927  C C     . ILE B 2 99  ? -7.465  11.297  15.229  1.00 60.11 ? 263 ILE A C     1 
ATOM   928  O O     . ILE B 2 99  ? -7.867  10.510  16.089  1.00 59.77 ? 263 ILE A O     1 
ATOM   929  C CB    . ILE B 2 99  ? -9.127  10.694  13.512  1.00 57.38 ? 263 ILE A CB    1 
ATOM   930  C CG1   . ILE B 2 99  ? -9.364  10.237  12.073  1.00 58.34 ? 263 ILE A CG1   1 
ATOM   931  C CG2   . ILE B 2 99  ? -9.947  11.936  13.801  1.00 58.69 ? 263 ILE A CG2   1 
ATOM   932  C CD1   . ILE B 2 99  ? -9.189  8.739   11.857  1.00 58.93 ? 263 ILE A CD1   1 
ATOM   933  N N     . GLY B 2 100 ? -6.808  12.418  15.514  1.00 61.26 ? 264 GLY A N     1 
ATOM   934  C CA    . GLY B 2 100 ? -6.567  12.809  16.887  1.00 62.53 ? 264 GLY A CA    1 
ATOM   935  C C     . GLY B 2 100 ? -7.313  14.077  17.240  1.00 63.81 ? 264 GLY A C     1 
ATOM   936  O O     . GLY B 2 100 ? -7.985  14.667  16.388  1.00 64.58 ? 264 GLY A O     1 
ATOM   937  N N     . GLY B 2 101 ? -7.198  14.493  18.500  1.00 64.59 ? 265 GLY A N     1 
ATOM   938  C CA    . GLY B 2 101 ? -7.867  15.698  18.955  1.00 65.09 ? 265 GLY A CA    1 
ATOM   939  C C     . GLY B 2 101 ? -9.331  15.474  19.283  1.00 64.59 ? 265 GLY A C     1 
ATOM   940  O O     . GLY B 2 101 ? -10.089 16.430  19.461  1.00 66.65 ? 265 GLY A O     1 
ATOM   941  N N     . LEU B 2 102 ? -9.732  14.210  19.348  1.00 62.80 ? 266 LEU A N     1 
ATOM   942  C CA    . LEU B 2 102 ? -11.105 13.850  19.671  1.00 61.53 ? 266 LEU A CA    1 
ATOM   943  C C     . LEU B 2 102 ? -11.401 14.118  21.143  1.00 63.67 ? 266 LEU A C     1 
ATOM   944  O O     . LEU B 2 102 ? -10.528 13.952  21.994  1.00 63.88 ? 266 LEU A O     1 
ATOM   945  C CB    . LEU B 2 102 ? -11.330 12.367  19.396  1.00 56.70 ? 266 LEU A CB    1 
ATOM   946  C CG    . LEU B 2 102 ? -11.266 11.930  17.946  1.00 53.65 ? 266 LEU A CG    1 
ATOM   947  C CD1   . LEU B 2 102 ? -11.152 10.426  17.857  1.00 52.70 ? 266 LEU A CD1   1 
ATOM   948  C CD2   . LEU B 2 102 ? -12.493 12.431  17.236  1.00 53.33 ? 266 LEU A CD2   1 
ATOM   949  N N     . PRO B 2 103 ? -12.609 14.623  21.451  1.00 66.85 ? 267 PRO A N     1 
ATOM   950  C CA    . PRO B 2 103 ? -12.964 14.891  22.847  1.00 68.89 ? 267 PRO A CA    1 
ATOM   951  C C     . PRO B 2 103 ? -13.065 13.540  23.534  1.00 70.24 ? 267 PRO A C     1 
ATOM   952  O O     . PRO B 2 103 ? -13.561 12.574  22.951  1.00 70.98 ? 267 PRO A O     1 
ATOM   953  C CB    . PRO B 2 103 ? -14.334 15.553  22.726  1.00 68.28 ? 267 PRO A CB    1 
ATOM   954  C CG    . PRO B 2 103 ? -14.257 16.256  21.408  1.00 68.35 ? 267 PRO A CG    1 
ATOM   955  C CD    . PRO B 2 103 ? -13.626 15.187  20.544  1.00 68.39 ? 267 PRO A CD    1 
ATOM   956  N N     . ASN B 2 104 ? -12.565 13.458  24.756  1.00 71.75 ? 268 ASN A N     1 
ATOM   957  C CA    . ASN B 2 104 ? -12.588 12.196  25.480  1.00 73.38 ? 268 ASN A CA    1 
ATOM   958  C C     . ASN B 2 104 ? -13.977 11.581  25.661  1.00 73.00 ? 268 ASN A C     1 
ATOM   959  O O     . ASN B 2 104 ? -14.091 10.371  25.803  1.00 74.24 ? 268 ASN A O     1 
ATOM   960  C CB    . ASN B 2 104 ? -11.921 12.367  26.842  1.00 75.50 ? 268 ASN A CB    1 
ATOM   961  C CG    . ASN B 2 104 ? -12.692 13.308  27.749  1.00 79.38 ? 268 ASN A CG    1 
ATOM   962  O OD1   . ASN B 2 104 ? -13.768 12.963  28.247  1.00 81.44 ? 268 ASN A OD1   1 
ATOM   963  N ND2   . ASN B 2 104 ? -12.162 14.515  27.948  1.00 81.44 ? 268 ASN A ND2   1 
ATOM   964  N N     . TYR B 2 105 ? -15.027 12.399  25.629  1.00 73.60 ? 269 TYR A N     1 
ATOM   965  C CA    . TYR B 2 105 ? -16.383 11.893  25.838  1.00 73.67 ? 269 TYR A CA    1 
ATOM   966  C C     . TYR B 2 105 ? -17.047 11.050  24.755  1.00 74.57 ? 269 TYR A C     1 
ATOM   967  O O     . TYR B 2 105 ? -17.791 10.127  25.090  1.00 74.66 ? 269 TYR A O     1 
ATOM   968  C CB    . TYR B 2 105 ? -17.341 12.995  26.325  1.00 73.01 ? 269 TYR A CB    1 
ATOM   969  C CG    . TYR B 2 105 ? -17.267 14.319  25.599  1.00 71.33 ? 269 TYR A CG    1 
ATOM   970  C CD1   . TYR B 2 105 ? -18.105 14.595  24.526  1.00 70.86 ? 269 TYR A CD1   1 
ATOM   971  C CD2   . TYR B 2 105 ? -16.364 15.305  26.001  1.00 72.01 ? 269 TYR A CD2   1 
ATOM   972  C CE1   . TYR B 2 105 ? -18.048 15.816  23.861  1.00 71.05 ? 269 TYR A CE1   1 
ATOM   973  C CE2   . TYR B 2 105 ? -16.298 16.534  25.347  1.00 72.35 ? 269 TYR A CE2   1 
ATOM   974  C CZ    . TYR B 2 105 ? -17.142 16.780  24.274  1.00 72.42 ? 269 TYR A CZ    1 
ATOM   975  O OH    . TYR B 2 105 ? -17.059 17.979  23.595  1.00 74.07 ? 269 TYR A OH    1 
ATOM   976  N N     . LEU B 2 106 ? -16.775 11.340  23.480  1.00 75.46 ? 270 LEU A N     1 
ATOM   977  C CA    . LEU B 2 106 ? -17.364 10.582  22.364  1.00 75.89 ? 270 LEU A CA    1 
ATOM   978  C C     . LEU B 2 106 ? -17.022 9.093   22.407  1.00 77.02 ? 270 LEU A C     1 
ATOM   979  O O     . LEU B 2 106 ? -15.969 8.707   22.908  1.00 77.41 ? 270 LEU A O     1 
ATOM   980  C CB    . LEU B 2 106 ? -16.905 11.147  21.022  1.00 75.16 ? 270 LEU A CB    1 
ATOM   981  C CG    . LEU B 2 106 ? -17.364 12.539  20.592  1.00 76.07 ? 270 LEU A CG    1 
ATOM   982  C CD1   . LEU B 2 106 ? -16.822 13.599  21.521  1.00 76.03 ? 270 LEU A CD1   1 
ATOM   983  C CD2   . LEU B 2 106 ? -16.880 12.802  19.184  1.00 76.11 ? 270 LEU A CD2   1 
ATOM   984  N N     . ASN B 2 107 ? -17.923 8.254   21.902  1.00 79.06 ? 271 ASN A N     1 
ATOM   985  C CA    . ASN B 2 107 ? -17.691 6.810   21.877  1.00 81.44 ? 271 ASN A CA    1 
ATOM   986  C C     . ASN B 2 107 ? -17.642 6.313   20.430  1.00 82.13 ? 271 ASN A C     1 
ATOM   987  O O     . ASN B 2 107 ? -17.988 7.053   19.508  1.00 81.75 ? 271 ASN A O     1 
ATOM   988  C CB    . ASN B 2 107 ? -18.771 6.059   22.682  1.00 83.17 ? 271 ASN A CB    1 
ATOM   989  C CG    . ASN B 2 107 ? -20.042 5.787   21.875  1.00 84.92 ? 271 ASN A CG    1 
ATOM   990  O OD1   . ASN B 2 107 ? -21.007 6.557   21.923  1.00 84.58 ? 271 ASN A OD1   1 
ATOM   991  N ND2   . ASN B 2 107 ? -20.053 4.668   21.149  1.00 84.00 ? 271 ASN A ND2   1 
ATOM   992  N N     . ASP B 2 108 ? -17.239 5.057   20.245  1.00 82.72 ? 272 ASP A N     1 
ATOM   993  C CA    . ASP B 2 108 ? -17.125 4.451   18.921  1.00 84.21 ? 272 ASP A CA    1 
ATOM   994  C C     . ASP B 2 108 ? -18.152 4.913   17.892  1.00 84.56 ? 272 ASP A C     1 
ATOM   995  O O     . ASP B 2 108 ? -17.792 5.545   16.902  1.00 85.02 ? 272 ASP A O     1 
ATOM   996  C CB    . ASP B 2 108 ? -17.158 2.920   19.023  1.00 86.28 ? 272 ASP A CB    1 
ATOM   997  C CG    . ASP B 2 108 ? -15.869 2.332   19.597  1.00 87.37 ? 272 ASP A CG    1 
ATOM   998  O OD1   . ASP B 2 108 ? -15.843 1.117   19.899  1.00 87.53 ? 272 ASP A OD1   1 
ATOM   999  O OD2   . ASP B 2 108 ? -14.874 3.074   19.735  1.00 87.95 ? 272 ASP A OD2   1 
ATOM   1000 N N     . ASP B 2 109 ? -19.430 4.646   18.163  1.00 85.06 ? 273 ASP A N     1 
ATOM   1001 C CA    . ASP B 2 109 ? -20.533 5.002   17.263  1.00 84.16 ? 273 ASP A CA    1 
ATOM   1002 C C     . ASP B 2 109 ? -20.580 6.484   16.925  1.00 83.80 ? 273 ASP A C     1 
ATOM   1003 O O     . ASP B 2 109 ? -20.884 6.863   15.794  1.00 83.64 ? 273 ASP A O     1 
ATOM   1004 C CB    . ASP B 2 109 ? -21.869 4.576   17.873  1.00 84.91 ? 273 ASP A CB    1 
ATOM   1005 C CG    . ASP B 2 109 ? -21.840 3.156   18.411  1.00 86.18 ? 273 ASP A CG    1 
ATOM   1006 O OD1   . ASP B 2 109 ? -21.946 2.202   17.608  1.00 86.43 ? 273 ASP A OD1   1 
ATOM   1007 O OD2   . ASP B 2 109 ? -21.696 2.998   19.643  1.00 87.09 ? 273 ASP A OD2   1 
ATOM   1008 N N     . GLN B 2 110 ? -20.287 7.319   17.914  1.00 84.35 ? 274 GLN A N     1 
ATOM   1009 C CA    . GLN B 2 110 ? -20.289 8.766   17.728  1.00 84.61 ? 274 GLN A CA    1 
ATOM   1010 C C     . GLN B 2 110 ? -19.136 9.180   16.816  1.00 84.52 ? 274 GLN A C     1 
ATOM   1011 O O     . GLN B 2 110 ? -19.331 9.915   15.844  1.00 84.25 ? 274 GLN A O     1 
ATOM   1012 C CB    . GLN B 2 110 ? -20.156 9.469   19.080  1.00 85.20 ? 274 GLN A CB    1 
ATOM   1013 C CG    . GLN B 2 110 ? -21.104 8.945   20.145  1.00 86.10 ? 274 GLN A CG    1 
ATOM   1014 C CD    . GLN B 2 110 ? -21.067 9.769   21.423  1.00 87.05 ? 274 GLN A CD    1 
ATOM   1015 O OE1   . GLN B 2 110 ? -21.396 10.956  21.417  1.00 86.91 ? 274 GLN A OE1   1 
ATOM   1016 N NE2   . GLN B 2 110 ? -20.678 9.138   22.526  1.00 86.94 ? 274 GLN A NE2   1 
ATOM   1017 N N     . VAL B 2 111 ? -17.939 8.690   17.142  1.00 84.48 ? 275 VAL A N     1 
ATOM   1018 C CA    . VAL B 2 111 ? -16.730 8.979   16.375  1.00 84.21 ? 275 VAL A CA    1 
ATOM   1019 C C     . VAL B 2 111 ? -16.901 8.487   14.945  1.00 84.14 ? 275 VAL A C     1 
ATOM   1020 O O     . VAL B 2 111 ? -16.644 9.228   13.996  1.00 84.21 ? 275 VAL A O     1 
ATOM   1021 C CB    . VAL B 2 111 ? -15.487 8.297   16.990  1.00 84.35 ? 275 VAL A CB    1 
ATOM   1022 C CG1   . VAL B 2 111 ? -14.257 8.619   16.172  1.00 83.19 ? 275 VAL A CG1   1 
ATOM   1023 C CG2   . VAL B 2 111 ? -15.292 8.746   18.432  1.00 84.62 ? 275 VAL A CG2   1 
ATOM   1024 N N     . LYS B 2 112 ? -17.361 7.246   14.802  1.00 84.04 ? 276 LYS A N     1 
ATOM   1025 C CA    . LYS B 2 112 ? -17.586 6.660   13.489  1.00 84.26 ? 276 LYS A CA    1 
ATOM   1026 C C     . LYS B 2 112 ? -18.519 7.509   12.649  1.00 85.00 ? 276 LYS A C     1 
ATOM   1027 O O     . LYS B 2 112 ? -18.255 7.725   11.472  1.00 85.46 ? 276 LYS A O     1 
ATOM   1028 C CB    . LYS B 2 112 ? -18.166 5.253   13.606  1.00 84.30 ? 276 LYS A CB    1 
ATOM   1029 C CG    . LYS B 2 112 ? -17.135 4.161   13.760  1.00 84.80 ? 276 LYS A CG    1 
ATOM   1030 C CD    . LYS B 2 112 ? -17.664 2.831   13.233  1.00 85.91 ? 276 LYS A CD    1 
ATOM   1031 C CE    . LYS B 2 112 ? -18.551 2.124   14.236  1.00 85.94 ? 276 LYS A CE    1 
ATOM   1032 N NZ    . LYS B 2 112 ? -17.744 1.619   15.378  1.00 88.63 ? 276 LYS A NZ    1 
ATOM   1033 N N     . GLU B 2 113 ? -19.592 8.008   13.261  1.00 86.18 ? 277 GLU A N     1 
ATOM   1034 C CA    . GLU B 2 113 ? -20.574 8.832   12.556  1.00 86.97 ? 277 GLU A CA    1 
ATOM   1035 C C     . GLU B 2 113 ? -19.939 10.054  11.898  1.00 86.62 ? 277 GLU A C     1 
ATOM   1036 O O     . GLU B 2 113 ? -20.286 10.422  10.773  1.00 87.01 ? 277 GLU A O     1 
ATOM   1037 C CB    . GLU B 2 113 ? -21.687 9.280   13.500  1.00 88.50 ? 277 GLU A CB    1 
ATOM   1038 C CG    . GLU B 2 113 ? -22.835 9.991   12.782  1.00 91.63 ? 277 GLU A CG    1 
ATOM   1039 C CD    . GLU B 2 113 ? -23.902 10.519  13.729  1.00 93.18 ? 277 GLU A CD    1 
ATOM   1040 O OE1   . GLU B 2 113 ? -24.343 9.759   14.625  1.00 93.26 ? 277 GLU A OE1   1 
ATOM   1041 O OE2   . GLU B 2 113 ? -24.301 11.697  13.568  1.00 93.65 ? 277 GLU A OE2   1 
ATOM   1042 N N     . LEU B 2 114 ? -18.984 10.661  12.591  1.00 85.33 ? 278 LEU A N     1 
ATOM   1043 C CA    . LEU B 2 114 ? -18.302 11.834  12.068  1.00 84.90 ? 278 LEU A CA    1 
ATOM   1044 C C     . LEU B 2 114 ? -17.458 11.496  10.827  1.00 84.18 ? 278 LEU A C     1 
ATOM   1045 O O     . LEU B 2 114 ? -17.268 12.333  9.945   1.00 84.02 ? 278 LEU A O     1 
ATOM   1046 C CB    . LEU B 2 114 ? -17.449 12.459  13.178  1.00 84.79 ? 278 LEU A CB    1 
ATOM   1047 C CG    . LEU B 2 114 ? -16.949 13.902  13.047  1.00 84.95 ? 278 LEU A CG    1 
ATOM   1048 C CD1   . LEU B 2 114 ? -15.631 13.945  12.315  1.00 86.30 ? 278 LEU A CD1   1 
ATOM   1049 C CD2   . LEU B 2 114 ? -17.987 14.771  12.359  1.00 86.15 ? 278 LEU A CD2   1 
ATOM   1050 N N     . LEU B 2 115 ? -16.988 10.256  10.746  1.00 83.76 ? 279 LEU A N     1 
ATOM   1051 C CA    . LEU B 2 115 ? -16.173 9.822   9.617   1.00 83.27 ? 279 LEU A CA    1 
ATOM   1052 C C     . LEU B 2 115 ? -17.049 9.299   8.485   1.00 83.71 ? 279 LEU A C     1 
ATOM   1053 O O     . LEU B 2 115 ? -16.919 9.742   7.340   1.00 84.63 ? 279 LEU A O     1 
ATOM   1054 C CB    . LEU B 2 115 ? -15.195 8.726   10.052  1.00 82.03 ? 279 LEU A CB    1 
ATOM   1055 C CG    . LEU B 2 115 ? -14.317 9.005   11.273  1.00 80.89 ? 279 LEU A CG    1 
ATOM   1056 C CD1   . LEU B 2 115 ? -13.569 7.752   11.647  1.00 81.51 ? 279 LEU A CD1   1 
ATOM   1057 C CD2   . LEU B 2 115 ? -13.354 10.136  11.001  1.00 81.18 ? 279 LEU A CD2   1 
ATOM   1058 N N     . THR B 2 116 ? -17.948 8.370   8.827   1.00 83.28 ? 280 THR A N     1 
ATOM   1059 C CA    . THR B 2 116 ? -18.880 7.730   7.888   1.00 82.66 ? 280 THR A CA    1 
ATOM   1060 C C     . THR B 2 116 ? -19.464 8.697   6.862   1.00 81.95 ? 280 THR A C     1 
ATOM   1061 O O     . THR B 2 116 ? -19.760 8.317   5.731   1.00 81.39 ? 280 THR A O     1 
ATOM   1062 C CB    . THR B 2 116 ? -20.066 7.078   8.636   1.00 82.73 ? 280 THR A CB    1 
ATOM   1063 O OG1   . THR B 2 116 ? -19.578 6.309   9.739   1.00 84.02 ? 280 THR A OG1   1 
ATOM   1064 C CG2   . THR B 2 116 ? -20.855 6.162   7.702   1.00 82.10 ? 280 THR A CG2   1 
ATOM   1065 N N     . SER B 2 117 ? -19.639 9.944   7.281   1.00 81.60 ? 281 SER A N     1 
ATOM   1066 C CA    . SER B 2 117 ? -20.188 10.983  6.430   1.00 82.00 ? 281 SER A CA    1 
ATOM   1067 C C     . SER B 2 117 ? -19.550 10.999  5.042   1.00 81.93 ? 281 SER A C     1 
ATOM   1068 O O     . SER B 2 117 ? -20.258 11.039  4.029   1.00 82.13 ? 281 SER A O     1 
ATOM   1069 C CB    . SER B 2 117 ? -20.029 12.348  7.107   1.00 82.96 ? 281 SER A CB    1 
ATOM   1070 O OG    . SER B 2 117 ? -18.665 12.689  7.285   1.00 83.84 ? 281 SER A OG    1 
ATOM   1071 N N     . PHE B 2 118 ? -18.220 10.932  4.997   1.00 81.44 ? 282 PHE A N     1 
ATOM   1072 C CA    . PHE B 2 118 ? -17.482 10.942  3.733   1.00 80.14 ? 282 PHE A CA    1 
ATOM   1073 C C     . PHE B 2 118 ? -17.525 9.627   2.962   1.00 79.37 ? 282 PHE A C     1 
ATOM   1074 O O     . PHE B 2 118 ? -16.973 9.532   1.867   1.00 80.08 ? 282 PHE A O     1 
ATOM   1075 C CB    . PHE B 2 118 ? -16.031 11.326  3.971   1.00 80.43 ? 282 PHE A CB    1 
ATOM   1076 C CG    . PHE B 2 118 ? -15.845 12.748  4.367   1.00 81.33 ? 282 PHE A CG    1 
ATOM   1077 C CD1   . PHE B 2 118 ? -16.164 13.170  5.647   1.00 82.15 ? 282 PHE A CD1   1 
ATOM   1078 C CD2   . PHE B 2 118 ? -15.334 13.668  3.462   1.00 81.59 ? 282 PHE A CD2   1 
ATOM   1079 C CE1   . PHE B 2 118 ? -15.976 14.491  6.022   1.00 83.25 ? 282 PHE A CE1   1 
ATOM   1080 C CE2   . PHE B 2 118 ? -15.142 14.991  3.825   1.00 82.11 ? 282 PHE A CE2   1 
ATOM   1081 C CZ    . PHE B 2 118 ? -15.463 15.406  5.106   1.00 82.89 ? 282 PHE A CZ    1 
ATOM   1082 N N     . GLY B 2 119 ? -18.160 8.614   3.544   1.00 77.91 ? 283 GLY A N     1 
ATOM   1083 C CA    . GLY B 2 119 ? -18.266 7.324   2.893   1.00 76.21 ? 283 GLY A CA    1 
ATOM   1084 C C     . GLY B 2 119 ? -18.118 6.200   3.898   1.00 76.11 ? 283 GLY A C     1 
ATOM   1085 O O     . GLY B 2 119 ? -17.720 6.440   5.040   1.00 76.66 ? 283 GLY A O     1 
ATOM   1086 N N     . PRO B 2 120 ? -18.477 4.966   3.519   1.00 75.16 ? 284 PRO A N     1 
ATOM   1087 C CA    . PRO B 2 120 ? -18.380 3.787   4.388   1.00 74.73 ? 284 PRO A CA    1 
ATOM   1088 C C     . PRO B 2 120 ? -16.934 3.400   4.708   1.00 73.20 ? 284 PRO A C     1 
ATOM   1089 O O     . PRO B 2 120 ? -16.051 3.488   3.850   1.00 73.39 ? 284 PRO A O     1 
ATOM   1090 C CB    . PRO B 2 120 ? -19.068 2.695   3.561   1.00 74.97 ? 284 PRO A CB    1 
ATOM   1091 C CG    . PRO B 2 120 ? -20.052 3.453   2.751   1.00 75.93 ? 284 PRO A CG    1 
ATOM   1092 C CD    . PRO B 2 120 ? -19.231 4.644   2.298   1.00 75.77 ? 284 PRO A CD    1 
ATOM   1093 N N     . LEU B 2 121 ? -16.721 2.955   5.945   1.00 71.19 ? 285 LEU A N     1 
ATOM   1094 C CA    . LEU B 2 121 ? -15.415 2.532   6.444   1.00 69.32 ? 285 LEU A CA    1 
ATOM   1095 C C     . LEU B 2 121 ? -15.224 1.026   6.311   1.00 68.77 ? 285 LEU A C     1 
ATOM   1096 O O     . LEU B 2 121 ? -16.171 0.256   6.478   1.00 67.86 ? 285 LEU A O     1 
ATOM   1097 C CB    . LEU B 2 121 ? -15.288 2.862   7.931   1.00 68.81 ? 285 LEU A CB    1 
ATOM   1098 C CG    . LEU B 2 121 ? -15.476 4.275   8.456   1.00 66.75 ? 285 LEU A CG    1 
ATOM   1099 C CD1   . LEU B 2 121 ? -15.642 4.225   9.963   1.00 65.28 ? 285 LEU A CD1   1 
ATOM   1100 C CD2   . LEU B 2 121 ? -14.283 5.115   8.061   1.00 69.61 ? 285 LEU A CD2   1 
ATOM   1101 N N     . LYS B 2 122 ? -13.984 0.610   6.069   1.00 68.69 ? 286 LYS A N     1 
ATOM   1102 C CA    . LYS B 2 122 ? -13.665 -0.807  5.965   1.00 68.37 ? 286 LYS A CA    1 
ATOM   1103 C C     . LYS B 2 122 ? -13.022 -1.280  7.282   1.00 67.56 ? 286 LYS A C     1 
ATOM   1104 O O     . LYS B 2 122 ? -13.005 -2.478  7.576   1.00 68.03 ? 286 LYS A O     1 
ATOM   1105 C CB    . LYS B 2 122 ? -12.744 -1.085  4.769   1.00 69.63 ? 286 LYS A CB    1 
ATOM   1106 C CG    . LYS B 2 122 ? -11.292 -0.679  4.957   1.00 73.16 ? 286 LYS A CG    1 
ATOM   1107 C CD    . LYS B 2 122 ? -10.364 -1.437  4.004   1.00 74.52 ? 286 LYS A CD    1 
ATOM   1108 C CE    . LYS B 2 122 ? -10.279 -0.790  2.629   1.00 76.19 ? 286 LYS A CE    1 
ATOM   1109 N NZ    . LYS B 2 122 ? -9.346  -1.535  1.722   1.00 76.17 ? 286 LYS A NZ    1 
ATOM   1110 N N     . ALA B 2 123 ? -12.525 -0.324  8.075   1.00 65.85 ? 287 ALA A N     1 
ATOM   1111 C CA    . ALA B 2 123 ? -11.892 -0.592  9.371   1.00 62.98 ? 287 ALA A CA    1 
ATOM   1112 C C     . ALA B 2 123 ? -11.909 0.650   10.261  1.00 62.85 ? 287 ALA A C     1 
ATOM   1113 O O     . ALA B 2 123 ? -11.816 1.773   9.768   1.00 62.58 ? 287 ALA A O     1 
ATOM   1114 C CB    . ALA B 2 123 ? -10.473 -1.057  9.176   1.00 63.01 ? 287 ALA A CB    1 
ATOM   1115 N N     . PHE B 2 124 ? -11.996 0.438   11.574  1.00 62.66 ? 288 PHE A N     1 
ATOM   1116 C CA    . PHE B 2 124 ? -12.020 1.529   12.547  1.00 62.04 ? 288 PHE A CA    1 
ATOM   1117 C C     . PHE B 2 124 ? -11.743 1.040   13.972  1.00 63.01 ? 288 PHE A C     1 
ATOM   1118 O O     . PHE B 2 124 ? -12.184 -0.041  14.367  1.00 62.01 ? 288 PHE A O     1 
ATOM   1119 C CB    . PHE B 2 124 ? -13.378 2.248   12.507  1.00 62.68 ? 288 PHE A CB    1 
ATOM   1120 C CG    . PHE B 2 124 ? -13.568 3.252   13.610  1.00 62.26 ? 288 PHE A CG    1 
ATOM   1121 C CD1   . PHE B 2 124 ? -13.240 4.585   13.415  1.00 62.88 ? 288 PHE A CD1   1 
ATOM   1122 C CD2   . PHE B 2 124 ? -14.038 2.854   14.860  1.00 63.34 ? 288 PHE A CD2   1 
ATOM   1123 C CE1   . PHE B 2 124 ? -13.364 5.512   14.448  1.00 63.32 ? 288 PHE A CE1   1 
ATOM   1124 C CE2   . PHE B 2 124 ? -14.167 3.768   15.902  1.00 64.57 ? 288 PHE A CE2   1 
ATOM   1125 C CZ    . PHE B 2 124 ? -13.829 5.103   15.696  1.00 64.97 ? 288 PHE A CZ    1 
ATOM   1126 N N     . ASN B 2 125 ? -11.031 1.862   14.743  1.00 64.11 ? 289 ASN A N     1 
ATOM   1127 C CA    . ASN B 2 125 ? -10.714 1.555   16.135  1.00 64.83 ? 289 ASN A CA    1 
ATOM   1128 C C     . ASN B 2 125 ? -10.408 2.823   16.935  1.00 66.06 ? 289 ASN A C     1 
ATOM   1129 O O     . ASN B 2 125 ? -9.591  3.640   16.521  1.00 67.91 ? 289 ASN A O     1 
ATOM   1130 C CB    . ASN B 2 125 ? -9.543  0.563   16.235  1.00 65.22 ? 289 ASN A CB    1 
ATOM   1131 C CG    . ASN B 2 125 ? -8.212  1.158   15.795  1.00 64.55 ? 289 ASN A CG    1 
ATOM   1132 O OD1   . ASN B 2 125 ? -7.982  1.378   14.613  1.00 67.92 ? 289 ASN A OD1   1 
ATOM   1133 N ND2   . ASN B 2 125 ? -7.327  1.401   16.749  1.00 63.15 ? 289 ASN A ND2   1 
ATOM   1134 N N     . LEU B 2 126 ? -11.121 3.017   18.040  1.00 66.57 ? 290 LEU A N     1 
ATOM   1135 C CA    . LEU B 2 126 ? -10.900 4.172   18.907  1.00 68.29 ? 290 LEU A CA    1 
ATOM   1136 C C     . LEU B 2 126 ? -10.159 3.642   20.112  1.00 70.46 ? 290 LEU A C     1 
ATOM   1137 O O     . LEU B 2 126 ? -10.681 2.789   20.826  1.00 71.38 ? 290 LEU A O     1 
ATOM   1138 C CB    . LEU B 2 126 ? -12.223 4.779   19.365  1.00 67.90 ? 290 LEU A CB    1 
ATOM   1139 C CG    . LEU B 2 126 ? -12.120 5.856   20.446  1.00 66.91 ? 290 LEU A CG    1 
ATOM   1140 C CD1   . LEU B 2 126 ? -11.659 7.159   19.827  1.00 68.07 ? 290 LEU A CD1   1 
ATOM   1141 C CD2   . LEU B 2 126 ? -13.464 6.042   21.128  1.00 67.84 ? 290 LEU A CD2   1 
ATOM   1142 N N     . VAL B 2 127 ? -8.951  4.147   20.338  1.00 72.32 ? 291 VAL A N     1 
ATOM   1143 C CA    . VAL B 2 127 ? -8.119  3.701   21.452  1.00 74.43 ? 291 VAL A CA    1 
ATOM   1144 C C     . VAL B 2 127 ? -8.631  4.126   22.822  1.00 77.61 ? 291 VAL A C     1 
ATOM   1145 O O     . VAL B 2 127 ? -8.865  5.307   23.064  1.00 78.59 ? 291 VAL A O     1 
ATOM   1146 C CB    . VAL B 2 127 ? -6.681  4.198   21.285  1.00 73.16 ? 291 VAL A CB    1 
ATOM   1147 C CG1   . VAL B 2 127 ? -5.809  3.676   22.412  1.00 73.19 ? 291 VAL A CG1   1 
ATOM   1148 C CG2   . VAL B 2 127 ? -6.137  3.760   19.937  1.00 73.50 ? 291 VAL A CG2   1 
ATOM   1149 N N     . LYS B 2 128 ? -8.818  3.156   23.712  1.00 80.86 ? 292 LYS A N     1 
ATOM   1150 C CA    . LYS B 2 128 ? -9.287  3.439   25.067  1.00 84.19 ? 292 LYS A CA    1 
ATOM   1151 C C     . LYS B 2 128 ? -8.228  2.974   26.068  1.00 87.11 ? 292 LYS A C     1 
ATOM   1152 O O     . LYS B 2 128 ? -7.615  1.925   25.875  1.00 87.65 ? 292 LYS A O     1 
ATOM   1153 C CB    . LYS B 2 128 ? -10.606 2.719   25.363  1.00 82.87 ? 292 LYS A CB    1 
ATOM   1154 C CG    . LYS B 2 128 ? -11.612 2.656   24.233  1.00 81.27 ? 292 LYS A CG    1 
ATOM   1155 C CD    . LYS B 2 128 ? -11.463 1.348   23.466  1.00 82.40 ? 292 LYS A CD    1 
ATOM   1156 C CE    . LYS B 2 128 ? -12.766 0.931   22.780  1.00 82.11 ? 292 LYS A CE    1 
ATOM   1157 N NZ    . LYS B 2 128 ? -13.290 1.958   21.835  1.00 82.17 ? 292 LYS A NZ    1 
ATOM   1158 N N     . ASP B 2 129 ? -8.028  3.736   27.141  1.00 90.73 ? 293 ASP A N     1 
ATOM   1159 C CA    . ASP B 2 129 ? -7.030  3.389   28.159  1.00 94.39 ? 293 ASP A CA    1 
ATOM   1160 C C     . ASP B 2 129 ? -7.277  2.001   28.759  1.00 95.85 ? 293 ASP A C     1 
ATOM   1161 O O     . ASP B 2 129 ? -8.407  1.673   29.124  1.00 96.16 ? 293 ASP A O     1 
ATOM   1162 C CB    . ASP B 2 129 ? -7.010  4.445   29.273  1.00 96.04 ? 293 ASP A CB    1 
ATOM   1163 C CG    . ASP B 2 129 ? -5.766  4.349   30.159  1.00 98.65 ? 293 ASP A CG    1 
ATOM   1164 O OD1   . ASP B 2 129 ? -5.546  3.287   30.788  1.00 99.42 ? 293 ASP A OD1   1 
ATOM   1165 O OD2   . ASP B 2 129 ? -5.000  5.337   30.222  1.00 99.73 ? 293 ASP A OD2   1 
ATOM   1166 N N     . SER B 2 130 ? -6.206  1.209   28.869  1.00 97.48 ? 294 SER A N     1 
ATOM   1167 C CA    . SER B 2 130 ? -6.246  -0.161  29.418  1.00 98.97 ? 294 SER A CA    1 
ATOM   1168 C C     . SER B 2 130 ? -7.203  -0.354  30.607  1.00 99.73 ? 294 SER A C     1 
ATOM   1169 O O     . SER B 2 130 ? -8.166  -1.128  30.517  1.00 99.73 ? 294 SER A O     1 
ATOM   1170 C CB    . SER B 2 130 ? -4.834  -0.620  29.827  1.00 98.85 ? 294 SER A CB    1 
ATOM   1171 O OG    . SER B 2 130 ? -3.985  -0.786  28.702  1.00 97.51 ? 294 SER A OG    1 
ATOM   1172 N N     . ALA B 2 131 ? -6.925  0.344   31.711  1.00 99.73 ? 295 ALA A N     1 
ATOM   1173 C CA    . ALA B 2 131 ? -7.748  0.268   32.922  1.00 99.73 ? 295 ALA A CA    1 
ATOM   1174 C C     . ALA B 2 131 ? -8.992  1.166   32.854  1.00 99.15 ? 295 ALA A C     1 
ATOM   1175 O O     . ALA B 2 131 ? -10.115 0.662   32.813  1.00 99.41 ? 295 ALA A O     1 
ATOM   1176 C CB    . ALA B 2 131 ? -6.909  0.601   34.160  1.00 99.59 ? 295 ALA A CB    1 
ATOM   1177 N N     . THR B 2 132 ? -8.776  2.483   32.839  1.00 98.36 ? 296 THR A N     1 
ATOM   1178 C CA    . THR B 2 132 ? -9.836  3.494   32.760  1.00 96.87 ? 296 THR A CA    1 
ATOM   1179 C C     . THR B 2 132 ? -10.939 3.082   31.794  1.00 96.33 ? 296 THR A C     1 
ATOM   1180 O O     . THR B 2 132 ? -12.109 3.102   32.159  1.00 96.23 ? 296 THR A O     1 
ATOM   1181 C CB    . THR B 2 132 ? -9.280  4.847   32.307  1.00 96.78 ? 296 THR A CB    1 
ATOM   1182 O OG1   . THR B 2 132 ? -7.993  5.047   32.904  1.00 95.31 ? 296 THR A OG1   1 
ATOM   1183 C CG2   . THR B 2 132 ? -10.207 5.974   32.748  1.00 95.49 ? 296 THR A CG2   1 
ATOM   1184 N N     . GLY B 2 133 ? -10.528 2.732   30.557  1.00 95.56 ? 297 GLY A N     1 
ATOM   1185 C CA    . GLY B 2 133 ? -11.482 2.314   29.540  1.00 94.51 ? 297 GLY A CA    1 
ATOM   1186 C C     . GLY B 2 133 ? -12.113 3.384   28.662  1.00 93.03 ? 297 GLY A C     1 
ATOM   1187 O O     . GLY B 2 133 ? -12.940 3.065   27.801  1.00 93.84 ? 297 GLY A O     1 
ATOM   1188 N N     . LEU B 2 134 ? -11.789 4.654   28.897  1.00 90.92 ? 298 LEU A N     1 
ATOM   1189 C CA    . LEU B 2 134 ? -12.356 5.718   28.069  1.00 88.16 ? 298 LEU A CA    1 
ATOM   1190 C C     . LEU B 2 134 ? -11.403 6.112   26.949  1.00 85.61 ? 298 LEU A C     1 
ATOM   1191 O O     . LEU B 2 134 ? -10.239 5.709   26.933  1.00 85.65 ? 298 LEU A O     1 
ATOM   1192 C CB    . LEU B 2 134 ? -12.744 6.955   28.887  1.00 89.06 ? 298 LEU A CB    1 
ATOM   1193 C CG    . LEU B 2 134 ? -12.543 6.996   30.404  1.00 89.31 ? 298 LEU A CG    1 
ATOM   1194 C CD1   . LEU B 2 134 ? -12.803 8.406   30.884  1.00 88.78 ? 298 LEU A CD1   1 
ATOM   1195 C CD2   . LEU B 2 134 ? -13.459 6.005   31.123  1.00 89.31 ? 298 LEU A CD2   1 
ATOM   1196 N N     . SER B 2 135 ? -11.909 6.913   26.020  1.00 82.32 ? 299 SER A N     1 
ATOM   1197 C CA    . SER B 2 135 ? -11.140 7.369   24.876  1.00 78.61 ? 299 SER A CA    1 
ATOM   1198 C C     . SER B 2 135 ? -9.833  8.042   25.270  1.00 76.87 ? 299 SER A C     1 
ATOM   1199 O O     . SER B 2 135 ? -9.778  8.774   26.256  1.00 77.70 ? 299 SER A O     1 
ATOM   1200 C CB    . SER B 2 135 ? -11.986 8.331   24.053  1.00 77.92 ? 299 SER A CB    1 
ATOM   1201 O OG    . SER B 2 135 ? -11.288 8.772   22.911  1.00 79.88 ? 299 SER A OG    1 
ATOM   1202 N N     . LYS B 2 136 ? -8.777  7.748   24.517  1.00 74.11 ? 300 LYS A N     1 
ATOM   1203 C CA    . LYS B 2 136 ? -7.462  8.335   24.749  1.00 70.84 ? 300 LYS A CA    1 
ATOM   1204 C C     . LYS B 2 136 ? -7.345  9.595   23.895  1.00 68.24 ? 300 LYS A C     1 
ATOM   1205 O O     . LYS B 2 136 ? -6.297  10.236  23.878  1.00 68.46 ? 300 LYS A O     1 
ATOM   1206 C CB    . LYS B 2 136 ? -6.347  7.355   24.361  1.00 71.75 ? 300 LYS A CB    1 
ATOM   1207 C CG    . LYS B 2 136 ? -6.368  6.018   25.087  1.00 73.14 ? 300 LYS A CG    1 
ATOM   1208 C CD    . LYS B 2 136 ? -5.532  6.003   26.362  1.00 74.55 ? 300 LYS A CD    1 
ATOM   1209 C CE    . LYS B 2 136 ? -4.023  6.037   26.093  1.00 75.77 ? 300 LYS A CE    1 
ATOM   1210 N NZ    . LYS B 2 136 ? -3.487  7.403   25.766  1.00 75.87 ? 300 LYS A NZ    1 
ATOM   1211 N N     . GLY B 2 137 ? -8.403  9.897   23.142  1.00 65.69 ? 301 GLY A N     1 
ATOM   1212 C CA    . GLY B 2 137 ? -8.436  11.083  22.298  1.00 63.10 ? 301 GLY A CA    1 
ATOM   1213 C C     . GLY B 2 137 ? -8.045  10.947  20.838  1.00 61.62 ? 301 GLY A C     1 
ATOM   1214 O O     . GLY B 2 137 ? -7.948  11.954  20.134  1.00 62.03 ? 301 GLY A O     1 
ATOM   1215 N N     . TYR B 2 138 ? -7.832  9.718   20.376  1.00 61.59 ? 302 TYR A N     1 
ATOM   1216 C CA    . TYR B 2 138 ? -7.442  9.463   18.990  1.00 59.33 ? 302 TYR A CA    1 
ATOM   1217 C C     . TYR B 2 138 ? -7.924  8.114   18.475  1.00 57.98 ? 302 TYR A C     1 
ATOM   1218 O O     . TYR B 2 138 ? -8.075  7.156   19.233  1.00 56.77 ? 302 TYR A O     1 
ATOM   1219 C CB    . TYR B 2 138 ? -5.923  9.572   18.831  1.00 61.84 ? 302 TYR A CB    1 
ATOM   1220 C CG    . TYR B 2 138 ? -5.130  8.503   19.555  1.00 62.65 ? 302 TYR A CG    1 
ATOM   1221 C CD1   . TYR B 2 138 ? -4.798  7.312   18.917  1.00 62.79 ? 302 TYR A CD1   1 
ATOM   1222 C CD2   . TYR B 2 138 ? -4.709  8.682   20.873  1.00 62.18 ? 302 TYR A CD2   1 
ATOM   1223 C CE1   . TYR B 2 138 ? -4.075  6.330   19.565  1.00 62.34 ? 302 TYR A CE1   1 
ATOM   1224 C CE2   . TYR B 2 138 ? -3.980  7.697   21.530  1.00 61.34 ? 302 TYR A CE2   1 
ATOM   1225 C CZ    . TYR B 2 138 ? -3.671  6.526   20.863  1.00 61.90 ? 302 TYR A CZ    1 
ATOM   1226 O OH    . TYR B 2 138 ? -2.970  5.532   21.483  1.00 63.51 ? 302 TYR A OH    1 
ATOM   1227 N N     . ALA B 2 139 ? -8.150  8.044   17.170  1.00 58.03 ? 303 ALA A N     1 
ATOM   1228 C CA    . ALA B 2 139 ? -8.631  6.823   16.547  1.00 57.93 ? 303 ALA A CA    1 
ATOM   1229 C C     . ALA B 2 139 ? -8.060  6.597   15.158  1.00 58.11 ? 303 ALA A C     1 
ATOM   1230 O O     . ALA B 2 139 ? -7.484  7.494   14.544  1.00 58.49 ? 303 ALA A O     1 
ATOM   1231 C CB    . ALA B 2 139 ? -10.130 6.840   16.480  1.00 58.76 ? 303 ALA A CB    1 
ATOM   1232 N N     . PHE B 2 140 ? -8.245  5.381   14.665  1.00 58.12 ? 304 PHE A N     1 
ATOM   1233 C CA    . PHE B 2 140 ? -7.760  5.001   13.353  1.00 58.00 ? 304 PHE A CA    1 
ATOM   1234 C C     . PHE B 2 140 ? -8.913  4.407   12.592  1.00 57.23 ? 304 PHE A C     1 
ATOM   1235 O O     . PHE B 2 140 ? -9.724  3.683   13.157  1.00 56.90 ? 304 PHE A O     1 
ATOM   1236 C CB    . PHE B 2 140 ? -6.644  3.956   13.472  1.00 58.42 ? 304 PHE A CB    1 
ATOM   1237 C CG    . PHE B 2 140 ? -5.465  4.423   14.264  1.00 59.19 ? 304 PHE A CG    1 
ATOM   1238 C CD1   . PHE B 2 140 ? -4.440  5.131   13.653  1.00 60.71 ? 304 PHE A CD1   1 
ATOM   1239 C CD2   . PHE B 2 140 ? -5.395  4.190   15.630  1.00 60.73 ? 304 PHE A CD2   1 
ATOM   1240 C CE1   . PHE B 2 140 ? -3.364  5.605   14.387  1.00 61.23 ? 304 PHE A CE1   1 
ATOM   1241 C CE2   . PHE B 2 140 ? -4.323  4.659   16.379  1.00 60.68 ? 304 PHE A CE2   1 
ATOM   1242 C CZ    . PHE B 2 140 ? -3.306  5.370   15.755  1.00 62.19 ? 304 PHE A CZ    1 
ATOM   1243 N N     . CYS B 2 141 ? -8.973  4.706   11.303  1.00 58.93 ? 305 CYS A N     1 
ATOM   1244 C CA    . CYS B 2 141 ? -10.025 4.180   10.439  1.00 59.13 ? 305 CYS A CA    1 
ATOM   1245 C C     . CYS B 2 141 ? -9.495  4.029   9.016   1.00 59.25 ? 305 CYS A C     1 
ATOM   1246 O O     . CYS B 2 141 ? -8.339  4.335   8.740   1.00 59.34 ? 305 CYS A O     1 
ATOM   1247 C CB    . CYS B 2 141 ? -11.230 5.119   10.432  1.00 58.72 ? 305 CYS A CB    1 
ATOM   1248 S SG    . CYS B 2 141 ? -11.008 6.551   9.372   1.00 57.97 ? 305 CYS A SG    1 
ATOM   1249 N N     . GLU B 2 142 ? -10.364 3.595   8.112   1.00 60.67 ? 306 GLU A N     1 
ATOM   1250 C CA    . GLU B 2 142 ? -10.004 3.417   6.713   1.00 61.43 ? 306 GLU A CA    1 
ATOM   1251 C C     . GLU B 2 142 ? -11.271 3.157   5.905   1.00 61.22 ? 306 GLU A C     1 
ATOM   1252 O O     . GLU B 2 142 ? -12.063 2.288   6.258   1.00 60.84 ? 306 GLU A O     1 
ATOM   1253 C CB    . GLU B 2 142 ? -9.044  2.242   6.575   1.00 63.75 ? 306 GLU A CB    1 
ATOM   1254 C CG    . GLU B 2 142 ? -8.345  2.174   5.243   1.00 66.83 ? 306 GLU A CG    1 
ATOM   1255 C CD    . GLU B 2 142 ? -7.459  0.957   5.135   1.00 68.12 ? 306 GLU A CD    1 
ATOM   1256 O OE1   . GLU B 2 142 ? -7.977  -0.156  5.362   1.00 66.95 ? 306 GLU A OE1   1 
ATOM   1257 O OE2   . GLU B 2 142 ? -6.257  1.113   4.823   1.00 68.52 ? 306 GLU A OE2   1 
ATOM   1258 N N     . TYR B 2 143 ? -11.472 3.939   4.846   1.00 61.92 ? 307 TYR A N     1 
ATOM   1259 C CA    . TYR B 2 143 ? -12.645 3.808   3.986   1.00 63.18 ? 307 TYR A CA    1 
ATOM   1260 C C     . TYR B 2 143 ? -12.505 2.692   2.959   1.00 65.73 ? 307 TYR A C     1 
ATOM   1261 O O     . TYR B 2 143 ? -11.393 2.267   2.628   1.00 66.03 ? 307 TYR A O     1 
ATOM   1262 C CB    . TYR B 2 143 ? -12.895 5.105   3.231   1.00 63.05 ? 307 TYR A CB    1 
ATOM   1263 C CG    . TYR B 2 143 ? -13.078 6.325   4.099   1.00 62.66 ? 307 TYR A CG    1 
ATOM   1264 C CD1   . TYR B 2 143 ? -12.036 7.227   4.282   1.00 61.82 ? 307 TYR A CD1   1 
ATOM   1265 C CD2   . TYR B 2 143 ? -14.306 6.596   4.709   1.00 63.36 ? 307 TYR A CD2   1 
ATOM   1266 C CE1   . TYR B 2 143 ? -12.207 8.368   5.044   1.00 63.75 ? 307 TYR A CE1   1 
ATOM   1267 C CE2   . TYR B 2 143 ? -14.491 7.739   5.481   1.00 63.23 ? 307 TYR A CE2   1 
ATOM   1268 C CZ    . TYR B 2 143 ? -13.435 8.621   5.644   1.00 64.69 ? 307 TYR A CZ    1 
ATOM   1269 O OH    . TYR B 2 143 ? -13.593 9.754   6.410   1.00 66.48 ? 307 TYR A OH    1 
ATOM   1270 N N     . VAL B 2 144 ? -13.644 2.250   2.431   1.00 68.39 ? 308 VAL A N     1 
ATOM   1271 C CA    . VAL B 2 144 ? -13.675 1.193   1.423   1.00 70.81 ? 308 VAL A CA    1 
ATOM   1272 C C     . VAL B 2 144 ? -13.102 1.739   0.115   1.00 73.05 ? 308 VAL A C     1 
ATOM   1273 O O     . VAL B 2 144 ? -12.171 1.164   -0.456  1.00 74.29 ? 308 VAL A O     1 
ATOM   1274 C CB    . VAL B 2 144 ? -15.108 0.686   1.187   1.00 69.74 ? 308 VAL A CB    1 
ATOM   1275 C CG1   . VAL B 2 144 ? -15.069 -0.609  0.393   1.00 70.48 ? 308 VAL A CG1   1 
ATOM   1276 C CG2   . VAL B 2 144 ? -15.822 0.473   2.517   1.00 69.15 ? 308 VAL A CG2   1 
ATOM   1277 N N     . ASP B 2 145 ? -13.664 2.843   -0.365  1.00 75.28 ? 309 ASP A N     1 
ATOM   1278 C CA    . ASP B 2 145 ? -13.159 3.463   -1.582  1.00 78.15 ? 309 ASP A CA    1 
ATOM   1279 C C     . ASP B 2 145 ? -11.976 4.293   -1.128  1.00 78.33 ? 309 ASP A C     1 
ATOM   1280 O O     . ASP B 2 145 ? -12.144 5.428   -0.684  1.00 78.06 ? 309 ASP A O     1 
ATOM   1281 C CB    . ASP B 2 145 ? -14.216 4.364   -2.227  1.00 81.03 ? 309 ASP A CB    1 
ATOM   1282 C CG    . ASP B 2 145 ? -13.706 5.058   -3.490  1.00 83.51 ? 309 ASP A CG    1 
ATOM   1283 O OD1   . ASP B 2 145 ? -13.700 6.310   -3.522  1.00 85.12 ? 309 ASP A OD1   1 
ATOM   1284 O OD2   . ASP B 2 145 ? -13.308 4.355   -4.447  1.00 85.13 ? 309 ASP A OD2   1 
ATOM   1285 N N     . ILE B 2 146 ? -10.783 3.722   -1.245  1.00 78.99 ? 310 ILE A N     1 
ATOM   1286 C CA    . ILE B 2 146 ? -9.559  4.387   -0.808  1.00 80.45 ? 310 ILE A CA    1 
ATOM   1287 C C     . ILE B 2 146 ? -9.257  5.739   -1.449  1.00 80.87 ? 310 ILE A C     1 
ATOM   1288 O O     . ILE B 2 146 ? -8.247  6.371   -1.140  1.00 81.45 ? 310 ILE A O     1 
ATOM   1289 C CB    . ILE B 2 146 ? -8.330  3.460   -0.939  1.00 81.21 ? 310 ILE A CB    1 
ATOM   1290 C CG1   . ILE B 2 146 ? -8.041  3.136   -2.408  1.00 81.45 ? 310 ILE A CG1   1 
ATOM   1291 C CG2   . ILE B 2 146 ? -8.556  2.188   -0.114  1.00 81.63 ? 310 ILE A CG2   1 
ATOM   1292 C CD1   . ILE B 2 146 ? -9.067  2.223   -3.071  1.00 84.52 ? 310 ILE A CD1   1 
ATOM   1293 N N     . ASN B 2 147 ? -10.141 6.188   -2.328  1.00 81.96 ? 311 ASN A N     1 
ATOM   1294 C CA    . ASN B 2 147 ? -9.967  7.469   -2.985  1.00 83.03 ? 311 ASN A CA    1 
ATOM   1295 C C     . ASN B 2 147 ? -10.565 8.577   -2.145  1.00 83.20 ? 311 ASN A C     1 
ATOM   1296 O O     . ASN B 2 147 ? -10.087 9.710   -2.178  1.00 84.16 ? 311 ASN A O     1 
ATOM   1297 C CB    . ASN B 2 147 ? -10.600 7.454   -4.375  1.00 84.80 ? 311 ASN A CB    1 
ATOM   1298 C CG    . ASN B 2 147 ? -9.834  6.583   -5.347  1.00 85.84 ? 311 ASN A CG    1 
ATOM   1299 O OD1   . ASN B 2 147 ? -8.857  7.030   -5.955  1.00 85.98 ? 311 ASN A OD1   1 
ATOM   1300 N ND2   . ASN B 2 147 ? -10.253 5.325   -5.479  1.00 86.50 ? 311 ASN A ND2   1 
ATOM   1301 N N     . VAL B 2 148 ? -11.603 8.248   -1.381  1.00 83.17 ? 312 VAL A N     1 
ATOM   1302 C CA    . VAL B 2 148 ? -12.252 9.235   -0.522  1.00 84.02 ? 312 VAL A CA    1 
ATOM   1303 C C     . VAL B 2 148 ? -11.349 9.670   0.640   1.00 83.33 ? 312 VAL A C     1 
ATOM   1304 O O     . VAL B 2 148 ? -11.675 10.604  1.370   1.00 82.83 ? 312 VAL A O     1 
ATOM   1305 C CB    . VAL B 2 148 ? -13.588 8.708   0.055   1.00 85.38 ? 312 VAL A CB    1 
ATOM   1306 C CG1   . VAL B 2 148 ? -14.492 8.207   -1.058  1.00 87.17 ? 312 VAL A CG1   1 
ATOM   1307 C CG2   . VAL B 2 148 ? -13.337 7.618   1.062   1.00 85.66 ? 312 VAL A CG2   1 
ATOM   1308 N N     . THR B 2 149 ? -10.207 9.000   0.787   1.00 83.30 ? 313 THR A N     1 
ATOM   1309 C CA    . THR B 2 149 ? -9.249  9.299   1.850   1.00 83.39 ? 313 THR A CA    1 
ATOM   1310 C C     . THR B 2 149 ? -8.827  10.768  1.880   1.00 84.51 ? 313 THR A C     1 
ATOM   1311 O O     . THR B 2 149 ? -8.924  11.424  2.921   1.00 85.83 ? 313 THR A O     1 
ATOM   1312 C CB    . THR B 2 149 ? -7.991  8.409   1.745   1.00 81.75 ? 313 THR A CB    1 
ATOM   1313 O OG1   . THR B 2 149 ? -8.360  7.031   1.881   1.00 79.78 ? 313 THR A OG1   1 
ATOM   1314 C CG2   . THR B 2 149 ? -7.012  8.757   2.838   1.00 81.84 ? 313 THR A CG2   1 
ATOM   1315 N N     . ASP B 2 150 ? -8.384  11.289  0.740   1.00 84.53 ? 314 ASP A N     1 
ATOM   1316 C CA    . ASP B 2 150 ? -7.956  12.684  0.662   1.00 84.52 ? 314 ASP A CA    1 
ATOM   1317 C C     . ASP B 2 150 ? -9.114  13.651  0.876   1.00 84.23 ? 314 ASP A C     1 
ATOM   1318 O O     . ASP B 2 150 ? -8.948  14.684  1.524   1.00 83.67 ? 314 ASP A O     1 
ATOM   1319 C CB    . ASP B 2 150 ? -7.273  12.957  -0.673  1.00 84.74 ? 314 ASP A CB    1 
ATOM   1320 C CG    . ASP B 2 150 ? -6.098  12.042  -0.909  1.00 85.60 ? 314 ASP A CG    1 
ATOM   1321 O OD1   . ASP B 2 150 ? -4.999  12.342  -0.394  1.00 85.73 ? 314 ASP A OD1   1 
ATOM   1322 O OD2   . ASP B 2 150 ? -6.285  11.009  -1.585  1.00 86.43 ? 314 ASP A OD2   1 
ATOM   1323 N N     . GLN B 2 151 ? -10.282 13.314  0.332   1.00 83.99 ? 315 GLN A N     1 
ATOM   1324 C CA    . GLN B 2 151 ? -11.467 14.154  0.487   1.00 84.63 ? 315 GLN A CA    1 
ATOM   1325 C C     . GLN B 2 151 ? -11.834 14.246  1.965   1.00 83.44 ? 315 GLN A C     1 
ATOM   1326 O O     . GLN B 2 151 ? -12.245 15.305  2.443   1.00 83.35 ? 315 GLN A O     1 
ATOM   1327 C CB    . GLN B 2 151 ? -12.650 13.585  -0.301  1.00 87.12 ? 315 GLN A CB    1 
ATOM   1328 C CG    . GLN B 2 151 ? -12.471 13.584  -1.816  1.00 89.56 ? 315 GLN A CG    1 
ATOM   1329 C CD    . GLN B 2 151 ? -13.651 12.952  -2.542  1.00 91.62 ? 315 GLN A CD    1 
ATOM   1330 O OE1   . GLN B 2 151 ? -13.937 11.762  -2.370  1.00 93.30 ? 315 GLN A OE1   1 
ATOM   1331 N NE2   . GLN B 2 151 ? -14.344 13.745  -3.358  1.00 91.88 ? 315 GLN A NE2   1 
ATOM   1332 N N     . ALA B 2 152 ? -11.665 13.132  2.677   1.00 81.87 ? 316 ALA A N     1 
ATOM   1333 C CA    . ALA B 2 152 ? -11.948 13.062  4.106   1.00 78.85 ? 316 ALA A CA    1 
ATOM   1334 C C     . ALA B 2 152 ? -10.903 13.836  4.896   1.00 77.35 ? 316 ALA A C     1 
ATOM   1335 O O     . ALA B 2 152 ? -11.237 14.487  5.882   1.00 76.90 ? 316 ALA A O     1 
ATOM   1336 C CB    . ALA B 2 152 ? -11.993 11.626  4.566   1.00 77.81 ? 316 ALA A CB    1 
ATOM   1337 N N     . ILE B 2 153 ? -9.641  13.768  4.472   1.00 75.73 ? 317 ILE A N     1 
ATOM   1338 C CA    . ILE B 2 153 ? -8.588  14.499  5.172   1.00 75.65 ? 317 ILE A CA    1 
ATOM   1339 C C     . ILE B 2 153 ? -8.892  15.989  5.101   1.00 76.17 ? 317 ILE A C     1 
ATOM   1340 O O     . ILE B 2 153 ? -8.963  16.659  6.128   1.00 76.65 ? 317 ILE A O     1 
ATOM   1341 C CB    . ILE B 2 153 ? -7.174  14.251  4.577   1.00 74.71 ? 317 ILE A CB    1 
ATOM   1342 C CG1   . ILE B 2 153 ? -6.778  12.781  4.714   1.00 74.49 ? 317 ILE A CG1   1 
ATOM   1343 C CG2   . ILE B 2 153 ? -6.144  15.105  5.296   1.00 72.47 ? 317 ILE A CG2   1 
ATOM   1344 C CD1   . ILE B 2 153 ? -5.414  12.461  4.128   1.00 73.11 ? 317 ILE A CD1   1 
ATOM   1345 N N     . ALA B 2 154 ? -9.120  16.492  3.892   1.00 76.96 ? 318 ALA A N     1 
ATOM   1346 C CA    . ALA B 2 154 ? -9.415  17.911  3.692   1.00 76.89 ? 318 ALA A CA    1 
ATOM   1347 C C     . ALA B 2 154 ? -10.580 18.372  4.561   1.00 76.50 ? 318 ALA A C     1 
ATOM   1348 O O     . ALA B 2 154 ? -10.434 19.287  5.372   1.00 75.27 ? 318 ALA A O     1 
ATOM   1349 C CB    . ALA B 2 154 ? -9.710  18.189  2.225   1.00 76.26 ? 318 ALA A CB    1 
ATOM   1350 N N     . GLY B 2 155 ? -11.711 17.681  4.430   1.00 77.23 ? 319 GLY A N     1 
ATOM   1351 C CA    . GLY B 2 155 ? -12.907 18.028  5.181   1.00 77.78 ? 319 GLY A CA    1 
ATOM   1352 C C     . GLY B 2 155 ? -12.847 17.926  6.696   1.00 78.36 ? 319 GLY A C     1 
ATOM   1353 O O     . GLY B 2 155 ? -13.317 18.827  7.399   1.00 79.00 ? 319 GLY A O     1 
ATOM   1354 N N     . LEU B 2 156 ? -12.243 16.853  7.200   1.00 77.60 ? 320 LEU A N     1 
ATOM   1355 C CA    . LEU B 2 156 ? -12.159 16.625  8.634   1.00 76.14 ? 320 LEU A CA    1 
ATOM   1356 C C     . LEU B 2 156 ? -10.988 17.263  9.373   1.00 77.04 ? 320 LEU A C     1 
ATOM   1357 O O     . LEU B 2 156 ? -11.153 17.706  10.511  1.00 78.03 ? 320 LEU A O     1 
ATOM   1358 C CB    . LEU B 2 156 ? -12.210 15.129  8.922   1.00 75.06 ? 320 LEU A CB    1 
ATOM   1359 C CG    . LEU B 2 156 ? -13.489 14.429  8.457   1.00 73.98 ? 320 LEU A CG    1 
ATOM   1360 C CD1   . LEU B 2 156 ? -13.423 12.939  8.737   1.00 73.37 ? 320 LEU A CD1   1 
ATOM   1361 C CD2   . LEU B 2 156 ? -14.679 15.047  9.154   1.00 75.15 ? 320 LEU A CD2   1 
ATOM   1362 N N     . ASN B 2 157 ? -9.813  17.318  8.747   1.00 76.76 ? 321 ASN A N     1 
ATOM   1363 C CA    . ASN B 2 157 ? -8.630  17.897  9.394   1.00 76.63 ? 321 ASN A CA    1 
ATOM   1364 C C     . ASN B 2 157 ? -8.877  19.338  9.809   1.00 76.62 ? 321 ASN A C     1 
ATOM   1365 O O     . ASN B 2 157 ? -9.486  20.103  9.066   1.00 76.74 ? 321 ASN A O     1 
ATOM   1366 C CB    . ASN B 2 157 ? -7.408  17.816  8.465   1.00 76.13 ? 321 ASN A CB    1 
ATOM   1367 C CG    . ASN B 2 157 ? -6.101  18.216  9.155   1.00 76.27 ? 321 ASN A CG    1 
ATOM   1368 O OD1   . ASN B 2 157 ? -5.875  17.915  10.329  1.00 75.16 ? 321 ASN A OD1   1 
ATOM   1369 N ND2   . ASN B 2 157 ? -5.223  18.872  8.407   1.00 77.63 ? 321 ASN A ND2   1 
ATOM   1370 N N     . GLY B 2 158 ? -8.453  19.680  11.023  1.00 77.68 ? 322 GLY A N     1 
ATOM   1371 C CA    . GLY B 2 158 ? -8.618  21.034  11.526  1.00 79.91 ? 322 GLY A CA    1 
ATOM   1372 C C     . GLY B 2 158 ? -9.986  21.404  12.078  1.00 81.85 ? 322 GLY A C     1 
ATOM   1373 O O     . GLY B 2 158 ? -10.117 22.435  12.742  1.00 82.12 ? 322 GLY A O     1 
ATOM   1374 N N     . MET B 2 159 ? -10.999 20.577  11.810  1.00 83.33 ? 323 MET A N     1 
ATOM   1375 C CA    . MET B 2 159 ? -12.361 20.817  12.287  1.00 84.30 ? 323 MET A CA    1 
ATOM   1376 C C     . MET B 2 159 ? -12.379 21.035  13.800  1.00 85.03 ? 323 MET A C     1 
ATOM   1377 O O     . MET B 2 159 ? -11.589 20.439  14.537  1.00 85.11 ? 323 MET A O     1 
ATOM   1378 C CB    . MET B 2 159 ? -13.268 19.633  11.920  1.00 85.36 ? 323 MET A CB    1 
ATOM   1379 C CG    . MET B 2 159 ? -14.733 19.765  12.353  1.00 86.69 ? 323 MET A CG    1 
ATOM   1380 S SD    . MET B 2 159 ? -15.698 18.219  12.144  1.00 90.47 ? 323 MET A SD    1 
ATOM   1381 C CE    . MET B 2 159 ? -17.228 18.826  11.403  1.00 89.22 ? 323 MET A CE    1 
ATOM   1382 N N     . GLN B 2 160 ? -13.257 21.927  14.247  1.00 85.86 ? 324 GLN A N     1 
ATOM   1383 C CA    . GLN B 2 160 ? -13.398 22.237  15.663  1.00 86.50 ? 324 GLN A CA    1 
ATOM   1384 C C     . GLN B 2 160 ? -14.400 21.276  16.301  1.00 86.45 ? 324 GLN A C     1 
ATOM   1385 O O     . GLN B 2 160 ? -15.519 21.120  15.815  1.00 86.55 ? 324 GLN A O     1 
ATOM   1386 C CB    . GLN B 2 160 ? -13.870 23.686  15.837  1.00 87.48 ? 324 GLN A CB    1 
ATOM   1387 C CG    . GLN B 2 160 ? -13.953 24.181  17.284  1.00 88.81 ? 324 GLN A CG    1 
ATOM   1388 C CD    . GLN B 2 160 ? -12.590 24.381  17.942  1.00 89.35 ? 324 GLN A CD    1 
ATOM   1389 O OE1   . GLN B 2 160 ? -12.430 24.131  19.141  1.00 90.16 ? 324 GLN A OE1   1 
ATOM   1390 N NE2   . GLN B 2 160 ? -11.613 24.855  17.169  1.00 87.95 ? 324 GLN A NE2   1 
ATOM   1391 N N     . LEU B 2 161 ? -13.962 20.599  17.356  1.00 86.06 ? 325 LEU A N     1 
ATOM   1392 C CA    . LEU B 2 161 ? -14.782 19.646  18.104  1.00 85.87 ? 325 LEU A CA    1 
ATOM   1393 C C     . LEU B 2 161 ? -14.574 19.980  19.573  1.00 86.32 ? 325 LEU A C     1 
ATOM   1394 O O     . LEU B 2 161 ? -13.477 19.783  20.107  1.00 87.18 ? 325 LEU A O     1 
ATOM   1395 C CB    . LEU B 2 161 ? -14.313 18.211  17.853  1.00 85.49 ? 325 LEU A CB    1 
ATOM   1396 C CG    . LEU B 2 161 ? -15.093 17.320  16.892  1.00 84.96 ? 325 LEU A CG    1 
ATOM   1397 C CD1   . LEU B 2 161 ? -16.544 17.270  17.314  1.00 86.51 ? 325 LEU A CD1   1 
ATOM   1398 C CD2   . LEU B 2 161 ? -14.968 17.832  15.476  1.00 85.77 ? 325 LEU A CD2   1 
ATOM   1399 N N     . GLY B 2 162 ? -15.619 20.458  20.240  1.00 85.84 ? 326 GLY A N     1 
ATOM   1400 C CA    . GLY B 2 162 ? -15.465 20.836  21.631  1.00 84.93 ? 326 GLY A CA    1 
ATOM   1401 C C     . GLY B 2 162 ? -14.454 21.969  21.636  1.00 85.14 ? 326 GLY A C     1 
ATOM   1402 O O     . GLY B 2 162 ? -14.532 22.871  20.792  1.00 85.51 ? 326 GLY A O     1 
ATOM   1403 N N     . ASP B 2 163 ? -13.490 21.918  22.549  1.00 84.46 ? 327 ASP A N     1 
ATOM   1404 C CA    . ASP B 2 163 ? -12.451 22.945  22.608  1.00 84.11 ? 327 ASP A CA    1 
ATOM   1405 C C     . ASP B 2 163 ? -11.156 22.415  21.995  1.00 84.84 ? 327 ASP A C     1 
ATOM   1406 O O     . ASP B 2 163 ? -10.061 22.860  22.346  1.00 85.26 ? 327 ASP A O     1 
ATOM   1407 C CB    . ASP B 2 163 ? -12.207 23.395  24.054  1.00 83.94 ? 327 ASP A CB    1 
ATOM   1408 C CG    . ASP B 2 163 ? -11.863 22.242  24.989  1.00 83.75 ? 327 ASP A CG    1 
ATOM   1409 O OD1   . ASP B 2 163 ? -11.838 21.073  24.548  1.00 84.52 ? 327 ASP A OD1   1 
ATOM   1410 O OD2   . ASP B 2 163 ? -11.623 22.514  26.186  1.00 84.36 ? 327 ASP A OD2   1 
ATOM   1411 N N     . LYS B 2 164 ? -11.294 21.449  21.089  1.00 84.98 ? 328 LYS A N     1 
ATOM   1412 C CA    . LYS B 2 164 ? -10.146 20.837  20.428  1.00 85.13 ? 328 LYS A CA    1 
ATOM   1413 C C     . LYS B 2 164 ? -10.181 20.959  18.914  1.00 84.02 ? 328 LYS A C     1 
ATOM   1414 O O     . LYS B 2 164 ? -11.247 21.006  18.303  1.00 82.67 ? 328 LYS A O     1 
ATOM   1415 C CB    . LYS B 2 164 ? -10.046 19.349  20.786  1.00 85.87 ? 328 LYS A CB    1 
ATOM   1416 C CG    . LYS B 2 164 ? -9.699  19.049  22.226  1.00 86.56 ? 328 LYS A CG    1 
ATOM   1417 C CD    . LYS B 2 164 ? -9.555  17.558  22.413  1.00 88.03 ? 328 LYS A CD    1 
ATOM   1418 C CE    . LYS B 2 164 ? -9.111  17.199  23.821  1.00 89.01 ? 328 LYS A CE    1 
ATOM   1419 N NZ    . LYS B 2 164 ? -8.903  15.724  23.945  1.00 89.89 ? 328 LYS A NZ    1 
ATOM   1420 N N     . LYS B 2 165 ? -8.993  21.032  18.323  1.00 84.11 ? 329 LYS A N     1 
ATOM   1421 C CA    . LYS B 2 165 ? -8.857  21.100  16.877  1.00 84.30 ? 329 LYS A CA    1 
ATOM   1422 C C     . LYS B 2 165 ? -8.496  19.703  16.393  1.00 82.62 ? 329 LYS A C     1 
ATOM   1423 O O     . LYS B 2 165 ? -7.558  19.069  16.888  1.00 81.59 ? 329 LYS A O     1 
ATOM   1424 C CB    . LYS B 2 165 ? -7.816  22.146  16.448  1.00 86.37 ? 329 LYS A CB    1 
ATOM   1425 C CG    . LYS B 2 165 ? -6.664  22.388  17.434  1.00 90.76 ? 329 LYS A CG    1 
ATOM   1426 C CD    . LYS B 2 165 ? -5.623  21.262  17.429  1.00 93.99 ? 329 LYS A CD    1 
ATOM   1427 C CE    . LYS B 2 165 ? -4.469  21.554  18.391  1.00 96.20 ? 329 LYS A CE    1 
ATOM   1428 N NZ    . LYS B 2 165 ? -3.475  20.436  18.446  1.00 97.30 ? 329 LYS A NZ    1 
ATOM   1429 N N     . LEU B 2 166 ? -9.315  19.192  15.487  1.00 80.87 ? 330 LEU A N     1 
ATOM   1430 C CA    . LEU B 2 166 ? -9.115  17.868  14.934  1.00 79.87 ? 330 LEU A CA    1 
ATOM   1431 C C     . LEU B 2 166 ? -7.836  17.793  14.093  1.00 79.56 ? 330 LEU A C     1 
ATOM   1432 O O     . LEU B 2 166 ? -7.378  18.796  13.530  1.00 80.65 ? 330 LEU A O     1 
ATOM   1433 C CB    . LEU B 2 166 ? -10.328 17.495  14.088  1.00 78.45 ? 330 LEU A CB    1 
ATOM   1434 C CG    . LEU B 2 166 ? -10.685 16.016  14.011  1.00 77.85 ? 330 LEU A CG    1 
ATOM   1435 C CD1   . LEU B 2 166 ? -10.994 15.498  15.405  1.00 78.08 ? 330 LEU A CD1   1 
ATOM   1436 C CD2   . LEU B 2 166 ? -11.885 15.829  13.099  1.00 77.33 ? 330 LEU A CD2   1 
ATOM   1437 N N     . LEU B 2 167 ? -7.239  16.608  14.052  1.00 77.89 ? 331 LEU A N     1 
ATOM   1438 C CA    . LEU B 2 167 ? -6.029  16.376  13.276  1.00 75.96 ? 331 LEU A CA    1 
ATOM   1439 C C     . LEU B 2 167 ? -6.203  15.089  12.492  1.00 75.91 ? 331 LEU A C     1 
ATOM   1440 O O     . LEU B 2 167 ? -6.280  14.002  13.072  1.00 76.24 ? 331 LEU A O     1 
ATOM   1441 C CB    . LEU B 2 167 ? -4.803  16.258  14.183  1.00 75.85 ? 331 LEU A CB    1 
ATOM   1442 C CG    . LEU B 2 167 ? -3.513  15.766  13.514  1.00 74.99 ? 331 LEU A CG    1 
ATOM   1443 C CD1   . LEU B 2 167 ? -3.138  16.671  12.356  1.00 74.98 ? 331 LEU A CD1   1 
ATOM   1444 C CD2   . LEU B 2 167 ? -2.389  15.701  14.532  1.00 75.50 ? 331 LEU A CD2   1 
ATOM   1445 N N     . VAL B 2 168 ? -6.275  15.221  11.170  1.00 74.75 ? 332 VAL A N     1 
ATOM   1446 C CA    . VAL B 2 168 ? -6.441  14.071  10.297  1.00 72.62 ? 332 VAL A CA    1 
ATOM   1447 C C     . VAL B 2 168 ? -5.332  14.001  9.255   1.00 72.22 ? 332 VAL A C     1 
ATOM   1448 O O     . VAL B 2 168 ? -5.066  14.960  8.536   1.00 72.63 ? 332 VAL A O     1 
ATOM   1449 C CB    . VAL B 2 168 ? -7.802  14.095  9.615   1.00 71.86 ? 332 VAL A CB    1 
ATOM   1450 C CG1   . VAL B 2 168 ? -7.998  12.839  8.788   1.00 71.90 ? 332 VAL A CG1   1 
ATOM   1451 C CG2   . VAL B 2 168 ? -8.885  14.220  10.668  1.00 71.43 ? 332 VAL A CG2   1 
ATOM   1452 N N     . GLN B 2 169 ? -4.688  12.842  9.192   1.00 71.06 ? 333 GLN A N     1 
ATOM   1453 C CA    . GLN B 2 169 ? -3.589  12.592  8.272   1.00 69.18 ? 333 GLN A CA    1 
ATOM   1454 C C     . GLN B 2 169 ? -3.437  11.076  8.149   1.00 69.58 ? 333 GLN A C     1 
ATOM   1455 O O     . GLN B 2 169 ? -3.894  10.333  9.012   1.00 70.42 ? 333 GLN A O     1 
ATOM   1456 C CB    . GLN B 2 169 ? -2.314  13.189  8.855   1.00 68.15 ? 333 GLN A CB    1 
ATOM   1457 C CG    . GLN B 2 169 ? -1.955  12.615  10.216  1.00 68.31 ? 333 GLN A CG    1 
ATOM   1458 C CD    . GLN B 2 169 ? -0.864  13.397  10.931  1.00 68.48 ? 333 GLN A CD    1 
ATOM   1459 O OE1   . GLN B 2 169 ? -0.545  14.529  10.560  1.00 66.79 ? 333 GLN A OE1   1 
ATOM   1460 N NE2   . GLN B 2 169 ? -0.291  12.793  11.973  1.00 67.64 ? 333 GLN A NE2   1 
ATOM   1461 N N     . ARG B 2 170 ? -2.821  10.617  7.067   1.00 68.49 ? 334 ARG A N     1 
ATOM   1462 C CA    . ARG B 2 170 ? -2.607  9.186   6.863   1.00 67.15 ? 334 ARG A CA    1 
ATOM   1463 C C     . ARG B 2 170 ? -1.724  8.731   8.019   1.00 66.36 ? 334 ARG A C     1 
ATOM   1464 O O     . ARG B 2 170 ? -0.797  9.426   8.418   1.00 64.35 ? 334 ARG A O     1 
ATOM   1465 C CB    . ARG B 2 170 ? -1.937  8.935   5.510   1.00 66.79 ? 334 ARG A CB    1 
ATOM   1466 C CG    . ARG B 2 170 ? -2.544  9.784   4.380   1.00 65.18 ? 334 ARG A CG    1 
ATOM   1467 C CD    . ARG B 2 170 ? -1.984  9.448   3.022   1.00 64.37 ? 334 ARG A CD    1 
ATOM   1468 N NE    . ARG B 2 170 ? -2.750  8.396   2.367   1.00 63.64 ? 334 ARG A NE    1 
ATOM   1469 C CZ    . ARG B 2 170 ? -3.752  8.619   1.522   1.00 63.53 ? 334 ARG A CZ    1 
ATOM   1470 N NH1   . ARG B 2 170 ? -4.115  9.862   1.221   1.00 63.19 ? 334 ARG A NH1   1 
ATOM   1471 N NH2   . ARG B 2 170 ? -4.391  7.596   0.974   1.00 63.29 ? 334 ARG A NH2   1 
ATOM   1472 N N     . ALA B 2 171 ? -2.093  7.601   8.607   1.00 67.50 ? 335 ALA A N     1 
ATOM   1473 C CA    . ALA B 2 171 ? -1.404  7.043   9.763   1.00 68.84 ? 335 ALA A CA    1 
ATOM   1474 C C     . ALA B 2 171 ? -0.020  6.463   9.478   1.00 70.47 ? 335 ALA A C     1 
ATOM   1475 O O     . ALA B 2 171 ? 0.706   6.159   10.419  1.00 70.20 ? 335 ALA A O     1 
ATOM   1476 C CB    . ALA B 2 171 ? -2.290  5.975   10.435  1.00 68.66 ? 335 ALA A CB    1 
ATOM   1477 N N     . SER B 2 172 ? 0.571   6.750   8.320   1.00 73.23 ? 336 SER A N     1 
ATOM   1478 C CA    . SER B 2 172 ? 1.869   6.138   8.017   1.00 73.31 ? 336 SER A CA    1 
ATOM   1479 C C     . SER B 2 172 ? 2.863   7.060   7.357   1.00 73.30 ? 336 SER A C     1 
ATOM   1480 O O     . SER B 2 172 ? 3.177   8.078   8.008   1.00 73.14 ? 336 SER A O     1 
ATOM   1481 C CB    . SER B 2 172 ? 1.638   4.913   7.146   1.00 74.74 ? 336 SER A CB    1 
ATOM   1482 O OG    . SER B 2 172 ? 2.784   4.094   7.097   1.00 76.36 ? 336 SER A OG    1 
ATOM   1483 O OXT   . SER B 2 172 ? 3.338   6.726   6.243   1.00 74.77 ? 336 SER A OXT   1 
HETATM 1484 C C1    . DIO C 3 .   ? -3.521  -3.239  -19.873 1.00 65.07 ? 41  DIO A C1    1 
HETATM 1485 C C2    . DIO C 3 .   ? -3.404  -1.148  -18.626 1.00 67.29 ? 41  DIO A C2    1 
HETATM 1486 C "C1'" . DIO C 3 .   ? -2.875  -2.583  -21.080 1.00 66.32 ? 41  DIO A "C1'" 1 
HETATM 1487 C "C2'" . DIO C 3 .   ? -2.754  -0.469  -19.825 1.00 68.60 ? 41  DIO A "C2'" 1 
HETATM 1488 O O1    . DIO C 3 .   ? -3.140  -2.538  -18.703 1.00 65.19 ? 41  DIO A O1    1 
HETATM 1489 O "O1'" . DIO C 3 .   ? -2.127  -1.453  -20.652 1.00 67.32 ? 41  DIO A "O1'" 1 
HETATM 1490 O O     . HOH D 4 .   ? -2.742  -23.270 -6.741  1.00 61.31 ? 10  HOH B O     1 
HETATM 1491 O O     . HOH D 4 .   ? -1.997  -4.938  -17.927 1.00 79.05 ? 28  HOH B O     1 
HETATM 1492 O O     . HOH D 4 .   ? 2.485   -17.836 -1.997  1.00 74.31 ? 29  HOH B O     1 
HETATM 1493 O O     . HOH E 4 .   ? 24.509  -6.359  -0.259  1.00 34.55 ? 1   HOH A O     1 
HETATM 1494 O O     . HOH E 4 .   ? 7.442   -12.986 -1.195  1.00 69.13 ? 2   HOH A O     1 
HETATM 1495 O O     . HOH E 4 .   ? 3.449   -3.693  -2.958  1.00 54.76 ? 3   HOH A O     1 
HETATM 1496 O O     . HOH E 4 .   ? -0.045  0.827   -7.392  1.00 41.29 ? 4   HOH A O     1 
HETATM 1497 O O     . HOH E 4 .   ? 18.926  -15.199 -21.159 1.00 58.57 ? 5   HOH A O     1 
HETATM 1498 O O     . HOH E 4 .   ? 18.898  -3.397  -20.648 1.00 65.74 ? 6   HOH A O     1 
HETATM 1499 O O     . HOH E 4 .   ? 20.091  0.185   -3.220  1.00 55.12 ? 7   HOH A O     1 
HETATM 1500 O O     . HOH E 4 .   ? 16.869  4.782   -9.292  1.00 58.32 ? 8   HOH A O     1 
HETATM 1501 O O     . HOH E 4 .   ? -1.836  5.817   2.887   1.00 75.36 ? 9   HOH A O     1 
HETATM 1502 O O     . HOH E 4 .   ? 22.441  -15.506 -10.569 1.00 70.55 ? 11  HOH A O     1 
HETATM 1503 O O     . HOH E 4 .   ? 14.103  -20.687 -17.095 1.00 50.18 ? 12  HOH A O     1 
HETATM 1504 O O     . HOH E 4 .   ? 11.027  3.563   -7.666  1.00 58.72 ? 13  HOH A O     1 
HETATM 1505 O O     . HOH E 4 .   ? 0.845   -17.020 -26.695 1.00 59.22 ? 14  HOH A O     1 
HETATM 1506 O O     . HOH E 4 .   ? -13.656 9.750   21.996  1.00 67.26 ? 15  HOH A O     1 
HETATM 1507 O O     . HOH E 4 .   ? 16.738  -20.077 -15.413 1.00 66.33 ? 16  HOH A O     1 
HETATM 1508 O O     . HOH E 4 .   ? -9.213  5.237   4.092   1.00 51.65 ? 17  HOH A O     1 
HETATM 1509 O O     . HOH E 4 .   ? -7.792  0.167   22.182  1.00 57.06 ? 18  HOH A O     1 
HETATM 1510 O O     . HOH E 4 .   ? 2.086   -6.271  -6.197  1.00 71.72 ? 19  HOH A O     1 
HETATM 1511 O O     . HOH E 4 .   ? -16.331 -2.186  10.931  1.00 69.00 ? 20  HOH A O     1 
HETATM 1512 O O     . HOH E 4 .   ? 20.646  -17.451 -19.643 1.00 59.76 ? 21  HOH A O     1 
HETATM 1513 O O     . HOH E 4 .   ? -9.603  25.021  15.334  1.00 86.69 ? 22  HOH A O     1 
HETATM 1514 O O     . HOH E 4 .   ? 20.976  -12.313 -1.534  1.00 62.86 ? 23  HOH A O     1 
HETATM 1515 O O     . HOH E 4 .   ? -15.048 7.424   25.732  1.00 72.93 ? 24  HOH A O     1 
HETATM 1516 O O     . HOH E 4 .   ? -13.509 0.473   30.660  1.00 58.52 ? 26  HOH A O     1 
HETATM 1517 O O     . HOH E 4 .   ? 2.783   -10.033 0.679   1.00 61.86 ? 27  HOH A O     1 
HETATM 1518 O O     . HOH E 4 .   ? 3.320   -10.364 -23.583 1.00 75.78 ? 30  HOH A O     1 
HETATM 1519 O O     . HOH E 4 .   ? 6.461   -9.937  -27.217 1.00 84.82 ? 31  HOH A O     1 
# 
loop_
_pdbx_poly_seq_scheme.asym_id 
_pdbx_poly_seq_scheme.entity_id 
_pdbx_poly_seq_scheme.seq_id 
_pdbx_poly_seq_scheme.mon_id 
_pdbx_poly_seq_scheme.ndb_seq_num 
_pdbx_poly_seq_scheme.pdb_seq_num 
_pdbx_poly_seq_scheme.auth_seq_num 
_pdbx_poly_seq_scheme.pdb_mon_id 
_pdbx_poly_seq_scheme.auth_mon_id 
_pdbx_poly_seq_scheme.pdb_strand_id 
_pdbx_poly_seq_scheme.pdb_ins_code 
_pdbx_poly_seq_scheme.hetero 
A 1 1   U   1   1   1   U   URI B . n 
A 1 2   U   2   2   2   U   URI B . n 
A 1 3   U   3   3   3   U   URI B . n 
A 1 4   U   4   4   4   U   URI B . n 
A 1 5   U   5   5   5   U   URI B . n 
A 1 6   U   6   6   6   U   URI B . n 
A 1 7   U   7   7   7   U   URI B . n 
B 2 1   LEU 1   145 145 LEU LEU A . n 
B 2 2   GLY 2   146 146 GLY GLY A . n 
B 2 3   SER 3   147 147 SER SER A . n 
B 2 4   ALA 4   148 148 ALA ALA A . n 
B 2 5   ARG 5   149 149 ARG ARG A . n 
B 2 6   ARG 6   150 150 ARG ARG A . n 
B 2 7   LEU 7   151 151 LEU LEU A . n 
B 2 8   TYR 8   152 152 TYR TYR A . n 
B 2 9   VAL 9   153 153 VAL VAL A . n 
B 2 10  GLY 10  154 154 GLY GLY A . n 
B 2 11  ASN 11  155 155 ASN ASN A . n 
B 2 12  ILE 12  156 156 ILE ILE A . n 
B 2 13  PRO 13  157 157 PRO PRO A . n 
B 2 14  PHE 14  158 158 PHE PHE A . n 
B 2 15  GLY 15  159 159 GLY GLY A . n 
B 2 16  ILE 16  160 160 ILE ILE A . n 
B 2 17  THR 17  161 161 THR THR A . n 
B 2 18  GLU 18  162 162 GLU GLU A . n 
B 2 19  GLU 19  163 163 GLU GLU A . n 
B 2 20  ALA 20  164 164 ALA ALA A . n 
B 2 21  MET 21  165 165 MET MET A . n 
B 2 22  MET 22  166 166 MET MET A . n 
B 2 23  ASP 23  167 167 ASP ASP A . n 
B 2 24  PHE 24  168 168 PHE PHE A . n 
B 2 25  PHE 25  169 169 PHE PHE A . n 
B 2 26  ASN 26  170 170 ASN ASN A . n 
B 2 27  ALA 27  171 171 ALA ALA A . n 
B 2 28  GLN 28  172 172 GLN GLN A . n 
B 2 29  MET 29  173 173 MET MET A . n 
B 2 30  ARG 30  174 174 ARG ARG A . n 
B 2 31  LEU 31  175 175 LEU LEU A . n 
B 2 32  GLY 32  176 176 GLY GLY A . n 
B 2 33  GLY 33  177 177 GLY GLY A . n 
B 2 34  LEU 34  178 178 LEU LEU A . n 
B 2 35  THR 35  179 179 THR THR A . n 
B 2 36  GLN 36  180 180 GLN GLN A . n 
B 2 37  ALA 37  181 181 ALA ALA A . n 
B 2 38  PRO 38  182 182 PRO PRO A . n 
B 2 39  GLY 39  183 183 GLY GLY A . n 
B 2 40  ASN 40  184 184 ASN ASN A . n 
B 2 41  PRO 41  185 185 PRO PRO A . n 
B 2 42  VAL 42  186 186 VAL VAL A . n 
B 2 43  LEU 43  187 187 LEU LEU A . n 
B 2 44  ALA 44  188 188 ALA ALA A . n 
B 2 45  VAL 45  189 189 VAL VAL A . n 
B 2 46  GLN 46  190 190 GLN GLN A . n 
B 2 47  ILE 47  191 191 ILE ILE A . n 
B 2 48  ASN 48  192 192 ASN ASN A . n 
B 2 49  GLN 49  193 193 GLN GLN A . n 
B 2 50  ASP 50  194 194 ASP ASP A . n 
B 2 51  LYS 51  195 195 LYS LYS A . n 
B 2 52  ASN 52  196 196 ASN ASN A . n 
B 2 53  PHE 53  197 197 PHE PHE A . n 
B 2 54  ALA 54  198 198 ALA ALA A . n 
B 2 55  PHE 55  199 199 PHE PHE A . n 
B 2 56  LEU 56  200 200 LEU LEU A . n 
B 2 57  GLU 57  201 201 GLU GLU A . n 
B 2 58  PHE 58  202 202 PHE PHE A . n 
B 2 59  ARG 59  203 203 ARG ARG A . n 
B 2 60  SER 60  204 204 SER SER A . n 
B 2 61  VAL 61  205 205 VAL VAL A . n 
B 2 62  ASP 62  206 206 ASP ASP A . n 
B 2 63  GLU 63  207 207 GLU GLU A . n 
B 2 64  THR 64  208 208 THR THR A . n 
B 2 65  THR 65  209 209 THR THR A . n 
B 2 66  GLN 66  210 210 GLN GLN A . n 
B 2 67  ALA 67  211 211 ALA ALA A . n 
B 2 68  MET 68  212 212 MET MET A . n 
B 2 69  ALA 69  213 213 ALA ALA A . n 
B 2 70  PHE 70  214 214 PHE PHE A . n 
B 2 71  ASP 71  215 215 ASP ASP A . n 
B 2 72  GLY 72  216 216 GLY GLY A . n 
B 2 73  ILE 73  217 217 ILE ILE A . n 
B 2 74  ILE 74  218 218 ILE ILE A . n 
B 2 75  PHE 75  219 219 PHE PHE A . n 
B 2 76  GLN 76  220 220 GLN GLN A . n 
B 2 77  GLY 77  221 221 GLY GLY A . n 
B 2 78  GLN 78  222 222 GLN GLN A . n 
B 2 79  SER 79  223 223 SER SER A . n 
B 2 80  LEU 80  224 224 LEU LEU A . n 
B 2 81  LYS 81  225 225 LYS LYS A . n 
B 2 82  ILE 82  226 226 ILE ILE A . n 
B 2 83  ARG 83  227 227 ARG ARG A . n 
B 2 84  ARG 84  228 228 ARG ARG A . n 
B 2 85  PRO 85  229 229 PRO PRO A . n 
B 2 86  HIS 86  230 230 HIS HIS A . n 
B 2 87  ASP 87  231 231 ASP ASP A . n 
B 2 88  TYR 88  232 232 TYR TYR A . n 
B 2 89  GLN 89  233 233 GLN GLN A . n 
B 2 90  PRO 90  234 234 PRO PRO A . n 
B 2 91  LEU 91  235 235 LEU LEU A . n 
B 2 92  PRO 92  236 236 PRO PRO A . n 
B 2 93  GLY 93  237 237 GLY GLY A . n 
B 2 94  ALA 94  258 258 ALA ALA A . n 
B 2 95  HIS 95  259 259 HIS HIS A . n 
B 2 96  LYS 96  260 260 LYS LYS A . n 
B 2 97  LEU 97  261 261 LEU LEU A . n 
B 2 98  PHE 98  262 262 PHE PHE A . n 
B 2 99  ILE 99  263 263 ILE ILE A . n 
B 2 100 GLY 100 264 264 GLY GLY A . n 
B 2 101 GLY 101 265 265 GLY GLY A . n 
B 2 102 LEU 102 266 266 LEU LEU A . n 
B 2 103 PRO 103 267 267 PRO PRO A . n 
B 2 104 ASN 104 268 268 ASN ASN A . n 
B 2 105 TYR 105 269 269 TYR TYR A . n 
B 2 106 LEU 106 270 270 LEU LEU A . n 
B 2 107 ASN 107 271 271 ASN ASN A . n 
B 2 108 ASP 108 272 272 ASP ASP A . n 
B 2 109 ASP 109 273 273 ASP ASP A . n 
B 2 110 GLN 110 274 274 GLN GLN A . n 
B 2 111 VAL 111 275 275 VAL VAL A . n 
B 2 112 LYS 112 276 276 LYS LYS A . n 
B 2 113 GLU 113 277 277 GLU GLU A . n 
B 2 114 LEU 114 278 278 LEU LEU A . n 
B 2 115 LEU 115 279 279 LEU LEU A . n 
B 2 116 THR 116 280 280 THR THR A . n 
B 2 117 SER 117 281 281 SER SER A . n 
B 2 118 PHE 118 282 282 PHE PHE A . n 
B 2 119 GLY 119 283 283 GLY GLY A . n 
B 2 120 PRO 120 284 284 PRO PRO A . n 
B 2 121 LEU 121 285 285 LEU LEU A . n 
B 2 122 LYS 122 286 286 LYS LYS A . n 
B 2 123 ALA 123 287 287 ALA ALA A . n 
B 2 124 PHE 124 288 288 PHE PHE A . n 
B 2 125 ASN 125 289 289 ASN ASN A . n 
B 2 126 LEU 126 290 290 LEU LEU A . n 
B 2 127 VAL 127 291 291 VAL VAL A . n 
B 2 128 LYS 128 292 292 LYS LYS A . n 
B 2 129 ASP 129 293 293 ASP ASP A . n 
B 2 130 SER 130 294 294 SER SER A . n 
B 2 131 ALA 131 295 295 ALA ALA A . n 
B 2 132 THR 132 296 296 THR THR A . n 
B 2 133 GLY 133 297 297 GLY GLY A . n 
B 2 134 LEU 134 298 298 LEU LEU A . n 
B 2 135 SER 135 299 299 SER SER A . n 
B 2 136 LYS 136 300 300 LYS LYS A . n 
B 2 137 GLY 137 301 301 GLY GLY A . n 
B 2 138 TYR 138 302 302 TYR TYR A . n 
B 2 139 ALA 139 303 303 ALA ALA A . n 
B 2 140 PHE 140 304 304 PHE PHE A . n 
B 2 141 CYS 141 305 305 CYS CYS A . n 
B 2 142 GLU 142 306 306 GLU GLU A . n 
B 2 143 TYR 143 307 307 TYR TYR A . n 
B 2 144 VAL 144 308 308 VAL VAL A . n 
B 2 145 ASP 145 309 309 ASP ASP A . n 
B 2 146 ILE 146 310 310 ILE ILE A . n 
B 2 147 ASN 147 311 311 ASN ASN A . n 
B 2 148 VAL 148 312 312 VAL VAL A . n 
B 2 149 THR 149 313 313 THR THR A . n 
B 2 150 ASP 150 314 314 ASP ASP A . n 
B 2 151 GLN 151 315 315 GLN GLN A . n 
B 2 152 ALA 152 316 316 ALA ALA A . n 
B 2 153 ILE 153 317 317 ILE ILE A . n 
B 2 154 ALA 154 318 318 ALA ALA A . n 
B 2 155 GLY 155 319 319 GLY GLY A . n 
B 2 156 LEU 156 320 320 LEU LEU A . n 
B 2 157 ASN 157 321 321 ASN ASN A . n 
B 2 158 GLY 158 322 322 GLY GLY A . n 
B 2 159 MET 159 323 323 MET MET A . n 
B 2 160 GLN 160 324 324 GLN GLN A . n 
B 2 161 LEU 161 325 325 LEU LEU A . n 
B 2 162 GLY 162 326 326 GLY GLY A . n 
B 2 163 ASP 163 327 327 ASP ASP A . n 
B 2 164 LYS 164 328 328 LYS LYS A . n 
B 2 165 LYS 165 329 329 LYS LYS A . n 
B 2 166 LEU 166 330 330 LEU LEU A . n 
B 2 167 LEU 167 331 331 LEU LEU A . n 
B 2 168 VAL 168 332 332 VAL VAL A . n 
B 2 169 GLN 169 333 333 GLN GLN A . n 
B 2 170 ARG 170 334 334 ARG ARG A . n 
B 2 171 ALA 171 335 335 ALA ALA A . n 
B 2 172 SER 172 336 336 SER SER A . n 
# 
loop_
_pdbx_nonpoly_scheme.asym_id 
_pdbx_nonpoly_scheme.entity_id 
_pdbx_nonpoly_scheme.mon_id 
_pdbx_nonpoly_scheme.ndb_seq_num 
_pdbx_nonpoly_scheme.pdb_seq_num 
_pdbx_nonpoly_scheme.auth_seq_num 
_pdbx_nonpoly_scheme.pdb_mon_id 
_pdbx_nonpoly_scheme.auth_mon_id 
_pdbx_nonpoly_scheme.pdb_strand_id 
_pdbx_nonpoly_scheme.pdb_ins_code 
C 3 DIO 1  41 1  DIO DOX A . 
D 4 HOH 1  10 10 HOH HOH B . 
D 4 HOH 2  28 28 HOH HOH B . 
D 4 HOH 3  29 29 HOH HOH B . 
E 4 HOH 1  1  1  HOH HOH A . 
E 4 HOH 2  2  2  HOH HOH A . 
E 4 HOH 3  3  3  HOH HOH A . 
E 4 HOH 4  4  4  HOH HOH A . 
E 4 HOH 5  5  5  HOH HOH A . 
E 4 HOH 6  6  6  HOH HOH A . 
E 4 HOH 7  7  7  HOH HOH A . 
E 4 HOH 8  8  8  HOH HOH A . 
E 4 HOH 9  9  9  HOH HOH A . 
E 4 HOH 10 11 11 HOH HOH A . 
E 4 HOH 11 12 12 HOH HOH A . 
E 4 HOH 12 13 13 HOH HOH A . 
E 4 HOH 13 14 14 HOH HOH A . 
E 4 HOH 14 15 15 HOH HOH A . 
E 4 HOH 15 16 16 HOH HOH A . 
E 4 HOH 16 17 17 HOH HOH A . 
E 4 HOH 17 18 18 HOH HOH A . 
E 4 HOH 18 19 19 HOH HOH A . 
E 4 HOH 19 20 20 HOH HOH A . 
E 4 HOH 20 21 21 HOH HOH A . 
E 4 HOH 21 22 22 HOH HOH A . 
E 4 HOH 22 23 23 HOH HOH A . 
E 4 HOH 23 24 24 HOH HOH A . 
E 4 HOH 24 26 26 HOH HOH A . 
E 4 HOH 25 27 27 HOH HOH A . 
E 4 HOH 26 30 30 HOH HOH A . 
E 4 HOH 27 31 31 HOH HOH A . 
# 
_pdbx_struct_assembly.id                   1 
_pdbx_struct_assembly.details              author_defined_assembly 
_pdbx_struct_assembly.method_details       ? 
_pdbx_struct_assembly.oligomeric_details   tetrameric 
_pdbx_struct_assembly.oligomeric_count     4 
# 
_pdbx_struct_assembly_gen.assembly_id       1 
_pdbx_struct_assembly_gen.oper_expression   1,2 
_pdbx_struct_assembly_gen.asym_id_list      A,B,C,D,E 
# 
loop_
_pdbx_struct_oper_list.id 
_pdbx_struct_oper_list.type 
_pdbx_struct_oper_list.name 
_pdbx_struct_oper_list.symmetry_operation 
_pdbx_struct_oper_list.matrix[1][1] 
_pdbx_struct_oper_list.matrix[1][2] 
_pdbx_struct_oper_list.matrix[1][3] 
_pdbx_struct_oper_list.vector[1] 
_pdbx_struct_oper_list.matrix[2][1] 
_pdbx_struct_oper_list.matrix[2][2] 
_pdbx_struct_oper_list.matrix[2][3] 
_pdbx_struct_oper_list.vector[2] 
_pdbx_struct_oper_list.matrix[3][1] 
_pdbx_struct_oper_list.matrix[3][2] 
_pdbx_struct_oper_list.matrix[3][3] 
_pdbx_struct_oper_list.vector[3] 
1 'identity operation'         1_555 x,y,z          1.0000000000 0.0000000000 0.0000000000 0.0000000000  0.0000000000  1.0000000000 0.0000000000  0.0000000000  0.0000000000  0.0000000000 1.0000000000 0.0000000000  
2 'crystal symmetry operation' 5_565 y,-x+y+1,z+1/6 0.6677489269 0.5950753787 0.4472098662 16.5713557928 -0.2063441909 0.7252055187 -0.6568858580 -4.6224462521 -0.7152156637 0.3463556688 0.6070455544 36.6048917137 
# 
loop_
_pdbx_audit_revision_history.ordinal 
_pdbx_audit_revision_history.data_content_type 
_pdbx_audit_revision_history.major_revision 
_pdbx_audit_revision_history.minor_revision 
_pdbx_audit_revision_history.revision_date 
1 'Structure model' 1 0 2006-07-25 
2 'Structure model' 1 1 2008-05-01 
3 'Structure model' 1 2 2011-07-13 
4 'Structure model' 1 3 2017-08-16 
5 'Structure model' 1 4 2018-01-31 
6 'Structure model' 1 5 2023-08-30 
# 
_pdbx_audit_revision_details.ordinal             1 
_pdbx_audit_revision_details.revision_ordinal    1 
_pdbx_audit_revision_details.data_content_type   'Structure model' 
_pdbx_audit_revision_details.provider            repository 
_pdbx_audit_revision_details.type                'Initial release' 
_pdbx_audit_revision_details.description         ? 
_pdbx_audit_revision_details.details             ? 
# 
loop_
_pdbx_audit_revision_group.ordinal 
_pdbx_audit_revision_group.revision_ordinal 
_pdbx_audit_revision_group.data_content_type 
_pdbx_audit_revision_group.group 
1 2 'Structure model' 'Version format compliance' 
2 3 'Structure model' 'Version format compliance' 
3 4 'Structure model' 'Refinement description'    
4 4 'Structure model' 'Source and taxonomy'       
5 5 'Structure model' 'Database references'       
6 6 'Structure model' 'Data collection'           
7 6 'Structure model' 'Database references'       
8 6 'Structure model' 'Derived calculations'      
9 6 'Structure model' 'Refinement description'    
# 
loop_
_pdbx_audit_revision_category.ordinal 
_pdbx_audit_revision_category.revision_ordinal 
_pdbx_audit_revision_category.data_content_type 
_pdbx_audit_revision_category.category 
1 4 'Structure model' entity_src_gen                
2 4 'Structure model' software                      
3 5 'Structure model' citation_author               
4 6 'Structure model' chem_comp_atom                
5 6 'Structure model' chem_comp_bond                
6 6 'Structure model' database_2                    
7 6 'Structure model' pdbx_initial_refinement_model 
8 6 'Structure model' struct_site                   
# 
loop_
_pdbx_audit_revision_item.ordinal 
_pdbx_audit_revision_item.revision_ordinal 
_pdbx_audit_revision_item.data_content_type 
_pdbx_audit_revision_item.item 
1 5 'Structure model' '_citation_author.name'               
2 6 'Structure model' '_database_2.pdbx_DOI'                
3 6 'Structure model' '_database_2.pdbx_database_accession' 
4 6 'Structure model' '_struct_site.pdbx_auth_asym_id'      
5 6 'Structure model' '_struct_site.pdbx_auth_comp_id'      
6 6 'Structure model' '_struct_site.pdbx_auth_seq_id'       
# 
loop_
_software.name 
_software.classification 
_software.version 
_software.citation_id 
_software.pdbx_ordinal 
HKL-2000  'data collection' . ? 1 
SCALEPACK 'data scaling'    . ? 2 
CNS       refinement        . ? 3 
HKL-2000  'data reduction'  . ? 4 
CNS       phasing           . ? 5 
# 
_pdbx_validate_rmsd_bond.id                        1 
_pdbx_validate_rmsd_bond.PDB_model_num             1 
_pdbx_validate_rmsd_bond.auth_atom_id_1            P 
_pdbx_validate_rmsd_bond.auth_asym_id_1            B 
_pdbx_validate_rmsd_bond.auth_comp_id_1            U 
_pdbx_validate_rmsd_bond.auth_seq_id_1             1 
_pdbx_validate_rmsd_bond.PDB_ins_code_1            ? 
_pdbx_validate_rmsd_bond.label_alt_id_1            ? 
_pdbx_validate_rmsd_bond.auth_atom_id_2            OP3 
_pdbx_validate_rmsd_bond.auth_asym_id_2            B 
_pdbx_validate_rmsd_bond.auth_comp_id_2            U 
_pdbx_validate_rmsd_bond.auth_seq_id_2             1 
_pdbx_validate_rmsd_bond.PDB_ins_code_2            ? 
_pdbx_validate_rmsd_bond.label_alt_id_2            ? 
_pdbx_validate_rmsd_bond.bond_value                1.526 
_pdbx_validate_rmsd_bond.bond_target_value         1.607 
_pdbx_validate_rmsd_bond.bond_deviation            -0.081 
_pdbx_validate_rmsd_bond.bond_standard_deviation   0.012 
_pdbx_validate_rmsd_bond.linker_flag               N 
# 
loop_
_pdbx_validate_rmsd_angle.id 
_pdbx_validate_rmsd_angle.PDB_model_num 
_pdbx_validate_rmsd_angle.auth_atom_id_1 
_pdbx_validate_rmsd_angle.auth_asym_id_1 
_pdbx_validate_rmsd_angle.auth_comp_id_1 
_pdbx_validate_rmsd_angle.auth_seq_id_1 
_pdbx_validate_rmsd_angle.PDB_ins_code_1 
_pdbx_validate_rmsd_angle.label_alt_id_1 
_pdbx_validate_rmsd_angle.auth_atom_id_2 
_pdbx_validate_rmsd_angle.auth_asym_id_2 
_pdbx_validate_rmsd_angle.auth_comp_id_2 
_pdbx_validate_rmsd_angle.auth_seq_id_2 
_pdbx_validate_rmsd_angle.PDB_ins_code_2 
_pdbx_validate_rmsd_angle.label_alt_id_2 
_pdbx_validate_rmsd_angle.auth_atom_id_3 
_pdbx_validate_rmsd_angle.auth_asym_id_3 
_pdbx_validate_rmsd_angle.auth_comp_id_3 
_pdbx_validate_rmsd_angle.auth_seq_id_3 
_pdbx_validate_rmsd_angle.PDB_ins_code_3 
_pdbx_validate_rmsd_angle.label_alt_id_3 
_pdbx_validate_rmsd_angle.angle_value 
_pdbx_validate_rmsd_angle.angle_target_value 
_pdbx_validate_rmsd_angle.angle_deviation 
_pdbx_validate_rmsd_angle.angle_standard_deviation 
_pdbx_validate_rmsd_angle.linker_flag 
1 1 "C2'" B U 1 ? ? "C3'" B U 1 ? ? "O3'" B U 1 ? ? 126.80 113.70 13.10 1.60 N 
2 1 "C2'" B U 3 ? ? "C3'" B U 3 ? ? "O3'" B U 3 ? ? 129.40 113.70 15.70 1.60 N 
# 
_pdbx_validate_torsion.id              1 
_pdbx_validate_torsion.PDB_model_num   1 
_pdbx_validate_torsion.auth_comp_id    ILE 
_pdbx_validate_torsion.auth_asym_id    A 
_pdbx_validate_torsion.auth_seq_id     310 
_pdbx_validate_torsion.PDB_ins_code    ? 
_pdbx_validate_torsion.label_alt_id    ? 
_pdbx_validate_torsion.phi             -58.04 
_pdbx_validate_torsion.psi             0.75 
# 
_pdbx_validate_main_chain_plane.id                       1 
_pdbx_validate_main_chain_plane.PDB_model_num            1 
_pdbx_validate_main_chain_plane.auth_comp_id             ALA 
_pdbx_validate_main_chain_plane.auth_asym_id             A 
_pdbx_validate_main_chain_plane.auth_seq_id              335 
_pdbx_validate_main_chain_plane.PDB_ins_code             ? 
_pdbx_validate_main_chain_plane.label_alt_id             ? 
_pdbx_validate_main_chain_plane.improper_torsion_angle   -13.72 
# 
_pdbx_validate_chiral.id              1 
_pdbx_validate_chiral.PDB_model_num   1 
_pdbx_validate_chiral.auth_atom_id    "C3'" 
_pdbx_validate_chiral.label_alt_id    ? 
_pdbx_validate_chiral.auth_asym_id    B 
_pdbx_validate_chiral.auth_comp_id    U 
_pdbx_validate_chiral.auth_seq_id     3 
_pdbx_validate_chiral.PDB_ins_code    ? 
_pdbx_validate_chiral.details         PLANAR 
_pdbx_validate_chiral.omega           . 
# 
loop_
_chem_comp_atom.comp_id 
_chem_comp_atom.atom_id 
_chem_comp_atom.type_symbol 
_chem_comp_atom.pdbx_aromatic_flag 
_chem_comp_atom.pdbx_stereo_config 
_chem_comp_atom.pdbx_ordinal 
ALA N      N N N 1   
ALA CA     C N S 2   
ALA C      C N N 3   
ALA O      O N N 4   
ALA CB     C N N 5   
ALA OXT    O N N 6   
ALA H      H N N 7   
ALA H2     H N N 8   
ALA HA     H N N 9   
ALA HB1    H N N 10  
ALA HB2    H N N 11  
ALA HB3    H N N 12  
ALA HXT    H N N 13  
ARG N      N N N 14  
ARG CA     C N S 15  
ARG C      C N N 16  
ARG O      O N N 17  
ARG CB     C N N 18  
ARG CG     C N N 19  
ARG CD     C N N 20  
ARG NE     N N N 21  
ARG CZ     C N N 22  
ARG NH1    N N N 23  
ARG NH2    N N N 24  
ARG OXT    O N N 25  
ARG H      H N N 26  
ARG H2     H N N 27  
ARG HA     H N N 28  
ARG HB2    H N N 29  
ARG HB3    H N N 30  
ARG HG2    H N N 31  
ARG HG3    H N N 32  
ARG HD2    H N N 33  
ARG HD3    H N N 34  
ARG HE     H N N 35  
ARG HH11   H N N 36  
ARG HH12   H N N 37  
ARG HH21   H N N 38  
ARG HH22   H N N 39  
ARG HXT    H N N 40  
ASN N      N N N 41  
ASN CA     C N S 42  
ASN C      C N N 43  
ASN O      O N N 44  
ASN CB     C N N 45  
ASN CG     C N N 46  
ASN OD1    O N N 47  
ASN ND2    N N N 48  
ASN OXT    O N N 49  
ASN H      H N N 50  
ASN H2     H N N 51  
ASN HA     H N N 52  
ASN HB2    H N N 53  
ASN HB3    H N N 54  
ASN HD21   H N N 55  
ASN HD22   H N N 56  
ASN HXT    H N N 57  
ASP N      N N N 58  
ASP CA     C N S 59  
ASP C      C N N 60  
ASP O      O N N 61  
ASP CB     C N N 62  
ASP CG     C N N 63  
ASP OD1    O N N 64  
ASP OD2    O N N 65  
ASP OXT    O N N 66  
ASP H      H N N 67  
ASP H2     H N N 68  
ASP HA     H N N 69  
ASP HB2    H N N 70  
ASP HB3    H N N 71  
ASP HD2    H N N 72  
ASP HXT    H N N 73  
CYS N      N N N 74  
CYS CA     C N R 75  
CYS C      C N N 76  
CYS O      O N N 77  
CYS CB     C N N 78  
CYS SG     S N N 79  
CYS OXT    O N N 80  
CYS H      H N N 81  
CYS H2     H N N 82  
CYS HA     H N N 83  
CYS HB2    H N N 84  
CYS HB3    H N N 85  
CYS HG     H N N 86  
CYS HXT    H N N 87  
DIO C1     C N N 88  
DIO C2     C N N 89  
DIO "C1'"  C N N 90  
DIO "C2'"  C N N 91  
DIO O1     O N N 92  
DIO "O1'"  O N N 93  
DIO H11    H N N 94  
DIO H12    H N N 95  
DIO H21    H N N 96  
DIO H22    H N N 97  
DIO "H1'1" H N N 98  
DIO "H1'2" H N N 99  
DIO "H2'1" H N N 100 
DIO "H2'2" H N N 101 
GLN N      N N N 102 
GLN CA     C N S 103 
GLN C      C N N 104 
GLN O      O N N 105 
GLN CB     C N N 106 
GLN CG     C N N 107 
GLN CD     C N N 108 
GLN OE1    O N N 109 
GLN NE2    N N N 110 
GLN OXT    O N N 111 
GLN H      H N N 112 
GLN H2     H N N 113 
GLN HA     H N N 114 
GLN HB2    H N N 115 
GLN HB3    H N N 116 
GLN HG2    H N N 117 
GLN HG3    H N N 118 
GLN HE21   H N N 119 
GLN HE22   H N N 120 
GLN HXT    H N N 121 
GLU N      N N N 122 
GLU CA     C N S 123 
GLU C      C N N 124 
GLU O      O N N 125 
GLU CB     C N N 126 
GLU CG     C N N 127 
GLU CD     C N N 128 
GLU OE1    O N N 129 
GLU OE2    O N N 130 
GLU OXT    O N N 131 
GLU H      H N N 132 
GLU H2     H N N 133 
GLU HA     H N N 134 
GLU HB2    H N N 135 
GLU HB3    H N N 136 
GLU HG2    H N N 137 
GLU HG3    H N N 138 
GLU HE2    H N N 139 
GLU HXT    H N N 140 
GLY N      N N N 141 
GLY CA     C N N 142 
GLY C      C N N 143 
GLY O      O N N 144 
GLY OXT    O N N 145 
GLY H      H N N 146 
GLY H2     H N N 147 
GLY HA2    H N N 148 
GLY HA3    H N N 149 
GLY HXT    H N N 150 
HIS N      N N N 151 
HIS CA     C N S 152 
HIS C      C N N 153 
HIS O      O N N 154 
HIS CB     C N N 155 
HIS CG     C Y N 156 
HIS ND1    N Y N 157 
HIS CD2    C Y N 158 
HIS CE1    C Y N 159 
HIS NE2    N Y N 160 
HIS OXT    O N N 161 
HIS H      H N N 162 
HIS H2     H N N 163 
HIS HA     H N N 164 
HIS HB2    H N N 165 
HIS HB3    H N N 166 
HIS HD1    H N N 167 
HIS HD2    H N N 168 
HIS HE1    H N N 169 
HIS HE2    H N N 170 
HIS HXT    H N N 171 
HOH O      O N N 172 
HOH H1     H N N 173 
HOH H2     H N N 174 
ILE N      N N N 175 
ILE CA     C N S 176 
ILE C      C N N 177 
ILE O      O N N 178 
ILE CB     C N S 179 
ILE CG1    C N N 180 
ILE CG2    C N N 181 
ILE CD1    C N N 182 
ILE OXT    O N N 183 
ILE H      H N N 184 
ILE H2     H N N 185 
ILE HA     H N N 186 
ILE HB     H N N 187 
ILE HG12   H N N 188 
ILE HG13   H N N 189 
ILE HG21   H N N 190 
ILE HG22   H N N 191 
ILE HG23   H N N 192 
ILE HD11   H N N 193 
ILE HD12   H N N 194 
ILE HD13   H N N 195 
ILE HXT    H N N 196 
LEU N      N N N 197 
LEU CA     C N S 198 
LEU C      C N N 199 
LEU O      O N N 200 
LEU CB     C N N 201 
LEU CG     C N N 202 
LEU CD1    C N N 203 
LEU CD2    C N N 204 
LEU OXT    O N N 205 
LEU H      H N N 206 
LEU H2     H N N 207 
LEU HA     H N N 208 
LEU HB2    H N N 209 
LEU HB3    H N N 210 
LEU HG     H N N 211 
LEU HD11   H N N 212 
LEU HD12   H N N 213 
LEU HD13   H N N 214 
LEU HD21   H N N 215 
LEU HD22   H N N 216 
LEU HD23   H N N 217 
LEU HXT    H N N 218 
LYS N      N N N 219 
LYS CA     C N S 220 
LYS C      C N N 221 
LYS O      O N N 222 
LYS CB     C N N 223 
LYS CG     C N N 224 
LYS CD     C N N 225 
LYS CE     C N N 226 
LYS NZ     N N N 227 
LYS OXT    O N N 228 
LYS H      H N N 229 
LYS H2     H N N 230 
LYS HA     H N N 231 
LYS HB2    H N N 232 
LYS HB3    H N N 233 
LYS HG2    H N N 234 
LYS HG3    H N N 235 
LYS HD2    H N N 236 
LYS HD3    H N N 237 
LYS HE2    H N N 238 
LYS HE3    H N N 239 
LYS HZ1    H N N 240 
LYS HZ2    H N N 241 
LYS HZ3    H N N 242 
LYS HXT    H N N 243 
MET N      N N N 244 
MET CA     C N S 245 
MET C      C N N 246 
MET O      O N N 247 
MET CB     C N N 248 
MET CG     C N N 249 
MET SD     S N N 250 
MET CE     C N N 251 
MET OXT    O N N 252 
MET H      H N N 253 
MET H2     H N N 254 
MET HA     H N N 255 
MET HB2    H N N 256 
MET HB3    H N N 257 
MET HG2    H N N 258 
MET HG3    H N N 259 
MET HE1    H N N 260 
MET HE2    H N N 261 
MET HE3    H N N 262 
MET HXT    H N N 263 
PHE N      N N N 264 
PHE CA     C N S 265 
PHE C      C N N 266 
PHE O      O N N 267 
PHE CB     C N N 268 
PHE CG     C Y N 269 
PHE CD1    C Y N 270 
PHE CD2    C Y N 271 
PHE CE1    C Y N 272 
PHE CE2    C Y N 273 
PHE CZ     C Y N 274 
PHE OXT    O N N 275 
PHE H      H N N 276 
PHE H2     H N N 277 
PHE HA     H N N 278 
PHE HB2    H N N 279 
PHE HB3    H N N 280 
PHE HD1    H N N 281 
PHE HD2    H N N 282 
PHE HE1    H N N 283 
PHE HE2    H N N 284 
PHE HZ     H N N 285 
PHE HXT    H N N 286 
PRO N      N N N 287 
PRO CA     C N S 288 
PRO C      C N N 289 
PRO O      O N N 290 
PRO CB     C N N 291 
PRO CG     C N N 292 
PRO CD     C N N 293 
PRO OXT    O N N 294 
PRO H      H N N 295 
PRO HA     H N N 296 
PRO HB2    H N N 297 
PRO HB3    H N N 298 
PRO HG2    H N N 299 
PRO HG3    H N N 300 
PRO HD2    H N N 301 
PRO HD3    H N N 302 
PRO HXT    H N N 303 
SER N      N N N 304 
SER CA     C N S 305 
SER C      C N N 306 
SER O      O N N 307 
SER CB     C N N 308 
SER OG     O N N 309 
SER OXT    O N N 310 
SER H      H N N 311 
SER H2     H N N 312 
SER HA     H N N 313 
SER HB2    H N N 314 
SER HB3    H N N 315 
SER HG     H N N 316 
SER HXT    H N N 317 
THR N      N N N 318 
THR CA     C N S 319 
THR C      C N N 320 
THR O      O N N 321 
THR CB     C N R 322 
THR OG1    O N N 323 
THR CG2    C N N 324 
THR OXT    O N N 325 
THR H      H N N 326 
THR H2     H N N 327 
THR HA     H N N 328 
THR HB     H N N 329 
THR HG1    H N N 330 
THR HG21   H N N 331 
THR HG22   H N N 332 
THR HG23   H N N 333 
THR HXT    H N N 334 
TYR N      N N N 335 
TYR CA     C N S 336 
TYR C      C N N 337 
TYR O      O N N 338 
TYR CB     C N N 339 
TYR CG     C Y N 340 
TYR CD1    C Y N 341 
TYR CD2    C Y N 342 
TYR CE1    C Y N 343 
TYR CE2    C Y N 344 
TYR CZ     C Y N 345 
TYR OH     O N N 346 
TYR OXT    O N N 347 
TYR H      H N N 348 
TYR H2     H N N 349 
TYR HA     H N N 350 
TYR HB2    H N N 351 
TYR HB3    H N N 352 
TYR HD1    H N N 353 
TYR HD2    H N N 354 
TYR HE1    H N N 355 
TYR HE2    H N N 356 
TYR HH     H N N 357 
TYR HXT    H N N 358 
U   OP3    O N N 359 
U   P      P N N 360 
U   OP1    O N N 361 
U   OP2    O N N 362 
U   "O5'"  O N N 363 
U   "C5'"  C N N 364 
U   "C4'"  C N R 365 
U   "O4'"  O N N 366 
U   "C3'"  C N S 367 
U   "O3'"  O N N 368 
U   "C2'"  C N R 369 
U   "O2'"  O N N 370 
U   "C1'"  C N R 371 
U   N1     N N N 372 
U   C2     C N N 373 
U   O2     O N N 374 
U   N3     N N N 375 
U   C4     C N N 376 
U   O4     O N N 377 
U   C5     C N N 378 
U   C6     C N N 379 
U   HOP3   H N N 380 
U   HOP2   H N N 381 
U   "H5'"  H N N 382 
U   "H5''" H N N 383 
U   "H4'"  H N N 384 
U   "H3'"  H N N 385 
U   "HO3'" H N N 386 
U   "H2'"  H N N 387 
U   "HO2'" H N N 388 
U   "H1'"  H N N 389 
U   H3     H N N 390 
U   H5     H N N 391 
U   H6     H N N 392 
VAL N      N N N 393 
VAL CA     C N S 394 
VAL C      C N N 395 
VAL O      O N N 396 
VAL CB     C N N 397 
VAL CG1    C N N 398 
VAL CG2    C N N 399 
VAL OXT    O N N 400 
VAL H      H N N 401 
VAL H2     H N N 402 
VAL HA     H N N 403 
VAL HB     H N N 404 
VAL HG11   H N N 405 
VAL HG12   H N N 406 
VAL HG13   H N N 407 
VAL HG21   H N N 408 
VAL HG22   H N N 409 
VAL HG23   H N N 410 
VAL HXT    H N N 411 
# 
loop_
_chem_comp_bond.comp_id 
_chem_comp_bond.atom_id_1 
_chem_comp_bond.atom_id_2 
_chem_comp_bond.value_order 
_chem_comp_bond.pdbx_aromatic_flag 
_chem_comp_bond.pdbx_stereo_config 
_chem_comp_bond.pdbx_ordinal 
ALA N     CA     sing N N 1   
ALA N     H      sing N N 2   
ALA N     H2     sing N N 3   
ALA CA    C      sing N N 4   
ALA CA    CB     sing N N 5   
ALA CA    HA     sing N N 6   
ALA C     O      doub N N 7   
ALA C     OXT    sing N N 8   
ALA CB    HB1    sing N N 9   
ALA CB    HB2    sing N N 10  
ALA CB    HB3    sing N N 11  
ALA OXT   HXT    sing N N 12  
ARG N     CA     sing N N 13  
ARG N     H      sing N N 14  
ARG N     H2     sing N N 15  
ARG CA    C      sing N N 16  
ARG CA    CB     sing N N 17  
ARG CA    HA     sing N N 18  
ARG C     O      doub N N 19  
ARG C     OXT    sing N N 20  
ARG CB    CG     sing N N 21  
ARG CB    HB2    sing N N 22  
ARG CB    HB3    sing N N 23  
ARG CG    CD     sing N N 24  
ARG CG    HG2    sing N N 25  
ARG CG    HG3    sing N N 26  
ARG CD    NE     sing N N 27  
ARG CD    HD2    sing N N 28  
ARG CD    HD3    sing N N 29  
ARG NE    CZ     sing N N 30  
ARG NE    HE     sing N N 31  
ARG CZ    NH1    sing N N 32  
ARG CZ    NH2    doub N N 33  
ARG NH1   HH11   sing N N 34  
ARG NH1   HH12   sing N N 35  
ARG NH2   HH21   sing N N 36  
ARG NH2   HH22   sing N N 37  
ARG OXT   HXT    sing N N 38  
ASN N     CA     sing N N 39  
ASN N     H      sing N N 40  
ASN N     H2     sing N N 41  
ASN CA    C      sing N N 42  
ASN CA    CB     sing N N 43  
ASN CA    HA     sing N N 44  
ASN C     O      doub N N 45  
ASN C     OXT    sing N N 46  
ASN CB    CG     sing N N 47  
ASN CB    HB2    sing N N 48  
ASN CB    HB3    sing N N 49  
ASN CG    OD1    doub N N 50  
ASN CG    ND2    sing N N 51  
ASN ND2   HD21   sing N N 52  
ASN ND2   HD22   sing N N 53  
ASN OXT   HXT    sing N N 54  
ASP N     CA     sing N N 55  
ASP N     H      sing N N 56  
ASP N     H2     sing N N 57  
ASP CA    C      sing N N 58  
ASP CA    CB     sing N N 59  
ASP CA    HA     sing N N 60  
ASP C     O      doub N N 61  
ASP C     OXT    sing N N 62  
ASP CB    CG     sing N N 63  
ASP CB    HB2    sing N N 64  
ASP CB    HB3    sing N N 65  
ASP CG    OD1    doub N N 66  
ASP CG    OD2    sing N N 67  
ASP OD2   HD2    sing N N 68  
ASP OXT   HXT    sing N N 69  
CYS N     CA     sing N N 70  
CYS N     H      sing N N 71  
CYS N     H2     sing N N 72  
CYS CA    C      sing N N 73  
CYS CA    CB     sing N N 74  
CYS CA    HA     sing N N 75  
CYS C     O      doub N N 76  
CYS C     OXT    sing N N 77  
CYS CB    SG     sing N N 78  
CYS CB    HB2    sing N N 79  
CYS CB    HB3    sing N N 80  
CYS SG    HG     sing N N 81  
CYS OXT   HXT    sing N N 82  
DIO C1    "C1'"  sing N N 83  
DIO C1    O1     sing N N 84  
DIO C1    H11    sing N N 85  
DIO C1    H12    sing N N 86  
DIO C2    "C2'"  sing N N 87  
DIO C2    O1     sing N N 88  
DIO C2    H21    sing N N 89  
DIO C2    H22    sing N N 90  
DIO "C1'" "O1'"  sing N N 91  
DIO "C1'" "H1'1" sing N N 92  
DIO "C1'" "H1'2" sing N N 93  
DIO "C2'" "O1'"  sing N N 94  
DIO "C2'" "H2'1" sing N N 95  
DIO "C2'" "H2'2" sing N N 96  
GLN N     CA     sing N N 97  
GLN N     H      sing N N 98  
GLN N     H2     sing N N 99  
GLN CA    C      sing N N 100 
GLN CA    CB     sing N N 101 
GLN CA    HA     sing N N 102 
GLN C     O      doub N N 103 
GLN C     OXT    sing N N 104 
GLN CB    CG     sing N N 105 
GLN CB    HB2    sing N N 106 
GLN CB    HB3    sing N N 107 
GLN CG    CD     sing N N 108 
GLN CG    HG2    sing N N 109 
GLN CG    HG3    sing N N 110 
GLN CD    OE1    doub N N 111 
GLN CD    NE2    sing N N 112 
GLN NE2   HE21   sing N N 113 
GLN NE2   HE22   sing N N 114 
GLN OXT   HXT    sing N N 115 
GLU N     CA     sing N N 116 
GLU N     H      sing N N 117 
GLU N     H2     sing N N 118 
GLU CA    C      sing N N 119 
GLU CA    CB     sing N N 120 
GLU CA    HA     sing N N 121 
GLU C     O      doub N N 122 
GLU C     OXT    sing N N 123 
GLU CB    CG     sing N N 124 
GLU CB    HB2    sing N N 125 
GLU CB    HB3    sing N N 126 
GLU CG    CD     sing N N 127 
GLU CG    HG2    sing N N 128 
GLU CG    HG3    sing N N 129 
GLU CD    OE1    doub N N 130 
GLU CD    OE2    sing N N 131 
GLU OE2   HE2    sing N N 132 
GLU OXT   HXT    sing N N 133 
GLY N     CA     sing N N 134 
GLY N     H      sing N N 135 
GLY N     H2     sing N N 136 
GLY CA    C      sing N N 137 
GLY CA    HA2    sing N N 138 
GLY CA    HA3    sing N N 139 
GLY C     O      doub N N 140 
GLY C     OXT    sing N N 141 
GLY OXT   HXT    sing N N 142 
HIS N     CA     sing N N 143 
HIS N     H      sing N N 144 
HIS N     H2     sing N N 145 
HIS CA    C      sing N N 146 
HIS CA    CB     sing N N 147 
HIS CA    HA     sing N N 148 
HIS C     O      doub N N 149 
HIS C     OXT    sing N N 150 
HIS CB    CG     sing N N 151 
HIS CB    HB2    sing N N 152 
HIS CB    HB3    sing N N 153 
HIS CG    ND1    sing Y N 154 
HIS CG    CD2    doub Y N 155 
HIS ND1   CE1    doub Y N 156 
HIS ND1   HD1    sing N N 157 
HIS CD2   NE2    sing Y N 158 
HIS CD2   HD2    sing N N 159 
HIS CE1   NE2    sing Y N 160 
HIS CE1   HE1    sing N N 161 
HIS NE2   HE2    sing N N 162 
HIS OXT   HXT    sing N N 163 
HOH O     H1     sing N N 164 
HOH O     H2     sing N N 165 
ILE N     CA     sing N N 166 
ILE N     H      sing N N 167 
ILE N     H2     sing N N 168 
ILE CA    C      sing N N 169 
ILE CA    CB     sing N N 170 
ILE CA    HA     sing N N 171 
ILE C     O      doub N N 172 
ILE C     OXT    sing N N 173 
ILE CB    CG1    sing N N 174 
ILE CB    CG2    sing N N 175 
ILE CB    HB     sing N N 176 
ILE CG1   CD1    sing N N 177 
ILE CG1   HG12   sing N N 178 
ILE CG1   HG13   sing N N 179 
ILE CG2   HG21   sing N N 180 
ILE CG2   HG22   sing N N 181 
ILE CG2   HG23   sing N N 182 
ILE CD1   HD11   sing N N 183 
ILE CD1   HD12   sing N N 184 
ILE CD1   HD13   sing N N 185 
ILE OXT   HXT    sing N N 186 
LEU N     CA     sing N N 187 
LEU N     H      sing N N 188 
LEU N     H2     sing N N 189 
LEU CA    C      sing N N 190 
LEU CA    CB     sing N N 191 
LEU CA    HA     sing N N 192 
LEU C     O      doub N N 193 
LEU C     OXT    sing N N 194 
LEU CB    CG     sing N N 195 
LEU CB    HB2    sing N N 196 
LEU CB    HB3    sing N N 197 
LEU CG    CD1    sing N N 198 
LEU CG    CD2    sing N N 199 
LEU CG    HG     sing N N 200 
LEU CD1   HD11   sing N N 201 
LEU CD1   HD12   sing N N 202 
LEU CD1   HD13   sing N N 203 
LEU CD2   HD21   sing N N 204 
LEU CD2   HD22   sing N N 205 
LEU CD2   HD23   sing N N 206 
LEU OXT   HXT    sing N N 207 
LYS N     CA     sing N N 208 
LYS N     H      sing N N 209 
LYS N     H2     sing N N 210 
LYS CA    C      sing N N 211 
LYS CA    CB     sing N N 212 
LYS CA    HA     sing N N 213 
LYS C     O      doub N N 214 
LYS C     OXT    sing N N 215 
LYS CB    CG     sing N N 216 
LYS CB    HB2    sing N N 217 
LYS CB    HB3    sing N N 218 
LYS CG    CD     sing N N 219 
LYS CG    HG2    sing N N 220 
LYS CG    HG3    sing N N 221 
LYS CD    CE     sing N N 222 
LYS CD    HD2    sing N N 223 
LYS CD    HD3    sing N N 224 
LYS CE    NZ     sing N N 225 
LYS CE    HE2    sing N N 226 
LYS CE    HE3    sing N N 227 
LYS NZ    HZ1    sing N N 228 
LYS NZ    HZ2    sing N N 229 
LYS NZ    HZ3    sing N N 230 
LYS OXT   HXT    sing N N 231 
MET N     CA     sing N N 232 
MET N     H      sing N N 233 
MET N     H2     sing N N 234 
MET CA    C      sing N N 235 
MET CA    CB     sing N N 236 
MET CA    HA     sing N N 237 
MET C     O      doub N N 238 
MET C     OXT    sing N N 239 
MET CB    CG     sing N N 240 
MET CB    HB2    sing N N 241 
MET CB    HB3    sing N N 242 
MET CG    SD     sing N N 243 
MET CG    HG2    sing N N 244 
MET CG    HG3    sing N N 245 
MET SD    CE     sing N N 246 
MET CE    HE1    sing N N 247 
MET CE    HE2    sing N N 248 
MET CE    HE3    sing N N 249 
MET OXT   HXT    sing N N 250 
PHE N     CA     sing N N 251 
PHE N     H      sing N N 252 
PHE N     H2     sing N N 253 
PHE CA    C      sing N N 254 
PHE CA    CB     sing N N 255 
PHE CA    HA     sing N N 256 
PHE C     O      doub N N 257 
PHE C     OXT    sing N N 258 
PHE CB    CG     sing N N 259 
PHE CB    HB2    sing N N 260 
PHE CB    HB3    sing N N 261 
PHE CG    CD1    doub Y N 262 
PHE CG    CD2    sing Y N 263 
PHE CD1   CE1    sing Y N 264 
PHE CD1   HD1    sing N N 265 
PHE CD2   CE2    doub Y N 266 
PHE CD2   HD2    sing N N 267 
PHE CE1   CZ     doub Y N 268 
PHE CE1   HE1    sing N N 269 
PHE CE2   CZ     sing Y N 270 
PHE CE2   HE2    sing N N 271 
PHE CZ    HZ     sing N N 272 
PHE OXT   HXT    sing N N 273 
PRO N     CA     sing N N 274 
PRO N     CD     sing N N 275 
PRO N     H      sing N N 276 
PRO CA    C      sing N N 277 
PRO CA    CB     sing N N 278 
PRO CA    HA     sing N N 279 
PRO C     O      doub N N 280 
PRO C     OXT    sing N N 281 
PRO CB    CG     sing N N 282 
PRO CB    HB2    sing N N 283 
PRO CB    HB3    sing N N 284 
PRO CG    CD     sing N N 285 
PRO CG    HG2    sing N N 286 
PRO CG    HG3    sing N N 287 
PRO CD    HD2    sing N N 288 
PRO CD    HD3    sing N N 289 
PRO OXT   HXT    sing N N 290 
SER N     CA     sing N N 291 
SER N     H      sing N N 292 
SER N     H2     sing N N 293 
SER CA    C      sing N N 294 
SER CA    CB     sing N N 295 
SER CA    HA     sing N N 296 
SER C     O      doub N N 297 
SER C     OXT    sing N N 298 
SER CB    OG     sing N N 299 
SER CB    HB2    sing N N 300 
SER CB    HB3    sing N N 301 
SER OG    HG     sing N N 302 
SER OXT   HXT    sing N N 303 
THR N     CA     sing N N 304 
THR N     H      sing N N 305 
THR N     H2     sing N N 306 
THR CA    C      sing N N 307 
THR CA    CB     sing N N 308 
THR CA    HA     sing N N 309 
THR C     O      doub N N 310 
THR C     OXT    sing N N 311 
THR CB    OG1    sing N N 312 
THR CB    CG2    sing N N 313 
THR CB    HB     sing N N 314 
THR OG1   HG1    sing N N 315 
THR CG2   HG21   sing N N 316 
THR CG2   HG22   sing N N 317 
THR CG2   HG23   sing N N 318 
THR OXT   HXT    sing N N 319 
TYR N     CA     sing N N 320 
TYR N     H      sing N N 321 
TYR N     H2     sing N N 322 
TYR CA    C      sing N N 323 
TYR CA    CB     sing N N 324 
TYR CA    HA     sing N N 325 
TYR C     O      doub N N 326 
TYR C     OXT    sing N N 327 
TYR CB    CG     sing N N 328 
TYR CB    HB2    sing N N 329 
TYR CB    HB3    sing N N 330 
TYR CG    CD1    doub Y N 331 
TYR CG    CD2    sing Y N 332 
TYR CD1   CE1    sing Y N 333 
TYR CD1   HD1    sing N N 334 
TYR CD2   CE2    doub Y N 335 
TYR CD2   HD2    sing N N 336 
TYR CE1   CZ     doub Y N 337 
TYR CE1   HE1    sing N N 338 
TYR CE2   CZ     sing Y N 339 
TYR CE2   HE2    sing N N 340 
TYR CZ    OH     sing N N 341 
TYR OH    HH     sing N N 342 
TYR OXT   HXT    sing N N 343 
U   OP3   P      sing N N 344 
U   OP3   HOP3   sing N N 345 
U   P     OP1    doub N N 346 
U   P     OP2    sing N N 347 
U   P     "O5'"  sing N N 348 
U   OP2   HOP2   sing N N 349 
U   "O5'" "C5'"  sing N N 350 
U   "C5'" "C4'"  sing N N 351 
U   "C5'" "H5'"  sing N N 352 
U   "C5'" "H5''" sing N N 353 
U   "C4'" "O4'"  sing N N 354 
U   "C4'" "C3'"  sing N N 355 
U   "C4'" "H4'"  sing N N 356 
U   "O4'" "C1'"  sing N N 357 
U   "C3'" "O3'"  sing N N 358 
U   "C3'" "C2'"  sing N N 359 
U   "C3'" "H3'"  sing N N 360 
U   "O3'" "HO3'" sing N N 361 
U   "C2'" "O2'"  sing N N 362 
U   "C2'" "C1'"  sing N N 363 
U   "C2'" "H2'"  sing N N 364 
U   "O2'" "HO2'" sing N N 365 
U   "C1'" N1     sing N N 366 
U   "C1'" "H1'"  sing N N 367 
U   N1    C2     sing N N 368 
U   N1    C6     sing N N 369 
U   C2    O2     doub N N 370 
U   C2    N3     sing N N 371 
U   N3    C4     sing N N 372 
U   N3    H3     sing N N 373 
U   C4    O4     doub N N 374 
U   C4    C5     sing N N 375 
U   C5    C6     doub N N 376 
U   C5    H5     sing N N 377 
U   C6    H6     sing N N 378 
VAL N     CA     sing N N 379 
VAL N     H      sing N N 380 
VAL N     H2     sing N N 381 
VAL CA    C      sing N N 382 
VAL CA    CB     sing N N 383 
VAL CA    HA     sing N N 384 
VAL C     O      doub N N 385 
VAL C     OXT    sing N N 386 
VAL CB    CG1    sing N N 387 
VAL CB    CG2    sing N N 388 
VAL CB    HB     sing N N 389 
VAL CG1   HG11   sing N N 390 
VAL CG1   HG12   sing N N 391 
VAL CG1   HG13   sing N N 392 
VAL CG2   HG21   sing N N 393 
VAL CG2   HG22   sing N N 394 
VAL CG2   HG23   sing N N 395 
VAL OXT   HXT    sing N N 396 
# 
loop_
_pdbx_entity_nonpoly.entity_id 
_pdbx_entity_nonpoly.name 
_pdbx_entity_nonpoly.comp_id 
3 '1,4-DIETHYLENE DIOXIDE' DIO 
4 water                    HOH 
# 
_pdbx_initial_refinement_model.id               1 
_pdbx_initial_refinement_model.entity_id_list   ? 
_pdbx_initial_refinement_model.type             'experimental model' 
_pdbx_initial_refinement_model.source_name      PDB 
_pdbx_initial_refinement_model.accession_code   2FZR 
_pdbx_initial_refinement_model.details          'PDB Entry: 2FZR' 
# 
